data_5K8X
#
_entry.id   5K8X
#
_cell.length_a   74.831
_cell.length_b   98.486
_cell.length_c   205.530
_cell.angle_alpha   90.00
_cell.angle_beta   90.00
_cell.angle_gamma   90.00
#
_symmetry.space_group_name_H-M   'P 21 21 2'
#
loop_
_entity.id
_entity.type
_entity.pdbx_description
1 polymer 'Histone-arginine methyltransferase CARM1'
2 non-polymer [[[(~{E})-3-[(2~{R},3~{S},4~{R},5~{R})-5-(6-aminopurin-9-yl)-3,4-bis(oxidanyl)oxolan-2-yl]prop-2-enyl]amino]-azanyl-methylidene]azanium
3 non-polymer 1,2-ETHANEDIOL
4 non-polymer DI(HYDROXYETHYL)ETHER
5 non-polymer 'TETRAETHYLENE GLYCOL'
6 non-polymer 3,6,9,12,15,18,21-HEPTAOXATRICOSANE-1,23-DIOL
7 non-polymer 1,2-DIMETHOXYETHANE
8 non-polymer 1-METHOXY-2-(2-METHOXYETHOXY)ETHANE
9 water water
#
_entity_poly.entity_id   1
_entity_poly.type   'polypeptide(L)'
_entity_poly.pdbx_seq_one_letter_code
;GHMGHTLERSVFSERTEESSAVQYFQFYGYLSQQQNMMQDYVRTGTYQRAILQNHTDFKDKIVLDVGCGSGILSFFAAQA
GARKIYAVEASTMAQHAEVLVKSNNLTDRIVVIPGKVEEVSLPEQVDIIISEPMGYMLFNERMLESYLHAKKYLKPSGNM
FPTIGDVHLAPFTDEQLYMEQFTKANFWYQPSFHGVDLSALRGAAVDEYFRQPVVDTFDIRILMAKSVKYTVNFLEAKEG
DLHRIEIPFKFHMLHSGLVHGLAFWFDVAFIGSIMTVWLSTAPTEPLTHWYQVRCLFQSPLFAKAGDTLSGTCLLIANKR
QSYDISIVAQVDQTGSKSSNLLDLKNPFFRYTGTTPSPPPG
;
_entity_poly.pdbx_strand_id   A,B,C,D
#
loop_
_chem_comp.id
_chem_comp.type
_chem_comp.name
_chem_comp.formula
6ZH non-polymer [[[(~{E})-3-[(2~{R},3~{S},4~{R},5~{R})-5-(6-aminopurin-9-yl)-3,4-bis(oxidanyl)oxolan-2-yl]prop-2-enyl]amino]-azanyl-methylidene]azanium 'C13 H19 N8 O3 1'
DXE non-polymer 1,2-DIMETHOXYETHANE 'C4 H10 O2'
EDO non-polymer 1,2-ETHANEDIOL 'C2 H6 O2'
M2M non-polymer 1-METHOXY-2-(2-METHOXYETHOXY)ETHANE 'C6 H14 O3'
PE8 non-polymer 3,6,9,12,15,18,21-HEPTAOXATRICOSANE-1,23-DIOL 'C16 H34 O9'
PEG non-polymer DI(HYDROXYETHYL)ETHER 'C4 H10 O3'
PG4 non-polymer 'TETRAETHYLENE GLYCOL' 'C8 H18 O5'
#
# COMPACT_ATOMS: atom_id res chain seq x y z
N SER A 10 -19.20 21.18 -36.63
CA SER A 10 -18.26 22.12 -36.04
C SER A 10 -16.88 22.12 -36.71
N VAL A 11 -16.06 23.09 -36.32
CA VAL A 11 -14.69 23.15 -36.83
C VAL A 11 -13.93 21.90 -36.42
N PHE A 12 -14.17 21.38 -35.22
CA PHE A 12 -13.50 20.16 -34.77
C PHE A 12 -13.91 18.95 -35.62
N SER A 13 -15.20 18.68 -35.69
CA SER A 13 -15.65 17.48 -36.40
C SER A 13 -15.31 17.55 -37.88
N GLU A 14 -15.17 18.74 -38.42
CA GLU A 14 -14.84 18.89 -39.84
C GLU A 14 -13.39 18.52 -40.15
N ARG A 15 -12.49 18.60 -39.18
CA ARG A 15 -11.07 18.32 -39.43
C ARG A 15 -10.59 17.01 -38.82
N THR A 16 -11.50 16.29 -38.17
CA THR A 16 -11.15 15.09 -37.42
C THR A 16 -12.06 13.92 -37.79
N GLU A 17 -11.49 12.78 -38.14
CA GLU A 17 -12.25 11.55 -38.33
C GLU A 17 -12.85 11.09 -37.00
N GLU A 18 -14.11 10.67 -37.04
CA GLU A 18 -14.80 10.22 -35.84
C GLU A 18 -14.00 9.15 -35.11
N SER A 19 -13.52 8.16 -35.85
CA SER A 19 -12.80 7.04 -35.24
C SER A 19 -11.60 7.51 -34.42
N SER A 20 -10.89 8.50 -34.95
CA SER A 20 -9.73 9.05 -34.28
C SER A 20 -10.17 9.78 -33.01
N ALA A 21 -11.20 10.59 -33.13
CA ALA A 21 -11.70 11.40 -32.00
C ALA A 21 -12.19 10.53 -30.86
N VAL A 22 -12.89 9.44 -31.16
CA VAL A 22 -13.42 8.58 -30.11
C VAL A 22 -12.28 8.01 -29.27
N GLN A 23 -11.25 7.49 -29.92
CA GLN A 23 -10.09 6.92 -29.22
C GLN A 23 -9.33 8.00 -28.47
N TYR A 24 -9.14 9.15 -29.10
CA TYR A 24 -8.42 10.22 -28.44
C TYR A 24 -9.05 10.61 -27.09
N PHE A 25 -10.36 10.87 -27.09
CA PHE A 25 -11.00 11.33 -25.87
C PHE A 25 -11.24 10.21 -24.87
N GLN A 26 -11.32 8.98 -25.35
CA GLN A 26 -11.33 7.84 -24.43
C GLN A 26 -10.01 7.79 -23.65
N PHE A 27 -8.91 7.97 -24.36
CA PHE A 27 -7.59 7.95 -23.77
C PHE A 27 -7.47 8.97 -22.64
N TYR A 28 -7.94 10.18 -22.91
CA TYR A 28 -7.83 11.25 -21.91
C TYR A 28 -8.92 11.14 -20.84
N GLY A 29 -9.72 10.09 -20.90
CA GLY A 29 -10.69 9.86 -19.85
C GLY A 29 -10.09 9.12 -18.64
N TYR A 30 -8.88 8.59 -18.78
CA TYR A 30 -8.25 7.81 -17.70
C TYR A 30 -7.56 8.68 -16.66
N LEU A 31 -7.87 8.43 -15.39
CA LEU A 31 -7.16 9.13 -14.32
C LEU A 31 -5.67 8.80 -14.33
N SER A 32 -5.30 7.61 -14.82
CA SER A 32 -3.89 7.24 -14.88
C SER A 32 -3.11 8.20 -15.79
N GLN A 33 -3.75 8.62 -16.88
CA GLN A 33 -3.10 9.56 -17.80
C GLN A 33 -2.96 10.94 -17.16
N GLN A 34 -3.99 11.38 -16.44
CA GLN A 34 -3.91 12.63 -15.65
C GLN A 34 -2.75 12.54 -14.67
N GLN A 35 -2.66 11.41 -13.99
CA GLN A 35 -1.62 11.24 -12.98
C GLN A 35 -0.26 11.35 -13.66
N ASN A 36 -0.14 10.76 -14.84
CA ASN A 36 1.12 10.75 -15.58
C ASN A 36 1.58 12.17 -15.90
N MET A 37 0.64 13.02 -16.33
CA MET A 37 0.99 14.39 -16.67
C MET A 37 1.30 15.21 -15.42
N MET A 38 0.56 14.96 -14.35
CA MET A 38 0.70 15.73 -13.12
C MET A 38 2.02 15.41 -12.42
N GLN A 39 2.51 14.19 -12.60
CA GLN A 39 3.73 13.74 -11.96
C GLN A 39 4.97 14.17 -12.70
N ASP A 40 4.81 14.74 -13.89
CA ASP A 40 5.90 15.41 -14.57
C ASP A 40 6.06 16.74 -13.83
N TYR A 41 7.01 16.78 -12.91
CA TYR A 41 7.17 17.96 -12.07
C TYR A 41 7.60 19.20 -12.83
N VAL A 42 8.44 19.03 -13.86
CA VAL A 42 8.87 20.15 -14.69
C VAL A 42 7.63 20.80 -15.30
N ARG A 43 6.78 19.97 -15.88
CA ARG A 43 5.56 20.45 -16.53
C ARG A 43 4.66 21.15 -15.49
N THR A 44 4.22 20.42 -14.47
CA THR A 44 3.25 20.94 -13.53
C THR A 44 3.79 22.16 -12.78
N GLY A 45 5.05 22.05 -12.35
CA GLY A 45 5.71 23.11 -11.61
C GLY A 45 5.93 24.38 -12.41
N THR A 46 6.27 24.26 -13.69
CA THR A 46 6.53 25.44 -14.50
C THR A 46 5.22 26.18 -14.79
N TYR A 47 4.15 25.45 -15.06
CA TYR A 47 2.86 26.10 -15.24
C TYR A 47 2.46 26.86 -13.98
N GLN A 48 2.61 26.23 -12.83
CA GLN A 48 2.23 26.89 -11.59
C GLN A 48 3.08 28.15 -11.41
N ARG A 49 4.38 28.04 -11.64
CA ARG A 49 5.28 29.20 -11.55
C ARG A 49 4.89 30.34 -12.50
N ALA A 50 4.55 29.98 -13.74
CA ALA A 50 4.25 30.98 -14.75
C ALA A 50 3.03 31.77 -14.31
N ILE A 51 2.04 31.05 -13.79
CA ILE A 51 0.77 31.64 -13.44
C ILE A 51 0.92 32.46 -12.15
N LEU A 52 1.47 31.86 -11.12
CA LEU A 52 1.57 32.53 -9.81
C LEU A 52 2.52 33.72 -9.79
N GLN A 53 3.64 33.61 -10.48
CA GLN A 53 4.61 34.72 -10.53
C GLN A 53 4.14 35.84 -11.46
N ASN A 54 3.10 35.59 -12.23
CA ASN A 54 2.43 36.63 -13.02
C ASN A 54 1.01 36.84 -12.51
N HIS A 55 0.86 36.94 -11.20
CA HIS A 55 -0.47 37.05 -10.57
C HIS A 55 -1.28 38.24 -11.08
N THR A 56 -0.59 39.27 -11.57
CA THR A 56 -1.27 40.47 -12.08
C THR A 56 -1.98 40.20 -13.42
N ASP A 57 -1.61 39.13 -14.12
CA ASP A 57 -2.31 38.73 -15.33
C ASP A 57 -3.54 37.90 -15.00
N PHE A 58 -3.72 37.59 -13.72
CA PHE A 58 -4.82 36.73 -13.28
C PHE A 58 -5.73 37.34 -12.22
N LYS A 59 -5.15 38.17 -11.36
CA LYS A 59 -5.89 38.69 -10.21
C LYS A 59 -7.13 39.43 -10.68
N ASP A 60 -8.31 38.93 -10.31
CA ASP A 60 -9.61 39.54 -10.62
C ASP A 60 -9.97 39.51 -12.10
N LYS A 61 -9.37 38.58 -12.83
CA LYS A 61 -9.58 38.45 -14.27
C LYS A 61 -10.50 37.28 -14.61
N ILE A 62 -11.02 37.29 -15.85
CA ILE A 62 -11.81 36.21 -16.40
C ILE A 62 -10.89 35.33 -17.23
N VAL A 63 -10.98 34.02 -17.02
CA VAL A 63 -10.03 33.07 -17.56
C VAL A 63 -10.74 31.94 -18.27
N LEU A 64 -10.14 31.46 -19.35
CA LEU A 64 -10.61 30.26 -20.03
C LEU A 64 -9.50 29.22 -20.01
N ASP A 65 -9.79 28.02 -19.51
CA ASP A 65 -8.82 26.91 -19.50
C ASP A 65 -9.20 25.84 -20.53
N VAL A 66 -8.46 25.75 -21.62
CA VAL A 66 -8.84 24.90 -22.75
C VAL A 66 -8.29 23.47 -22.66
N GLY A 67 -9.17 22.50 -22.48
CA GLY A 67 -8.77 21.12 -22.26
C GLY A 67 -8.21 20.95 -20.86
N CYS A 68 -9.00 21.32 -19.87
CA CYS A 68 -8.55 21.43 -18.49
C CYS A 68 -8.24 20.08 -17.82
N GLY A 69 -8.70 18.98 -18.43
CA GLY A 69 -8.51 17.67 -17.84
C GLY A 69 -9.11 17.63 -16.44
N SER A 70 -8.27 17.31 -15.46
CA SER A 70 -8.71 17.19 -14.08
C SER A 70 -8.91 18.57 -13.45
N GLY A 71 -8.41 19.60 -14.13
CA GLY A 71 -8.66 20.97 -13.74
C GLY A 71 -7.51 21.71 -13.09
N ILE A 72 -6.36 21.06 -13.04
CA ILE A 72 -5.22 21.56 -12.28
C ILE A 72 -4.90 23.01 -12.65
N LEU A 73 -4.84 23.34 -13.95
CA LEU A 73 -4.49 24.71 -14.35
C LEU A 73 -5.53 25.74 -13.91
N SER A 74 -6.79 25.31 -13.89
CA SER A 74 -7.84 26.16 -13.37
C SER A 74 -7.60 26.44 -11.89
N PHE A 75 -7.13 25.45 -11.14
CA PHE A 75 -6.88 25.70 -9.72
C PHE A 75 -5.70 26.65 -9.55
N PHE A 76 -4.69 26.55 -10.41
CA PHE A 76 -3.59 27.50 -10.32
C PHE A 76 -4.07 28.93 -10.61
N ALA A 77 -4.96 29.09 -11.59
CA ALA A 77 -5.50 30.40 -11.92
C ALA A 77 -6.27 30.96 -10.74
N ALA A 78 -6.98 30.07 -10.05
CA ALA A 78 -7.72 30.46 -8.84
C ALA A 78 -6.74 30.85 -7.72
N GLN A 79 -5.67 30.09 -7.54
CA GLN A 79 -4.65 30.44 -6.57
C GLN A 79 -4.09 31.83 -6.86
N ALA A 80 -3.98 32.19 -8.14
CA ALA A 80 -3.48 33.51 -8.53
C ALA A 80 -4.53 34.59 -8.41
N GLY A 81 -5.73 34.23 -7.98
CA GLY A 81 -6.77 35.23 -7.70
C GLY A 81 -7.73 35.56 -8.83
N ALA A 82 -7.89 34.66 -9.80
CA ALA A 82 -8.85 34.88 -10.87
C ALA A 82 -10.26 35.02 -10.32
N ARG A 83 -11.03 35.89 -10.94
CA ARG A 83 -12.43 36.10 -10.52
C ARG A 83 -13.29 34.94 -11.00
N LYS A 84 -13.01 34.45 -12.21
CA LYS A 84 -13.86 33.45 -12.84
C LYS A 84 -13.08 32.67 -13.88
N ILE A 85 -13.18 31.34 -13.81
CA ILE A 85 -12.48 30.46 -14.72
C ILE A 85 -13.49 29.52 -15.38
N TYR A 86 -13.54 29.59 -16.71
CA TYR A 86 -14.29 28.63 -17.50
C TYR A 86 -13.31 27.55 -17.93
N ALA A 87 -13.56 26.33 -17.46
CA ALA A 87 -12.71 25.18 -17.75
C ALA A 87 -13.45 24.23 -18.70
N VAL A 88 -12.91 24.07 -19.90
CA VAL A 88 -13.57 23.33 -20.96
C VAL A 88 -12.84 22.01 -21.18
N GLU A 89 -13.59 20.91 -21.22
CA GLU A 89 -12.97 19.59 -21.40
C GLU A 89 -13.96 18.66 -22.05
N ALA A 90 -13.50 18.01 -23.13
CA ALA A 90 -14.37 17.19 -23.97
C ALA A 90 -14.45 15.73 -23.52
N SER A 91 -13.43 15.24 -22.82
CA SER A 91 -13.45 13.85 -22.36
C SER A 91 -14.34 13.68 -21.13
N THR A 92 -14.52 12.45 -20.67
CA THR A 92 -15.32 12.22 -19.45
C THR A 92 -14.59 12.71 -18.21
N MET A 93 -13.30 13.03 -18.36
CA MET A 93 -12.55 13.63 -17.26
C MET A 93 -13.21 14.91 -16.72
N ALA A 94 -14.10 15.53 -17.50
CA ALA A 94 -14.80 16.73 -17.05
C ALA A 94 -15.65 16.45 -15.82
N GLN A 95 -16.17 15.24 -15.73
CA GLN A 95 -16.97 14.86 -14.58
C GLN A 95 -16.10 14.83 -13.33
N HIS A 96 -14.85 14.43 -13.48
CA HIS A 96 -13.93 14.38 -12.34
C HIS A 96 -13.47 15.77 -11.94
N ALA A 97 -13.26 16.64 -12.92
CA ALA A 97 -12.92 18.02 -12.64
C ALA A 97 -13.99 18.67 -11.81
N GLU A 98 -15.24 18.44 -12.19
CA GLU A 98 -16.36 19.05 -11.49
C GLU A 98 -16.34 18.62 -10.02
N VAL A 99 -16.09 17.34 -9.78
CA VAL A 99 -15.94 16.80 -8.42
C VAL A 99 -14.86 17.53 -7.65
N LEU A 100 -13.73 17.76 -8.29
CA LEU A 100 -12.64 18.44 -7.61
C LEU A 100 -12.98 19.91 -7.29
N VAL A 101 -13.67 20.59 -8.19
CA VAL A 101 -14.02 22.00 -7.96
C VAL A 101 -14.91 22.05 -6.72
N LYS A 102 -15.84 21.11 -6.63
CA LYS A 102 -16.79 21.08 -5.52
C LYS A 102 -16.07 20.78 -4.22
N SER A 103 -15.26 19.73 -4.21
CA SER A 103 -14.57 19.31 -3.00
C SER A 103 -13.49 20.33 -2.60
N ASN A 104 -13.11 21.21 -3.51
CA ASN A 104 -12.15 22.24 -3.19
C ASN A 104 -12.81 23.59 -2.92
N ASN A 105 -14.15 23.61 -2.86
CA ASN A 105 -14.91 24.81 -2.51
C ASN A 105 -14.70 25.98 -3.47
N LEU A 106 -14.66 25.69 -4.77
CA LEU A 106 -14.41 26.74 -5.74
C LEU A 106 -15.54 26.86 -6.77
N THR A 107 -16.69 26.26 -6.47
CA THR A 107 -17.80 26.32 -7.42
C THR A 107 -18.22 27.75 -7.79
N ASP A 108 -17.88 28.70 -6.93
CA ASP A 108 -18.22 30.09 -7.17
C ASP A 108 -17.24 30.71 -8.18
N ARG A 109 -16.08 30.08 -8.38
CA ARG A 109 -15.07 30.70 -9.23
C ARG A 109 -14.69 29.88 -10.47
N ILE A 110 -14.90 28.58 -10.44
CA ILE A 110 -14.58 27.72 -11.56
C ILE A 110 -15.82 27.04 -12.09
N VAL A 111 -16.13 27.31 -13.35
CA VAL A 111 -17.25 26.67 -14.06
C VAL A 111 -16.72 25.63 -15.04
N VAL A 112 -16.99 24.35 -14.79
CA VAL A 112 -16.62 23.32 -15.74
C VAL A 112 -17.68 23.23 -16.84
N ILE A 113 -17.21 23.29 -18.07
CA ILE A 113 -18.08 23.22 -19.25
C ILE A 113 -17.68 21.99 -20.06
N PRO A 114 -18.49 20.92 -19.97
CA PRO A 114 -18.15 19.71 -20.73
C PRO A 114 -18.43 19.87 -22.21
N GLY A 115 -17.46 19.50 -23.05
CA GLY A 115 -17.61 19.60 -24.48
C GLY A 115 -16.34 20.06 -25.18
N LYS A 116 -16.39 20.04 -26.50
CA LYS A 116 -15.27 20.52 -27.31
C LYS A 116 -15.31 22.02 -27.36
N VAL A 117 -14.15 22.65 -27.30
CA VAL A 117 -14.10 24.10 -27.23
C VAL A 117 -14.65 24.71 -28.51
N GLU A 118 -14.63 23.95 -29.61
CA GLU A 118 -15.18 24.41 -30.88
C GLU A 118 -16.70 24.39 -30.88
N GLU A 119 -17.31 23.77 -29.87
CA GLU A 119 -18.74 23.50 -29.87
C GLU A 119 -19.49 24.12 -28.66
N VAL A 120 -18.84 24.24 -27.51
CA VAL A 120 -19.51 24.81 -26.35
C VAL A 120 -19.81 26.28 -26.58
N SER A 121 -20.62 26.85 -25.70
CA SER A 121 -20.82 28.29 -25.68
C SER A 121 -20.32 28.84 -24.34
N LEU A 122 -19.61 29.95 -24.38
CA LEU A 122 -19.18 30.63 -23.17
C LEU A 122 -20.11 31.81 -22.96
N PRO A 123 -20.45 32.13 -21.70
CA PRO A 123 -21.39 33.23 -21.42
C PRO A 123 -20.81 34.64 -21.57
N GLU A 124 -19.49 34.77 -21.61
CA GLU A 124 -18.82 36.07 -21.69
C GLU A 124 -17.42 35.90 -22.27
N GLN A 125 -16.82 37.00 -22.68
CA GLN A 125 -15.44 37.01 -23.14
C GLN A 125 -14.50 36.97 -21.95
N VAL A 126 -13.25 36.58 -22.22
CA VAL A 126 -12.26 36.34 -21.17
C VAL A 126 -11.03 37.23 -21.38
N ASP A 127 -10.26 37.42 -20.32
CA ASP A 127 -9.04 38.23 -20.34
C ASP A 127 -7.80 37.43 -20.75
N ILE A 128 -7.83 36.12 -20.50
CA ILE A 128 -6.66 35.30 -20.76
C ILE A 128 -7.11 33.87 -21.00
N ILE A 129 -6.40 33.19 -21.91
CA ILE A 129 -6.60 31.77 -22.14
C ILE A 129 -5.37 31.01 -21.68
N ILE A 130 -5.62 29.94 -20.92
CA ILE A 130 -4.55 29.03 -20.51
C ILE A 130 -4.86 27.63 -21.07
N SER A 131 -3.80 26.90 -21.38
CA SER A 131 -3.95 25.57 -21.91
C SER A 131 -2.62 24.86 -21.87
N GLU A 132 -2.66 23.54 -22.01
CA GLU A 132 -1.47 22.79 -22.32
C GLU A 132 -1.72 22.01 -23.60
N PRO A 133 -1.60 22.69 -24.73
CA PRO A 133 -1.91 22.08 -26.03
C PRO A 133 -0.75 21.33 -26.69
N MET A 134 0.42 21.28 -26.06
CA MET A 134 1.60 20.75 -26.75
C MET A 134 1.58 19.24 -26.78
N GLY A 135 1.76 18.66 -27.95
CA GLY A 135 1.95 17.23 -28.07
C GLY A 135 3.40 16.92 -28.37
N TYR A 136 3.70 15.63 -28.64
CA TYR A 136 5.00 15.28 -29.19
C TYR A 136 5.37 16.19 -30.34
N MET A 137 6.63 16.60 -30.35
CA MET A 137 7.14 17.44 -31.41
C MET A 137 6.32 18.74 -31.52
N LEU A 138 5.71 19.13 -30.42
CA LEU A 138 4.80 20.28 -30.27
C LEU A 138 3.43 20.08 -30.92
N PHE A 139 3.41 19.70 -32.19
CA PHE A 139 2.19 19.76 -33.00
C PHE A 139 1.29 18.52 -32.96
N ASN A 140 1.80 17.38 -32.52
CA ASN A 140 0.98 16.17 -32.46
C ASN A 140 -0.28 16.41 -31.63
N GLU A 141 -1.40 15.79 -32.07
CA GLU A 141 -2.73 15.87 -31.43
C GLU A 141 -3.56 17.01 -32.01
N ARG A 142 -2.90 17.95 -32.68
CA ARG A 142 -3.54 19.12 -33.28
C ARG A 142 -4.39 19.90 -32.28
N MET A 143 -3.92 19.97 -31.03
CA MET A 143 -4.68 20.73 -30.03
C MET A 143 -4.32 22.21 -30.07
N LEU A 144 -3.16 22.55 -30.63
CA LEU A 144 -2.88 23.96 -30.87
C LEU A 144 -3.98 24.67 -31.68
N GLU A 145 -4.65 23.94 -32.57
CA GLU A 145 -5.71 24.55 -33.35
C GLU A 145 -6.91 24.87 -32.49
N SER A 146 -7.17 24.02 -31.51
CA SER A 146 -8.30 24.22 -30.60
C SER A 146 -8.01 25.41 -29.72
N TYR A 147 -6.75 25.51 -29.29
CA TYR A 147 -6.28 26.61 -28.49
C TYR A 147 -6.41 27.95 -29.22
N LEU A 148 -6.01 27.97 -30.50
CA LEU A 148 -6.13 29.18 -31.31
C LEU A 148 -7.60 29.50 -31.60
N HIS A 149 -8.37 28.44 -31.83
CA HIS A 149 -9.79 28.57 -32.04
C HIS A 149 -10.45 29.29 -30.86
N ALA A 150 -10.00 28.97 -29.64
CA ALA A 150 -10.62 29.55 -28.46
C ALA A 150 -10.49 31.05 -28.39
N LYS A 151 -9.63 31.62 -29.22
CA LYS A 151 -9.45 33.08 -29.24
C LYS A 151 -10.67 33.85 -29.68
N LYS A 152 -11.68 33.17 -30.23
CA LYS A 152 -12.94 33.86 -30.49
C LYS A 152 -13.57 34.40 -29.21
N TYR A 153 -13.16 33.85 -28.07
CA TYR A 153 -13.68 34.27 -26.77
C TYR A 153 -12.75 35.25 -26.05
N LEU A 154 -11.62 35.57 -26.68
CA LEU A 154 -10.63 36.43 -26.03
C LEU A 154 -10.88 37.91 -26.35
N LYS A 155 -10.84 38.74 -25.30
CA LYS A 155 -10.92 40.20 -25.46
C LYS A 155 -9.72 40.70 -26.26
N PRO A 156 -9.84 41.88 -26.89
CA PRO A 156 -8.75 42.37 -27.75
C PRO A 156 -7.43 42.62 -27.02
N SER A 157 -7.49 42.81 -25.72
CA SER A 157 -6.24 42.92 -24.96
C SER A 157 -5.65 41.59 -24.58
N GLY A 158 -6.47 40.56 -24.72
CA GLY A 158 -6.21 39.30 -24.07
C GLY A 158 -4.81 38.77 -24.16
N ASN A 159 -4.45 37.90 -23.23
CA ASN A 159 -3.17 37.26 -23.29
C ASN A 159 -3.40 35.76 -23.45
N MET A 160 -2.34 35.05 -23.80
CA MET A 160 -2.35 33.59 -23.98
C MET A 160 -1.20 32.99 -23.18
N PHE A 161 -1.50 31.97 -22.38
CA PHE A 161 -0.50 31.23 -21.60
C PHE A 161 -0.57 29.73 -21.95
N PRO A 162 0.41 29.21 -22.71
CA PRO A 162 1.63 29.78 -23.26
C PRO A 162 1.40 30.84 -24.34
N THR A 163 2.35 31.76 -24.48
CA THR A 163 2.22 32.86 -25.40
C THR A 163 2.83 32.56 -26.78
N ILE A 164 3.98 31.88 -26.77
CA ILE A 164 4.65 31.48 -28.01
C ILE A 164 5.17 30.06 -27.85
N GLY A 165 5.39 29.40 -28.98
CA GLY A 165 5.98 28.07 -29.01
C GLY A 165 7.10 28.01 -30.03
N ASP A 166 8.27 27.52 -29.62
CA ASP A 166 9.43 27.41 -30.47
C ASP A 166 9.72 25.94 -30.71
N VAL A 167 9.65 25.50 -31.95
CA VAL A 167 10.11 24.19 -32.33
C VAL A 167 11.56 24.28 -32.74
N HIS A 168 12.39 23.39 -32.20
CA HIS A 168 13.80 23.36 -32.56
C HIS A 168 14.11 22.10 -33.34
N LEU A 169 14.99 22.21 -34.32
CA LEU A 169 15.44 21.01 -35.02
C LEU A 169 16.93 21.12 -35.29
N ALA A 170 17.62 19.98 -35.26
CA ALA A 170 19.05 19.95 -35.48
C ALA A 170 19.46 18.57 -36.04
N PRO A 171 20.46 18.54 -36.91
CA PRO A 171 20.91 17.24 -37.42
C PRO A 171 21.66 16.42 -36.35
N PHE A 172 21.51 15.10 -36.39
CA PHE A 172 22.22 14.25 -35.45
C PHE A 172 22.93 13.09 -36.19
N THR A 173 23.95 12.54 -35.55
CA THR A 173 24.51 11.27 -35.98
C THR A 173 24.21 10.21 -34.91
N ASP A 174 23.67 9.06 -35.31
CA ASP A 174 23.46 7.96 -34.38
C ASP A 174 23.44 6.66 -35.17
N GLU A 175 24.66 6.15 -35.37
CA GLU A 175 24.88 5.00 -36.20
C GLU A 175 24.05 3.82 -35.71
N GLN A 176 23.97 3.63 -34.40
CA GLN A 176 23.29 2.47 -33.84
C GLN A 176 21.78 2.52 -33.99
N LEU A 177 21.22 3.72 -33.89
CA LEU A 177 19.79 3.89 -34.12
C LEU A 177 19.45 3.59 -35.57
N TYR A 178 20.28 4.07 -36.48
CA TYR A 178 20.07 3.83 -37.88
C TYR A 178 20.11 2.32 -38.18
N MET A 179 21.19 1.66 -37.76
N MET A 179 21.20 1.67 -37.77
CA MET A 179 21.41 0.24 -38.06
CA MET A 179 21.40 0.24 -38.02
C MET A 179 20.35 -0.66 -37.39
C MET A 179 20.25 -0.58 -37.46
N GLU A 180 19.78 -0.18 -36.29
CA GLU A 180 18.70 -0.87 -35.58
C GLU A 180 17.51 -1.16 -36.49
N GLN A 181 17.18 -0.23 -37.37
CA GLN A 181 16.04 -0.39 -38.26
C GLN A 181 16.22 -1.60 -39.18
N PHE A 182 17.42 -1.77 -39.73
CA PHE A 182 17.63 -2.90 -40.63
C PHE A 182 17.76 -4.21 -39.87
N THR A 183 18.34 -4.16 -38.68
CA THR A 183 18.41 -5.33 -37.83
C THR A 183 16.99 -5.87 -37.62
N LYS A 184 16.05 -4.99 -37.32
CA LYS A 184 14.67 -5.43 -37.14
C LYS A 184 14.04 -5.89 -38.43
N ALA A 185 14.22 -5.13 -39.52
CA ALA A 185 13.56 -5.46 -40.75
C ALA A 185 14.15 -6.72 -41.36
N ASN A 186 15.39 -7.06 -41.00
CA ASN A 186 16.02 -8.22 -41.64
C ASN A 186 15.46 -9.55 -41.12
N PHE A 187 14.55 -9.48 -40.15
CA PHE A 187 13.73 -10.63 -39.83
C PHE A 187 13.12 -11.22 -41.11
N TRP A 188 12.71 -10.35 -42.01
CA TRP A 188 11.98 -10.79 -43.19
C TRP A 188 12.93 -11.30 -44.28
N TYR A 189 14.23 -11.02 -44.16
CA TYR A 189 15.17 -11.47 -45.17
C TYR A 189 15.65 -12.87 -44.86
N GLN A 190 14.75 -13.82 -45.00
CA GLN A 190 15.15 -15.20 -44.86
C GLN A 190 14.32 -16.07 -45.77
N PRO A 191 14.95 -17.09 -46.36
CA PRO A 191 14.33 -17.81 -47.46
C PRO A 191 13.49 -18.98 -47.00
N SER A 192 13.61 -19.38 -45.74
CA SER A 192 12.82 -20.49 -45.23
C SER A 192 12.46 -20.31 -43.75
N PHE A 193 11.58 -19.37 -43.46
CA PHE A 193 11.00 -19.26 -42.14
C PHE A 193 9.90 -20.30 -42.03
N HIS A 194 10.19 -21.41 -41.37
CA HIS A 194 9.24 -22.51 -41.31
C HIS A 194 8.79 -22.96 -42.71
N GLY A 195 9.71 -22.96 -43.67
CA GLY A 195 9.40 -23.34 -45.03
C GLY A 195 8.95 -22.19 -45.93
N VAL A 196 8.85 -20.96 -45.40
CA VAL A 196 8.29 -19.85 -46.16
C VAL A 196 9.37 -18.83 -46.45
N ASP A 197 9.45 -18.37 -47.71
CA ASP A 197 10.41 -17.32 -48.06
C ASP A 197 9.77 -15.97 -47.79
N LEU A 198 10.31 -15.25 -46.82
CA LEU A 198 9.72 -14.00 -46.38
C LEU A 198 10.32 -12.78 -47.05
N SER A 199 11.38 -13.00 -47.83
CA SER A 199 12.27 -11.93 -48.22
C SER A 199 11.58 -10.84 -49.03
N ALA A 200 10.47 -11.15 -49.69
CA ALA A 200 9.83 -10.16 -50.53
C ALA A 200 9.25 -8.98 -49.74
N LEU A 201 9.05 -9.17 -48.43
CA LEU A 201 8.47 -8.13 -47.59
C LEU A 201 9.52 -7.33 -46.84
N ARG A 202 10.79 -7.63 -47.05
CA ARG A 202 11.83 -6.90 -46.33
C ARG A 202 11.78 -5.40 -46.58
N GLY A 203 11.60 -4.99 -47.82
CA GLY A 203 11.56 -3.57 -48.18
C GLY A 203 10.39 -2.84 -47.55
N ALA A 204 9.25 -3.50 -47.50
CA ALA A 204 8.08 -2.93 -46.86
C ALA A 204 8.34 -2.80 -45.36
N ALA A 205 9.00 -3.79 -44.78
CA ALA A 205 9.29 -3.71 -43.35
C ALA A 205 10.25 -2.55 -43.02
N VAL A 206 11.32 -2.40 -43.81
CA VAL A 206 12.20 -1.23 -43.71
C VAL A 206 11.43 0.10 -43.78
N ASP A 207 10.62 0.24 -44.82
N ASP A 207 10.61 0.23 -44.82
CA ASP A 207 9.85 1.47 -45.01
CA ASP A 207 9.86 1.48 -45.00
C ASP A 207 8.97 1.77 -43.79
C ASP A 207 8.98 1.77 -43.78
N GLU A 208 8.32 0.73 -43.26
CA GLU A 208 7.45 0.91 -42.12
C GLU A 208 8.22 1.41 -40.87
N TYR A 209 9.36 0.82 -40.56
CA TYR A 209 10.17 1.31 -39.45
C TYR A 209 10.62 2.75 -39.63
N PHE A 210 10.96 3.13 -40.86
CA PHE A 210 11.47 4.48 -41.09
C PHE A 210 10.38 5.56 -41.08
N ARG A 211 9.12 5.17 -41.28
CA ARG A 211 8.01 6.11 -41.20
C ARG A 211 7.62 6.50 -39.76
N GLN A 212 8.25 5.87 -38.78
CA GLN A 212 7.95 6.15 -37.37
C GLN A 212 8.95 7.13 -36.76
N PRO A 213 8.46 8.30 -36.28
CA PRO A 213 9.40 9.12 -35.53
C PRO A 213 9.75 8.41 -34.23
N VAL A 214 11.00 8.56 -33.80
CA VAL A 214 11.53 7.88 -32.62
C VAL A 214 11.46 8.80 -31.42
N VAL A 215 10.67 8.40 -30.42
CA VAL A 215 10.51 9.16 -29.18
C VAL A 215 11.41 8.56 -28.13
N ASP A 216 12.45 9.29 -27.77
CA ASP A 216 13.26 8.98 -26.59
C ASP A 216 14.20 10.13 -26.37
N THR A 217 15.22 9.96 -25.54
CA THR A 217 16.13 11.08 -25.30
C THR A 217 17.50 10.65 -25.78
N PHE A 218 18.45 11.58 -25.75
CA PHE A 218 19.77 11.29 -26.28
C PHE A 218 20.80 12.22 -25.69
N ASP A 219 22.07 11.85 -25.79
CA ASP A 219 23.18 12.71 -25.38
C ASP A 219 23.32 13.88 -26.35
N ILE A 220 23.53 15.08 -25.83
CA ILE A 220 23.56 16.27 -26.68
C ILE A 220 24.74 16.26 -27.64
N ARG A 221 25.69 15.36 -27.40
CA ARG A 221 26.88 15.33 -28.22
C ARG A 221 26.66 14.65 -29.56
N ILE A 222 25.50 14.02 -29.77
CA ILE A 222 25.20 13.51 -31.08
C ILE A 222 24.75 14.63 -32.05
N LEU A 223 24.50 15.84 -31.53
CA LEU A 223 24.02 16.91 -32.40
C LEU A 223 25.19 17.45 -33.19
N MET A 224 24.99 17.71 -34.48
N MET A 224 24.97 17.71 -34.49
CA MET A 224 26.08 18.08 -35.37
CA MET A 224 26.06 18.08 -35.39
C MET A 224 26.07 19.57 -35.76
C MET A 224 26.05 19.56 -35.78
N ALA A 225 25.10 20.31 -35.25
CA ALA A 225 24.97 21.74 -35.58
C ALA A 225 23.98 22.40 -34.66
N LYS A 226 24.10 23.72 -34.52
CA LYS A 226 23.18 24.52 -33.75
C LYS A 226 21.78 24.38 -34.35
N SER A 227 20.78 24.31 -33.49
CA SER A 227 19.42 24.10 -33.95
C SER A 227 18.88 25.30 -34.71
N VAL A 228 17.93 25.02 -35.58
CA VAL A 228 17.11 26.03 -36.20
C VAL A 228 15.79 26.07 -35.43
N LYS A 229 15.24 27.27 -35.33
CA LYS A 229 14.05 27.54 -34.52
C LYS A 229 12.90 28.02 -35.40
N TYR A 230 11.72 27.42 -35.23
CA TYR A 230 10.51 27.90 -35.90
C TYR A 230 9.52 28.31 -34.81
N THR A 231 9.01 29.53 -34.89
CA THR A 231 8.20 30.08 -33.82
C THR A 231 6.75 30.29 -34.20
N VAL A 232 5.86 29.75 -33.37
CA VAL A 232 4.43 30.03 -33.46
C VAL A 232 4.06 31.06 -32.40
N ASN A 233 3.59 32.23 -32.83
CA ASN A 233 3.12 33.21 -31.88
C ASN A 233 1.62 33.03 -31.72
N PHE A 234 1.21 32.53 -30.55
CA PHE A 234 -0.19 32.15 -30.31
C PHE A 234 -1.09 33.37 -30.28
N LEU A 235 -0.55 34.55 -29.97
CA LEU A 235 -1.36 35.75 -29.97
C LEU A 235 -1.75 36.16 -31.38
N GLU A 236 -0.91 35.83 -32.36
CA GLU A 236 -1.12 36.29 -33.72
C GLU A 236 -1.59 35.20 -34.65
N ALA A 237 -1.20 33.95 -34.38
CA ALA A 237 -1.49 32.85 -35.29
C ALA A 237 -2.99 32.59 -35.40
N LYS A 238 -3.38 32.09 -36.56
CA LYS A 238 -4.73 31.62 -36.84
C LYS A 238 -4.70 30.11 -37.03
N GLU A 239 -5.84 29.46 -36.81
CA GLU A 239 -5.97 28.01 -36.93
C GLU A 239 -5.39 27.50 -38.23
N GLY A 240 -5.74 28.16 -39.30
CA GLY A 240 -5.34 27.74 -40.64
C GLY A 240 -3.85 27.71 -40.84
N ASP A 241 -3.11 28.54 -40.08
CA ASP A 241 -1.66 28.59 -40.16
C ASP A 241 -1.03 27.27 -39.77
N LEU A 242 -1.77 26.43 -39.06
CA LEU A 242 -1.21 25.16 -38.56
C LEU A 242 -1.52 23.95 -39.47
N HIS A 243 -2.23 24.16 -40.57
CA HIS A 243 -2.60 23.06 -41.46
C HIS A 243 -1.43 22.64 -42.35
N ARG A 244 -0.57 23.59 -42.65
CA ARG A 244 0.61 23.39 -43.45
C ARG A 244 1.74 24.16 -42.79
N ILE A 245 2.73 23.48 -42.25
CA ILE A 245 3.82 24.16 -41.58
C ILE A 245 5.07 23.89 -42.36
N GLU A 246 5.68 24.93 -42.92
CA GLU A 246 6.89 24.76 -43.69
C GLU A 246 8.06 25.31 -42.89
N ILE A 247 9.01 24.43 -42.56
CA ILE A 247 10.18 24.86 -41.82
C ILE A 247 11.45 24.72 -42.65
N PRO A 248 11.91 25.82 -43.25
CA PRO A 248 13.18 25.75 -43.98
C PRO A 248 14.37 25.69 -43.02
N PHE A 249 15.48 25.09 -43.45
CA PHE A 249 16.66 25.08 -42.62
C PHE A 249 17.93 25.16 -43.44
N LYS A 250 18.90 25.86 -42.86
CA LYS A 250 20.29 25.84 -43.28
C LYS A 250 21.11 25.53 -42.02
N PHE A 251 21.72 24.36 -41.98
CA PHE A 251 22.55 24.01 -40.83
C PHE A 251 24.02 24.23 -41.19
N HIS A 252 24.78 24.83 -40.27
CA HIS A 252 26.20 24.99 -40.50
C HIS A 252 26.93 23.97 -39.62
N MET A 253 27.48 22.95 -40.26
CA MET A 253 27.92 21.77 -39.53
C MET A 253 29.14 22.08 -38.67
N LEU A 254 29.02 21.77 -37.38
CA LEU A 254 30.10 21.96 -36.43
C LEU A 254 31.03 20.75 -36.36
N HIS A 255 30.52 19.58 -36.76
CA HIS A 255 31.34 18.37 -36.73
C HIS A 255 31.25 17.66 -38.05
N SER A 256 32.26 16.87 -38.35
CA SER A 256 32.27 16.05 -39.54
C SER A 256 31.70 14.68 -39.21
N GLY A 257 30.92 14.10 -40.12
CA GLY A 257 30.35 12.79 -39.92
C GLY A 257 29.10 12.52 -40.74
N LEU A 258 28.47 11.39 -40.50
CA LEU A 258 27.25 11.01 -41.18
C LEU A 258 26.01 11.55 -40.44
N VAL A 259 25.12 12.24 -41.16
CA VAL A 259 23.88 12.74 -40.59
C VAL A 259 22.79 11.71 -40.81
N HIS A 260 22.25 11.18 -39.74
CA HIS A 260 21.25 10.12 -39.84
C HIS A 260 19.82 10.62 -39.77
N GLY A 261 19.63 11.88 -39.41
CA GLY A 261 18.30 12.43 -39.38
C GLY A 261 18.25 13.77 -38.67
N LEU A 262 17.03 14.18 -38.33
CA LEU A 262 16.82 15.42 -37.60
C LEU A 262 16.18 15.14 -36.24
N ALA A 263 16.66 15.88 -35.25
CA ALA A 263 16.14 15.80 -33.88
C ALA A 263 15.28 17.01 -33.61
N PHE A 264 14.18 16.79 -32.90
CA PHE A 264 13.20 17.83 -32.65
C PHE A 264 12.95 17.98 -31.17
N TRP A 265 12.78 19.22 -30.73
CA TRP A 265 12.26 19.46 -29.40
C TRP A 265 11.56 20.80 -29.46
N PHE A 266 10.92 21.20 -28.35
CA PHE A 266 10.24 22.48 -28.34
C PHE A 266 10.35 23.18 -26.98
N ASP A 267 10.22 24.50 -27.03
CA ASP A 267 10.06 25.34 -25.83
C ASP A 267 8.75 26.12 -25.96
N VAL A 268 8.12 26.45 -24.84
CA VAL A 268 7.07 27.45 -24.85
C VAL A 268 7.39 28.50 -23.79
N ALA A 269 6.96 29.73 -24.05
CA ALA A 269 7.13 30.84 -23.12
C ALA A 269 5.80 31.39 -22.67
N PHE A 270 5.68 31.63 -21.38
CA PHE A 270 4.55 32.36 -20.80
C PHE A 270 5.00 33.79 -20.61
N ILE A 271 4.53 34.69 -21.46
CA ILE A 271 5.03 36.06 -21.48
C ILE A 271 4.07 36.92 -20.69
N GLY A 272 4.31 37.05 -19.39
CA GLY A 272 3.41 37.78 -18.53
C GLY A 272 3.86 39.21 -18.28
N SER A 273 3.08 39.93 -17.48
CA SER A 273 3.36 41.34 -17.18
C SER A 273 4.51 41.54 -16.21
N ILE A 274 4.78 40.53 -15.38
CA ILE A 274 5.84 40.62 -14.38
C ILE A 274 7.10 39.97 -14.91
N MET A 275 6.95 38.84 -15.61
CA MET A 275 8.09 38.12 -16.13
C MET A 275 7.71 37.05 -17.16
N THR A 276 8.72 36.59 -17.87
CA THR A 276 8.52 35.52 -18.84
C THR A 276 9.07 34.25 -18.25
N VAL A 277 8.26 33.20 -18.22
CA VAL A 277 8.68 31.88 -17.76
C VAL A 277 8.75 30.91 -18.94
N TRP A 278 9.81 30.09 -18.97
CA TRP A 278 10.02 29.15 -20.06
C TRP A 278 9.85 27.71 -19.63
N LEU A 279 9.21 26.93 -20.48
CA LEU A 279 9.11 25.49 -20.31
C LEU A 279 9.83 24.87 -21.52
N SER A 280 10.88 24.11 -21.27
CA SER A 280 11.70 23.58 -22.36
C SER A 280 11.80 22.07 -22.30
N THR A 281 11.84 21.45 -23.46
CA THR A 281 11.96 20.00 -23.57
C THR A 281 13.23 19.64 -24.32
N ALA A 282 14.17 20.58 -24.34
CA ALA A 282 15.46 20.40 -24.97
C ALA A 282 16.29 19.32 -24.28
N PRO A 283 17.16 18.66 -25.05
CA PRO A 283 17.99 17.59 -24.48
C PRO A 283 19.02 18.12 -23.47
N THR A 284 19.17 19.43 -23.40
CA THR A 284 20.03 20.06 -22.41
C THR A 284 19.30 20.29 -21.07
N GLU A 285 17.97 20.12 -21.08
CA GLU A 285 17.17 20.33 -19.88
C GLU A 285 16.68 19.02 -19.27
N PRO A 286 16.26 19.07 -18.00
CA PRO A 286 15.70 17.86 -17.40
C PRO A 286 14.59 17.23 -18.27
N LEU A 287 14.55 15.90 -18.25
CA LEU A 287 13.63 15.16 -19.10
C LEU A 287 12.17 15.39 -18.70
N THR A 288 11.32 15.48 -19.70
CA THR A 288 9.88 15.60 -19.51
C THR A 288 9.18 14.45 -20.20
N HIS A 289 7.87 14.35 -20.02
CA HIS A 289 7.11 13.25 -20.64
C HIS A 289 6.97 13.44 -22.15
N TRP A 290 7.49 14.54 -22.67
CA TRP A 290 7.54 14.76 -24.11
C TRP A 290 8.80 14.19 -24.73
N TYR A 291 9.78 13.87 -23.90
CA TYR A 291 11.11 13.45 -24.36
C TYR A 291 11.63 14.39 -25.46
N GLN A 292 12.28 13.80 -26.46
CA GLN A 292 12.61 14.46 -27.71
C GLN A 292 12.20 13.53 -28.83
N VAL A 293 12.20 14.03 -30.05
CA VAL A 293 11.77 13.23 -31.22
C VAL A 293 12.85 13.25 -32.28
N ARG A 294 13.15 12.07 -32.82
CA ARG A 294 14.05 12.01 -33.96
C ARG A 294 13.41 11.39 -35.19
N CYS A 295 13.63 12.02 -36.34
CA CYS A 295 13.19 11.51 -37.63
C CYS A 295 14.41 11.13 -38.47
N LEU A 296 14.55 9.85 -38.78
CA LEU A 296 15.68 9.38 -39.56
C LEU A 296 15.57 9.73 -41.05
N PHE A 297 16.72 9.90 -41.69
CA PHE A 297 16.80 9.97 -43.14
C PHE A 297 16.89 8.53 -43.63
N GLN A 298 16.33 8.26 -44.80
CA GLN A 298 16.37 6.91 -45.37
C GLN A 298 17.82 6.51 -45.66
N SER A 299 18.60 7.48 -46.09
CA SER A 299 20.03 7.29 -46.29
C SER A 299 20.76 8.42 -45.61
N PRO A 300 21.84 8.11 -44.91
CA PRO A 300 22.53 9.21 -44.25
C PRO A 300 23.31 10.09 -45.20
N LEU A 301 23.64 11.29 -44.73
CA LEU A 301 24.33 12.27 -45.54
C LEU A 301 25.65 12.61 -44.88
N PHE A 302 26.72 12.56 -45.67
CA PHE A 302 28.04 12.93 -45.18
C PHE A 302 28.25 14.43 -45.26
N ALA A 303 28.66 15.03 -44.15
CA ALA A 303 28.97 16.44 -44.14
C ALA A 303 30.26 16.64 -43.37
N LYS A 304 31.09 17.56 -43.85
CA LYS A 304 32.30 17.94 -43.15
C LYS A 304 31.94 19.13 -42.28
N ALA A 305 32.73 19.33 -41.23
CA ALA A 305 32.61 20.54 -40.44
C ALA A 305 32.79 21.73 -41.38
N GLY A 306 31.87 22.68 -41.31
CA GLY A 306 31.93 23.85 -42.18
C GLY A 306 31.02 23.74 -43.40
N ASP A 307 30.61 22.52 -43.73
CA ASP A 307 29.65 22.33 -44.82
C ASP A 307 28.27 22.83 -44.40
N THR A 308 27.38 23.00 -45.37
CA THR A 308 26.02 23.46 -45.12
C THR A 308 25.00 22.37 -45.47
N LEU A 309 24.06 22.11 -44.57
CA LEU A 309 22.99 21.17 -44.81
C LEU A 309 21.68 21.95 -44.88
N SER A 310 21.08 21.98 -46.07
CA SER A 310 19.92 22.82 -46.29
C SER A 310 18.74 21.99 -46.78
N GLY A 311 17.55 22.42 -46.41
CA GLY A 311 16.35 21.73 -46.85
C GLY A 311 15.08 22.21 -46.17
N THR A 312 14.09 21.33 -46.12
CA THR A 312 12.77 21.70 -45.64
C THR A 312 12.16 20.59 -44.83
N CYS A 313 11.50 20.98 -43.76
CA CYS A 313 10.67 20.05 -43.01
C CYS A 313 9.24 20.56 -43.21
N LEU A 314 8.42 19.80 -43.93
CA LEU A 314 7.05 20.20 -44.19
C LEU A 314 6.10 19.32 -43.40
N LEU A 315 5.27 19.93 -42.55
CA LEU A 315 4.26 19.21 -41.77
C LEU A 315 2.87 19.46 -42.35
N ILE A 316 2.14 18.41 -42.66
CA ILE A 316 0.84 18.55 -43.30
C ILE A 316 -0.17 17.90 -42.39
N ALA A 317 -1.17 18.67 -41.93
CA ALA A 317 -2.15 18.15 -41.00
C ALA A 317 -3.01 17.10 -41.66
N ASN A 318 -3.34 16.06 -40.89
CA ASN A 318 -4.23 15.01 -41.36
C ASN A 318 -5.43 14.90 -40.43
N LYS A 319 -6.43 14.14 -40.83
CA LYS A 319 -7.67 14.09 -40.07
C LYS A 319 -7.62 13.10 -38.90
N ARG A 320 -6.42 12.61 -38.58
CA ARG A 320 -6.21 11.70 -37.46
C ARG A 320 -5.52 12.45 -36.33
N GLN A 321 -5.76 13.76 -36.28
CA GLN A 321 -5.27 14.60 -35.21
C GLN A 321 -3.75 14.63 -35.16
N SER A 322 -3.14 14.55 -36.33
CA SER A 322 -1.69 14.58 -36.39
C SER A 322 -1.17 15.15 -37.72
N TYR A 323 0.06 14.78 -38.05
CA TYR A 323 0.76 15.33 -39.20
C TYR A 323 1.49 14.26 -39.95
N ASP A 324 1.47 14.40 -41.26
CA ASP A 324 2.40 13.70 -42.15
C ASP A 324 3.63 14.61 -42.21
N ILE A 325 4.81 14.02 -42.05
CA ILE A 325 6.05 14.78 -42.00
C ILE A 325 6.85 14.46 -43.27
N SER A 326 7.24 15.49 -44.00
CA SER A 326 8.13 15.32 -45.15
C SER A 326 9.43 16.07 -44.86
N ILE A 327 10.55 15.36 -44.88
CA ILE A 327 11.84 16.02 -44.69
C ILE A 327 12.71 15.76 -45.91
N VAL A 328 13.24 16.84 -46.49
CA VAL A 328 14.20 16.76 -47.59
C VAL A 328 15.42 17.59 -47.23
N ALA A 329 16.60 17.02 -47.42
CA ALA A 329 17.84 17.70 -47.05
C ALA A 329 18.94 17.37 -48.05
N GLN A 330 19.79 18.35 -48.32
CA GLN A 330 20.96 18.09 -49.15
C GLN A 330 22.18 18.78 -48.56
N VAL A 331 23.35 18.22 -48.86
CA VAL A 331 24.62 18.84 -48.52
C VAL A 331 24.99 19.74 -49.68
N ASP A 332 25.08 21.04 -49.43
CA ASP A 332 25.24 22.00 -50.51
C ASP A 332 26.56 21.83 -51.27
N GLN A 333 27.63 21.48 -50.56
CA GLN A 333 28.95 21.39 -51.16
C GLN A 333 29.13 20.11 -51.98
N THR A 334 28.21 19.15 -51.87
CA THR A 334 28.37 17.89 -52.60
C THR A 334 27.13 17.52 -53.41
N GLY A 335 26.00 18.17 -53.14
CA GLY A 335 24.76 17.83 -53.81
C GLY A 335 24.09 16.56 -53.34
N SER A 336 24.71 15.87 -52.39
CA SER A 336 24.13 14.64 -51.83
C SER A 336 22.80 14.91 -51.10
N LYS A 337 21.81 14.05 -51.36
CA LYS A 337 20.43 14.37 -50.99
C LYS A 337 19.73 13.19 -50.38
N SER A 338 18.89 13.46 -49.40
CA SER A 338 18.05 12.42 -48.84
C SER A 338 16.74 12.99 -48.36
N SER A 339 15.77 12.11 -48.17
CA SER A 339 14.49 12.57 -47.68
C SER A 339 13.86 11.54 -46.74
N ASN A 340 12.64 11.82 -46.29
CA ASN A 340 11.85 10.80 -45.61
C ASN A 340 10.46 11.36 -45.44
N LEU A 341 9.51 10.42 -45.41
CA LEU A 341 8.12 10.68 -45.11
C LEU A 341 7.75 9.93 -43.86
N LEU A 342 7.26 10.63 -42.85
CA LEU A 342 6.98 10.01 -41.56
C LEU A 342 5.57 10.30 -41.09
N ASP A 343 5.04 9.40 -40.28
CA ASP A 343 3.69 9.53 -39.73
C ASP A 343 3.77 9.79 -38.22
N LEU A 344 3.57 11.06 -37.82
CA LEU A 344 3.69 11.50 -36.45
C LEU A 344 2.67 10.83 -35.51
N LYS A 345 1.54 10.39 -36.04
CA LYS A 345 0.49 9.80 -35.20
C LYS A 345 0.97 8.52 -34.50
N ASN A 346 1.90 7.80 -35.13
CA ASN A 346 2.32 6.50 -34.61
C ASN A 346 3.84 6.42 -34.40
N PRO A 347 4.33 7.11 -33.37
CA PRO A 347 5.78 7.13 -33.13
C PRO A 347 6.25 5.84 -32.51
N PHE A 348 7.54 5.56 -32.62
CA PHE A 348 8.12 4.43 -31.92
C PHE A 348 8.67 4.94 -30.59
N PHE A 349 8.13 4.40 -29.50
CA PHE A 349 8.61 4.76 -28.18
C PHE A 349 9.80 3.87 -27.85
N ARG A 350 10.99 4.47 -27.84
CA ARG A 350 12.22 3.71 -27.73
C ARG A 350 12.81 3.84 -26.32
N TYR A 351 12.43 4.88 -25.61
CA TYR A 351 12.97 5.15 -24.27
C TYR A 351 12.88 3.96 -23.31
N THR A 352 13.97 3.75 -22.56
CA THR A 352 14.07 2.63 -21.62
C THR A 352 14.50 3.12 -20.22
N ARG B 9 -24.67 -3.45 -42.63
CA ARG B 9 -25.51 -4.24 -41.73
C ARG B 9 -25.07 -5.71 -41.78
N SER B 10 -23.76 -5.91 -41.69
CA SER B 10 -23.19 -7.23 -41.51
C SER B 10 -23.19 -7.59 -40.03
N VAL B 11 -23.03 -8.88 -39.73
CA VAL B 11 -22.91 -9.33 -38.35
C VAL B 11 -21.77 -8.61 -37.64
N PHE B 12 -20.67 -8.33 -38.35
CA PHE B 12 -19.53 -7.68 -37.72
C PHE B 12 -19.90 -6.25 -37.32
N SER B 13 -20.41 -5.48 -38.27
CA SER B 13 -20.70 -4.07 -38.04
C SER B 13 -21.81 -3.90 -36.98
N GLU B 14 -22.71 -4.87 -36.91
CA GLU B 14 -23.78 -4.87 -35.92
C GLU B 14 -23.25 -4.98 -34.49
N ARG B 15 -22.17 -5.73 -34.28
CA ARG B 15 -21.67 -5.96 -32.93
C ARG B 15 -20.46 -5.09 -32.58
N THR B 16 -20.04 -4.24 -33.52
CA THR B 16 -18.79 -3.50 -33.38
C THR B 16 -18.92 -1.99 -33.66
N GLU B 17 -18.47 -1.20 -32.69
CA GLU B 17 -18.32 0.24 -32.84
C GLU B 17 -17.27 0.55 -33.92
N GLU B 18 -17.60 1.46 -34.85
CA GLU B 18 -16.70 1.74 -35.97
C GLU B 18 -15.33 2.21 -35.50
N SER B 19 -15.31 3.07 -34.48
CA SER B 19 -14.06 3.56 -33.91
C SER B 19 -13.15 2.43 -33.47
N SER B 20 -13.75 1.40 -32.88
CA SER B 20 -12.98 0.26 -32.42
C SER B 20 -12.39 -0.50 -33.59
N ALA B 21 -13.22 -0.74 -34.61
CA ALA B 21 -12.80 -1.56 -35.75
C ALA B 21 -11.66 -0.90 -36.50
N VAL B 22 -11.79 0.40 -36.75
CA VAL B 22 -10.79 1.12 -37.53
C VAL B 22 -9.43 0.94 -36.84
N GLN B 23 -9.37 1.24 -35.55
CA GLN B 23 -8.12 1.11 -34.83
C GLN B 23 -7.64 -0.33 -34.79
N TYR B 24 -8.56 -1.26 -34.61
CA TYR B 24 -8.22 -2.65 -34.54
C TYR B 24 -7.46 -3.09 -35.78
N PHE B 25 -8.04 -2.83 -36.93
CA PHE B 25 -7.47 -3.29 -38.20
C PHE B 25 -6.27 -2.46 -38.62
N GLN B 26 -6.20 -1.22 -38.15
CA GLN B 26 -4.98 -0.44 -38.35
C GLN B 26 -3.82 -1.08 -37.59
N PHE B 27 -4.04 -1.50 -36.34
CA PHE B 27 -3.00 -2.17 -35.55
C PHE B 27 -2.46 -3.40 -36.30
N TYR B 28 -3.35 -4.21 -36.85
CA TYR B 28 -2.93 -5.44 -37.49
C TYR B 28 -2.44 -5.26 -38.93
N GLY B 29 -2.39 -4.02 -39.39
CA GLY B 29 -1.78 -3.72 -40.67
C GLY B 29 -0.26 -3.57 -40.60
N TYR B 30 0.30 -3.67 -39.40
CA TYR B 30 1.73 -3.42 -39.19
C TYR B 30 2.53 -4.70 -39.29
N LEU B 31 3.58 -4.67 -40.12
CA LEU B 31 4.45 -5.83 -40.27
C LEU B 31 5.17 -6.15 -38.97
N SER B 32 5.52 -5.12 -38.21
CA SER B 32 6.20 -5.32 -36.92
C SER B 32 5.35 -6.16 -35.98
N GLN B 33 4.04 -6.02 -36.05
CA GLN B 33 3.16 -6.85 -35.25
C GLN B 33 3.14 -8.28 -35.78
N GLN B 34 3.15 -8.45 -37.09
CA GLN B 34 3.24 -9.79 -37.66
C GLN B 34 4.52 -10.49 -37.23
N GLN B 35 5.60 -9.74 -37.21
CA GLN B 35 6.89 -10.26 -36.78
C GLN B 35 6.81 -10.71 -35.32
N ASN B 36 6.25 -9.87 -34.47
CA ASN B 36 6.06 -10.25 -33.07
C ASN B 36 5.36 -11.61 -32.92
N MET B 37 4.26 -11.80 -33.63
CA MET B 37 3.52 -13.04 -33.54
C MET B 37 4.30 -14.23 -34.10
N MET B 38 4.94 -14.02 -35.24
CA MET B 38 5.64 -15.09 -35.92
C MET B 38 6.86 -15.56 -35.12
N GLN B 39 7.48 -14.62 -34.41
CA GLN B 39 8.66 -14.92 -33.63
C GLN B 39 8.35 -15.66 -32.33
N ASP B 40 7.08 -15.73 -31.95
CA ASP B 40 6.70 -16.64 -30.88
C ASP B 40 6.82 -18.07 -31.42
N TYR B 41 7.93 -18.73 -31.12
CA TYR B 41 8.22 -20.05 -31.71
C TYR B 41 7.32 -21.16 -31.18
N VAL B 42 6.91 -21.08 -29.91
CA VAL B 42 5.99 -22.05 -29.37
C VAL B 42 4.72 -22.01 -30.21
N ARG B 43 4.26 -20.80 -30.48
CA ARG B 43 3.02 -20.59 -31.21
C ARG B 43 3.16 -21.05 -32.68
N THR B 44 4.17 -20.54 -33.38
CA THR B 44 4.30 -20.81 -34.81
C THR B 44 4.68 -22.29 -35.04
N GLY B 45 5.59 -22.79 -34.23
CA GLY B 45 6.01 -24.18 -34.31
C GLY B 45 4.92 -25.19 -33.95
N THR B 46 4.04 -24.83 -33.03
CA THR B 46 2.97 -25.74 -32.65
C THR B 46 1.90 -25.80 -33.74
N TYR B 47 1.58 -24.64 -34.32
CA TYR B 47 0.64 -24.57 -35.43
C TYR B 47 1.13 -25.40 -36.60
N GLN B 48 2.42 -25.30 -36.89
CA GLN B 48 2.98 -26.06 -38.00
C GLN B 48 2.94 -27.56 -37.71
N ARG B 49 3.20 -27.93 -36.47
CA ARG B 49 3.15 -29.34 -36.07
C ARG B 49 1.72 -29.90 -36.16
N ALA B 50 0.76 -29.16 -35.63
CA ALA B 50 -0.65 -29.55 -35.69
C ALA B 50 -1.12 -29.79 -37.13
N ILE B 51 -0.72 -28.92 -38.04
CA ILE B 51 -1.14 -29.01 -39.42
C ILE B 51 -0.37 -30.11 -40.17
N LEU B 52 0.95 -30.13 -40.05
CA LEU B 52 1.76 -31.10 -40.81
C LEU B 52 1.65 -32.52 -40.28
N GLN B 53 1.52 -32.70 -38.98
CA GLN B 53 1.36 -34.05 -38.44
C GLN B 53 -0.03 -34.59 -38.78
N ASN B 54 -0.97 -33.69 -39.08
CA ASN B 54 -2.30 -34.10 -39.50
C ASN B 54 -2.50 -33.81 -40.98
N HIS B 55 -1.45 -34.02 -41.77
CA HIS B 55 -1.48 -33.63 -43.18
C HIS B 55 -2.65 -34.28 -43.92
N THR B 56 -3.06 -35.47 -43.52
CA THR B 56 -4.17 -36.15 -44.17
C THR B 56 -5.46 -35.35 -44.03
N ASP B 57 -5.53 -34.48 -43.03
CA ASP B 57 -6.73 -33.65 -42.86
C ASP B 57 -6.75 -32.47 -43.83
N PHE B 58 -5.63 -32.27 -44.53
CA PHE B 58 -5.50 -31.16 -45.45
C PHE B 58 -5.29 -31.61 -46.89
N LYS B 59 -4.70 -32.79 -47.07
CA LYS B 59 -4.28 -33.25 -48.39
C LYS B 59 -5.47 -33.23 -49.34
N ASP B 60 -5.32 -32.44 -50.41
CA ASP B 60 -6.30 -32.34 -51.49
C ASP B 60 -7.66 -31.83 -51.01
N LYS B 61 -7.64 -31.03 -49.96
CA LYS B 61 -8.85 -30.50 -49.37
C LYS B 61 -8.95 -29.00 -49.64
N ILE B 62 -10.13 -28.45 -49.37
CA ILE B 62 -10.39 -27.02 -49.50
C ILE B 62 -10.32 -26.40 -48.10
N VAL B 63 -9.54 -25.34 -47.95
CA VAL B 63 -9.27 -24.72 -46.66
C VAL B 63 -9.69 -23.26 -46.64
N LEU B 64 -10.23 -22.82 -45.49
CA LEU B 64 -10.46 -21.42 -45.22
C LEU B 64 -9.54 -20.96 -44.07
N ASP B 65 -8.74 -19.94 -44.31
CA ASP B 65 -7.87 -19.37 -43.26
C ASP B 65 -8.48 -18.03 -42.80
N VAL B 66 -9.01 -18.00 -41.58
CA VAL B 66 -9.73 -16.83 -41.11
C VAL B 66 -8.82 -15.85 -40.37
N GLY B 67 -8.61 -14.67 -40.95
CA GLY B 67 -7.73 -13.69 -40.33
C GLY B 67 -6.28 -14.07 -40.54
N CYS B 68 -5.90 -14.27 -41.79
CA CYS B 68 -4.63 -14.91 -42.15
C CYS B 68 -3.41 -14.03 -41.95
N GLY B 69 -3.61 -12.72 -41.77
CA GLY B 69 -2.48 -11.83 -41.61
C GLY B 69 -1.54 -11.98 -42.80
N SER B 70 -0.26 -12.23 -42.54
CA SER B 70 0.76 -12.35 -43.59
C SER B 70 0.65 -13.69 -44.32
N GLY B 71 -0.14 -14.62 -43.77
CA GLY B 71 -0.50 -15.83 -44.50
C GLY B 71 0.12 -17.10 -43.99
N ILE B 72 0.82 -17.01 -42.87
CA ILE B 72 1.67 -18.12 -42.44
C ILE B 72 0.90 -19.44 -42.34
N LEU B 73 -0.31 -19.41 -41.78
CA LEU B 73 -1.08 -20.64 -41.63
C LEU B 73 -1.50 -21.21 -42.97
N SER B 74 -1.78 -20.34 -43.94
CA SER B 74 -2.12 -20.79 -45.27
C SER B 74 -0.94 -21.47 -45.89
N PHE B 75 0.27 -20.99 -45.62
CA PHE B 75 1.47 -21.67 -46.15
C PHE B 75 1.63 -23.03 -45.52
N PHE B 76 1.35 -23.16 -44.23
CA PHE B 76 1.39 -24.49 -43.61
C PHE B 76 0.35 -25.45 -44.23
N ALA B 77 -0.84 -24.95 -44.51
CA ALA B 77 -1.87 -25.77 -45.17
C ALA B 77 -1.42 -26.20 -46.56
N ALA B 78 -0.77 -25.31 -47.30
CA ALA B 78 -0.21 -25.65 -48.59
C ALA B 78 0.90 -26.70 -48.46
N GLN B 79 1.71 -26.61 -47.39
CA GLN B 79 2.76 -27.58 -47.18
C GLN B 79 2.14 -28.96 -46.95
N ALA B 80 1.00 -28.98 -46.28
CA ALA B 80 0.32 -30.22 -45.97
C ALA B 80 -0.46 -30.79 -47.16
N GLY B 81 -0.50 -30.07 -48.27
CA GLY B 81 -1.05 -30.62 -49.49
C GLY B 81 -2.42 -30.10 -49.89
N ALA B 82 -2.89 -29.01 -49.28
CA ALA B 82 -4.24 -28.54 -49.54
C ALA B 82 -4.39 -28.18 -51.01
N ARG B 83 -5.54 -28.56 -51.58
CA ARG B 83 -5.82 -28.26 -52.98
C ARG B 83 -6.08 -26.77 -53.17
N LYS B 84 -6.85 -26.18 -52.26
CA LYS B 84 -7.19 -24.77 -52.38
C LYS B 84 -7.34 -24.14 -51.00
N ILE B 85 -6.75 -22.98 -50.81
CA ILE B 85 -6.84 -22.28 -49.54
C ILE B 85 -7.38 -20.87 -49.77
N TYR B 86 -8.48 -20.53 -49.10
CA TYR B 86 -9.01 -19.18 -49.15
C TYR B 86 -8.53 -18.49 -47.90
N ALA B 87 -7.74 -17.45 -48.08
CA ALA B 87 -7.15 -16.74 -46.97
C ALA B 87 -7.81 -15.39 -46.82
N VAL B 88 -8.64 -15.26 -45.79
CA VAL B 88 -9.42 -14.04 -45.61
C VAL B 88 -8.77 -13.15 -44.56
N GLU B 89 -8.69 -11.86 -44.87
CA GLU B 89 -8.00 -10.91 -44.00
C GLU B 89 -8.54 -9.51 -44.26
N ALA B 90 -8.92 -8.83 -43.19
CA ALA B 90 -9.61 -7.54 -43.32
C ALA B 90 -8.67 -6.35 -43.23
N SER B 91 -7.45 -6.53 -42.75
CA SER B 91 -6.50 -5.42 -42.68
C SER B 91 -5.74 -5.26 -43.98
N THR B 92 -4.93 -4.20 -44.09
CA THR B 92 -4.08 -3.99 -45.25
C THR B 92 -2.97 -5.05 -45.38
N MET B 93 -2.83 -5.88 -44.36
CA MET B 93 -1.85 -6.97 -44.39
C MET B 93 -2.21 -7.96 -45.51
N ALA B 94 -3.47 -7.96 -45.96
CA ALA B 94 -3.90 -8.81 -47.08
C ALA B 94 -3.02 -8.62 -48.32
N GLN B 95 -2.65 -7.38 -48.58
CA GLN B 95 -1.78 -7.06 -49.69
C GLN B 95 -0.37 -7.65 -49.54
N HIS B 96 0.16 -7.68 -48.33
CA HIS B 96 1.47 -8.25 -48.09
C HIS B 96 1.37 -9.77 -48.20
N ALA B 97 0.27 -10.32 -47.72
CA ALA B 97 0.02 -11.74 -47.91
C ALA B 97 0.10 -12.13 -49.39
N GLU B 98 -0.55 -11.34 -50.25
CA GLU B 98 -0.57 -11.61 -51.69
C GLU B 98 0.83 -11.61 -52.27
N VAL B 99 1.66 -10.66 -51.84
CA VAL B 99 3.06 -10.58 -52.26
C VAL B 99 3.81 -11.85 -51.90
N LEU B 100 3.59 -12.40 -50.70
CA LEU B 100 4.28 -13.62 -50.29
C LEU B 100 3.75 -14.83 -51.07
N VAL B 101 2.46 -14.85 -51.35
CA VAL B 101 1.90 -15.95 -52.12
C VAL B 101 2.61 -16.01 -53.48
N LYS B 102 2.77 -14.87 -54.14
CA LYS B 102 3.44 -14.81 -55.44
C LYS B 102 4.93 -15.12 -55.35
N SER B 103 5.62 -14.56 -54.38
CA SER B 103 7.06 -14.80 -54.27
C SER B 103 7.37 -16.24 -53.84
N ASN B 104 6.41 -16.91 -53.25
CA ASN B 104 6.59 -18.32 -52.92
C ASN B 104 5.98 -19.26 -53.97
N ASN B 105 5.57 -18.71 -55.11
CA ASN B 105 5.03 -19.51 -56.22
C ASN B 105 3.85 -20.39 -55.82
N LEU B 106 2.91 -19.81 -55.06
CA LEU B 106 1.74 -20.55 -54.61
C LEU B 106 0.42 -19.93 -55.07
N THR B 107 0.47 -19.18 -56.15
CA THR B 107 -0.70 -18.49 -56.70
C THR B 107 -1.80 -19.45 -57.16
N ASP B 108 -1.43 -20.69 -57.46
CA ASP B 108 -2.39 -21.69 -57.92
C ASP B 108 -3.13 -22.38 -56.77
N ARG B 109 -2.75 -22.05 -55.53
CA ARG B 109 -3.30 -22.74 -54.38
C ARG B 109 -3.80 -21.81 -53.28
N ILE B 110 -3.10 -20.71 -53.03
CA ILE B 110 -3.56 -19.79 -51.99
C ILE B 110 -4.22 -18.56 -52.61
N VAL B 111 -5.48 -18.35 -52.25
CA VAL B 111 -6.23 -17.23 -52.78
C VAL B 111 -6.57 -16.27 -51.64
N VAL B 112 -5.89 -15.13 -51.63
CA VAL B 112 -6.21 -14.09 -50.67
C VAL B 112 -7.52 -13.41 -51.05
N ILE B 113 -8.45 -13.32 -50.10
CA ILE B 113 -9.73 -12.66 -50.27
C ILE B 113 -9.83 -11.56 -49.24
N PRO B 114 -9.61 -10.31 -49.63
CA PRO B 114 -9.57 -9.23 -48.64
C PRO B 114 -10.96 -8.88 -48.12
N GLY B 115 -11.04 -8.48 -46.86
CA GLY B 115 -12.33 -8.16 -46.27
C GLY B 115 -12.60 -8.93 -44.98
N LYS B 116 -13.74 -8.65 -44.40
CA LYS B 116 -14.15 -9.30 -43.16
C LYS B 116 -14.83 -10.62 -43.48
N VAL B 117 -14.53 -11.66 -42.70
CA VAL B 117 -15.10 -12.97 -42.98
C VAL B 117 -16.64 -12.92 -42.95
N GLU B 118 -17.21 -11.97 -42.21
CA GLU B 118 -18.67 -11.77 -42.16
C GLU B 118 -19.23 -11.07 -43.41
N GLU B 119 -18.36 -10.60 -44.29
CA GLU B 119 -18.79 -9.75 -45.41
C GLU B 119 -18.31 -10.27 -46.76
N VAL B 120 -17.22 -11.05 -46.80
CA VAL B 120 -16.72 -11.54 -48.09
C VAL B 120 -17.65 -12.62 -48.63
N SER B 121 -17.46 -12.97 -49.90
CA SER B 121 -18.22 -14.07 -50.51
C SER B 121 -17.24 -15.12 -50.99
N LEU B 122 -17.33 -16.33 -50.45
CA LEU B 122 -16.40 -17.39 -50.83
C LEU B 122 -16.96 -18.19 -51.98
N PRO B 123 -16.09 -18.67 -52.88
CA PRO B 123 -16.56 -19.43 -54.05
C PRO B 123 -17.14 -20.80 -53.76
N GLU B 124 -16.87 -21.37 -52.59
CA GLU B 124 -17.34 -22.73 -52.30
C GLU B 124 -17.24 -23.05 -50.82
N GLN B 125 -17.78 -24.20 -50.44
CA GLN B 125 -17.72 -24.67 -49.06
C GLN B 125 -16.35 -25.32 -48.83
N VAL B 126 -15.89 -25.34 -47.58
CA VAL B 126 -14.56 -25.84 -47.29
C VAL B 126 -14.61 -27.06 -46.38
N ASP B 127 -13.55 -27.87 -46.45
CA ASP B 127 -13.41 -29.06 -45.65
C ASP B 127 -12.93 -28.75 -44.24
N ILE B 128 -12.17 -27.67 -44.09
CA ILE B 128 -11.60 -27.32 -42.79
C ILE B 128 -11.33 -25.82 -42.69
N ILE B 129 -11.51 -25.29 -41.49
CA ILE B 129 -11.23 -23.90 -41.20
C ILE B 129 -10.02 -23.85 -40.26
N ILE B 130 -9.05 -22.98 -40.57
CA ILE B 130 -7.90 -22.76 -39.71
C ILE B 130 -7.86 -21.29 -39.33
N SER B 131 -7.37 -20.98 -38.13
CA SER B 131 -7.31 -19.61 -37.65
C SER B 131 -6.55 -19.56 -36.35
N GLU B 132 -6.14 -18.36 -35.98
CA GLU B 132 -5.64 -18.06 -34.65
C GLU B 132 -6.53 -17.01 -34.02
N PRO B 133 -7.70 -17.43 -33.57
CA PRO B 133 -8.70 -16.45 -33.10
C PRO B 133 -8.55 -16.06 -31.65
N MET B 134 -7.49 -16.52 -30.98
CA MET B 134 -7.31 -16.31 -29.52
C MET B 134 -6.64 -14.97 -29.19
N GLY B 135 -7.27 -14.17 -28.35
CA GLY B 135 -6.61 -12.99 -27.80
C GLY B 135 -6.16 -13.25 -26.37
N TYR B 136 -5.74 -12.20 -25.66
CA TYR B 136 -5.48 -12.32 -24.23
C TYR B 136 -6.70 -12.93 -23.59
N MET B 137 -6.49 -13.75 -22.56
CA MET B 137 -7.57 -14.47 -21.87
C MET B 137 -8.45 -15.28 -22.82
N LEU B 138 -7.91 -15.58 -24.01
CA LEU B 138 -8.63 -16.28 -25.05
C LEU B 138 -9.68 -15.40 -25.76
N PHE B 139 -10.52 -14.71 -24.99
CA PHE B 139 -11.71 -14.09 -25.57
C PHE B 139 -11.54 -12.67 -26.09
N ASN B 140 -10.47 -11.98 -25.70
CA ASN B 140 -10.27 -10.60 -26.15
C ASN B 140 -10.20 -10.56 -27.68
N GLU B 141 -10.70 -9.45 -28.26
CA GLU B 141 -10.76 -9.16 -29.69
C GLU B 141 -12.06 -9.69 -30.33
N ARG B 142 -12.76 -10.56 -29.61
CA ARG B 142 -14.00 -11.19 -30.07
C ARG B 142 -13.82 -11.88 -31.43
N MET B 143 -12.61 -12.37 -31.68
N MET B 143 -12.61 -12.37 -31.71
CA MET B 143 -12.30 -13.01 -32.94
CA MET B 143 -12.40 -13.00 -33.00
C MET B 143 -12.90 -14.42 -33.01
C MET B 143 -12.93 -14.43 -33.02
N LEU B 144 -13.09 -15.04 -31.85
CA LEU B 144 -13.73 -16.35 -31.80
C LEU B 144 -15.11 -16.32 -32.45
N GLU B 145 -15.79 -15.18 -32.39
CA GLU B 145 -17.12 -15.08 -32.98
C GLU B 145 -17.03 -15.03 -34.50
N SER B 146 -15.98 -14.41 -35.03
CA SER B 146 -15.77 -14.43 -36.47
C SER B 146 -15.44 -15.87 -36.92
N TYR B 147 -14.63 -16.56 -36.10
CA TYR B 147 -14.23 -17.93 -36.36
C TYR B 147 -15.47 -18.83 -36.46
N LEU B 148 -16.39 -18.69 -35.51
CA LEU B 148 -17.60 -19.48 -35.49
C LEU B 148 -18.54 -19.07 -36.61
N HIS B 149 -18.60 -17.77 -36.88
CA HIS B 149 -19.41 -17.26 -37.98
C HIS B 149 -19.07 -17.94 -39.32
N ALA B 150 -17.76 -18.19 -39.51
CA ALA B 150 -17.21 -18.74 -40.74
C ALA B 150 -17.67 -20.17 -40.97
N LYS B 151 -18.24 -20.79 -39.95
CA LYS B 151 -18.76 -22.15 -40.10
C LYS B 151 -19.91 -22.21 -41.11
N LYS B 152 -20.46 -21.05 -41.48
CA LYS B 152 -21.46 -21.06 -42.54
C LYS B 152 -20.83 -21.62 -43.84
N TYR B 153 -19.51 -21.57 -43.94
CA TYR B 153 -18.82 -22.09 -45.12
C TYR B 153 -18.32 -23.52 -44.95
N LEU B 154 -18.54 -24.10 -43.78
CA LEU B 154 -17.97 -25.40 -43.48
C LEU B 154 -18.93 -26.53 -43.89
N LYS B 155 -18.42 -27.50 -44.64
CA LYS B 155 -19.18 -28.70 -44.95
C LYS B 155 -19.59 -29.40 -43.65
N PRO B 156 -20.71 -30.14 -43.69
CA PRO B 156 -21.18 -30.88 -42.51
C PRO B 156 -20.13 -31.78 -41.89
N SER B 157 -19.31 -32.40 -42.72
CA SER B 157 -18.28 -33.29 -42.22
C SER B 157 -16.97 -32.56 -41.91
N GLY B 158 -17.01 -31.23 -41.82
CA GLY B 158 -15.82 -30.41 -41.76
C GLY B 158 -15.15 -30.30 -40.40
N ASN B 159 -13.89 -29.85 -40.37
CA ASN B 159 -13.19 -29.76 -39.11
C ASN B 159 -12.76 -28.31 -38.88
N MET B 160 -12.33 -28.02 -37.66
CA MET B 160 -11.79 -26.72 -37.34
C MET B 160 -10.52 -26.89 -36.53
N PHE B 161 -9.53 -26.09 -36.90
CA PHE B 161 -8.21 -26.05 -36.27
C PHE B 161 -7.90 -24.63 -35.80
N PRO B 162 -7.95 -24.37 -34.49
CA PRO B 162 -8.20 -25.27 -33.35
C PRO B 162 -9.64 -25.78 -33.23
N THR B 163 -9.81 -26.94 -32.59
CA THR B 163 -11.10 -27.60 -32.48
C THR B 163 -11.82 -27.21 -31.18
N ILE B 164 -11.07 -27.12 -30.09
CA ILE B 164 -11.61 -26.72 -28.79
C ILE B 164 -10.67 -25.77 -28.11
N GLY B 165 -11.21 -25.04 -27.13
CA GLY B 165 -10.47 -24.11 -26.32
C GLY B 165 -10.83 -24.28 -24.85
N ASP B 166 -9.82 -24.42 -24.02
CA ASP B 166 -10.00 -24.61 -22.58
C ASP B 166 -9.52 -23.37 -21.84
N VAL B 167 -10.42 -22.70 -21.10
CA VAL B 167 -10.02 -21.63 -20.20
C VAL B 167 -9.74 -22.20 -18.80
N HIS B 168 -8.58 -21.86 -18.24
CA HIS B 168 -8.21 -22.26 -16.88
C HIS B 168 -8.20 -21.06 -15.98
N LEU B 169 -8.70 -21.23 -14.77
CA LEU B 169 -8.59 -20.18 -13.78
C LEU B 169 -8.27 -20.76 -12.42
N ALA B 170 -7.49 -20.03 -11.63
CA ALA B 170 -7.14 -20.49 -10.30
C ALA B 170 -6.83 -19.30 -9.41
N PRO B 171 -7.16 -19.40 -8.10
CA PRO B 171 -6.83 -18.34 -7.16
C PRO B 171 -5.33 -18.23 -6.94
N PHE B 172 -4.82 -17.01 -6.74
CA PHE B 172 -3.40 -16.78 -6.48
C PHE B 172 -3.22 -15.82 -5.32
N THR B 173 -2.01 -15.83 -4.75
CA THR B 173 -1.60 -14.89 -3.73
C THR B 173 -0.39 -14.12 -4.28
N ASP B 174 -0.41 -12.79 -4.16
CA ASP B 174 0.69 -11.97 -4.62
C ASP B 174 0.56 -10.57 -4.03
N GLU B 175 1.03 -10.42 -2.80
CA GLU B 175 0.90 -9.15 -2.08
C GLU B 175 1.66 -8.05 -2.79
N GLN B 176 2.77 -8.38 -3.44
CA GLN B 176 3.53 -7.34 -4.11
C GLN B 176 2.74 -6.74 -5.29
N LEU B 177 2.08 -7.57 -6.09
CA LEU B 177 1.23 -7.07 -7.17
C LEU B 177 0.10 -6.20 -6.62
N TYR B 178 -0.61 -6.73 -5.62
CA TYR B 178 -1.68 -5.97 -4.98
C TYR B 178 -1.20 -4.62 -4.46
N MET B 179 0.00 -4.58 -3.90
CA MET B 179 0.55 -3.35 -3.36
C MET B 179 0.96 -2.37 -4.45
N GLU B 180 1.47 -2.89 -5.56
CA GLU B 180 1.86 -2.04 -6.68
C GLU B 180 0.69 -1.18 -7.15
N GLN B 181 -0.48 -1.80 -7.30
CA GLN B 181 -1.65 -1.11 -7.84
C GLN B 181 -2.23 -0.11 -6.83
N PHE B 182 -2.07 -0.39 -5.56
CA PHE B 182 -2.58 0.53 -4.55
C PHE B 182 -1.62 1.70 -4.36
N THR B 183 -0.34 1.45 -4.58
CA THR B 183 0.66 2.51 -4.50
C THR B 183 0.38 3.53 -5.60
N LYS B 184 -0.11 3.06 -6.73
CA LYS B 184 -0.45 3.94 -7.85
C LYS B 184 -1.66 4.80 -7.51
N ALA B 185 -2.69 4.18 -6.94
CA ALA B 185 -3.93 4.88 -6.62
C ALA B 185 -3.75 5.84 -5.45
N ASN B 186 -2.75 5.59 -4.61
CA ASN B 186 -2.52 6.42 -3.43
C ASN B 186 -2.33 7.87 -3.85
N PHE B 187 -1.90 8.08 -5.09
CA PHE B 187 -1.66 9.42 -5.60
C PHE B 187 -2.87 10.32 -5.41
N TRP B 188 -4.05 9.74 -5.60
CA TRP B 188 -5.31 10.49 -5.59
C TRP B 188 -5.91 10.59 -4.18
N TYR B 189 -5.11 10.28 -3.15
CA TYR B 189 -5.52 10.51 -1.77
C TYR B 189 -4.97 11.85 -1.30
N GLN B 190 -4.02 12.39 -2.04
CA GLN B 190 -3.36 13.64 -1.66
C GLN B 190 -4.34 14.77 -1.32
N PRO B 191 -4.23 15.36 -0.11
CA PRO B 191 -5.10 16.48 0.22
C PRO B 191 -4.57 17.81 -0.27
N SER B 192 -3.30 17.85 -0.67
CA SER B 192 -2.74 19.08 -1.20
C SER B 192 -1.62 18.87 -2.21
N PHE B 193 -2.00 18.42 -3.39
CA PHE B 193 -1.10 18.35 -4.53
C PHE B 193 -1.00 19.74 -5.15
N HIS B 194 0.13 20.40 -4.94
CA HIS B 194 0.31 21.77 -5.43
C HIS B 194 -0.84 22.65 -4.94
N GLY B 195 -1.32 22.37 -3.74
CA GLY B 195 -2.39 23.16 -3.15
C GLY B 195 -3.79 22.73 -3.56
N VAL B 196 -3.91 21.62 -4.29
CA VAL B 196 -5.21 21.10 -4.71
C VAL B 196 -5.52 19.81 -3.96
N ASP B 197 -6.73 19.71 -3.43
CA ASP B 197 -7.17 18.49 -2.74
C ASP B 197 -7.72 17.50 -3.76
N LEU B 198 -7.06 16.35 -3.89
CA LEU B 198 -7.42 15.35 -4.90
C LEU B 198 -8.29 14.23 -4.35
N SER B 199 -8.34 14.12 -3.02
CA SER B 199 -8.85 12.93 -2.33
C SER B 199 -10.26 12.48 -2.71
N ALA B 200 -11.10 13.42 -3.14
CA ALA B 200 -12.45 13.08 -3.55
C ALA B 200 -12.45 12.08 -4.72
N LEU B 201 -11.36 12.04 -5.48
CA LEU B 201 -11.26 11.11 -6.59
C LEU B 201 -10.57 9.78 -6.25
N ARG B 202 -10.24 9.56 -4.98
CA ARG B 202 -9.47 8.37 -4.60
C ARG B 202 -10.24 7.08 -4.89
N GLY B 203 -11.53 7.09 -4.64
CA GLY B 203 -12.36 5.94 -4.96
C GLY B 203 -12.35 5.63 -6.45
N ALA B 204 -12.58 6.65 -7.26
CA ALA B 204 -12.57 6.48 -8.73
C ALA B 204 -11.23 5.94 -9.21
N ALA B 205 -10.15 6.39 -8.59
CA ALA B 205 -8.82 5.95 -9.01
C ALA B 205 -8.64 4.47 -8.72
N VAL B 206 -8.98 4.06 -7.50
CA VAL B 206 -8.82 2.66 -7.12
C VAL B 206 -9.61 1.78 -8.09
N ASP B 207 -10.85 2.15 -8.37
CA ASP B 207 -11.67 1.41 -9.31
C ASP B 207 -10.99 1.29 -10.67
N GLU B 208 -10.40 2.38 -11.15
CA GLU B 208 -9.78 2.38 -12.46
C GLU B 208 -8.53 1.48 -12.47
N TYR B 209 -7.71 1.59 -11.44
CA TYR B 209 -6.48 0.82 -11.44
C TYR B 209 -6.75 -0.67 -11.29
N PHE B 210 -7.79 -1.02 -10.53
CA PHE B 210 -8.12 -2.43 -10.33
C PHE B 210 -9.00 -2.99 -11.46
N ARG B 211 -9.41 -2.14 -12.40
CA ARG B 211 -10.13 -2.62 -13.59
C ARG B 211 -9.18 -3.22 -14.63
N GLN B 212 -7.89 -3.00 -14.45
CA GLN B 212 -6.90 -3.45 -15.41
C GLN B 212 -6.48 -4.88 -15.15
N PRO B 213 -6.82 -5.80 -16.07
CA PRO B 213 -6.24 -7.12 -15.92
C PRO B 213 -4.74 -7.01 -16.06
N VAL B 214 -4.00 -7.87 -15.39
CA VAL B 214 -2.54 -7.79 -15.37
C VAL B 214 -1.98 -8.87 -16.28
N VAL B 215 -1.26 -8.48 -17.32
CA VAL B 215 -0.68 -9.44 -18.25
C VAL B 215 0.79 -9.58 -17.94
N ASP B 216 1.20 -10.80 -17.56
CA ASP B 216 2.60 -11.12 -17.32
C ASP B 216 2.64 -12.56 -16.87
N THR B 217 3.81 -13.08 -16.53
CA THR B 217 3.88 -14.45 -16.08
C THR B 217 4.22 -14.46 -14.60
N PHE B 218 4.20 -15.64 -14.00
CA PHE B 218 4.43 -15.77 -12.56
C PHE B 218 4.87 -17.18 -12.19
N ASP B 219 5.38 -17.32 -10.97
CA ASP B 219 5.77 -18.61 -10.44
C ASP B 219 4.52 -19.40 -10.07
N ILE B 220 4.47 -20.66 -10.48
CA ILE B 220 3.30 -21.49 -10.21
C ILE B 220 3.04 -21.71 -8.72
N ARG B 221 3.99 -21.32 -7.88
CA ARG B 221 3.83 -21.50 -6.44
C ARG B 221 2.89 -20.47 -5.82
N ILE B 222 2.50 -19.44 -6.57
CA ILE B 222 1.54 -18.46 -6.05
C ILE B 222 0.10 -18.97 -6.17
N LEU B 223 -0.08 -20.06 -6.88
CA LEU B 223 -1.41 -20.65 -7.07
C LEU B 223 -1.82 -21.44 -5.85
N MET B 224 -3.04 -21.19 -5.36
CA MET B 224 -3.48 -21.72 -4.07
C MET B 224 -4.51 -22.84 -4.18
N ALA B 225 -4.81 -23.27 -5.40
CA ALA B 225 -5.75 -24.37 -5.62
C ALA B 225 -5.58 -24.90 -7.02
N LYS B 226 -6.11 -26.09 -7.28
CA LYS B 226 -6.11 -26.66 -8.62
C LYS B 226 -7.04 -25.85 -9.53
N SER B 227 -6.61 -25.64 -10.78
CA SER B 227 -7.38 -24.80 -11.68
C SER B 227 -8.73 -25.42 -12.03
N VAL B 228 -9.70 -24.57 -12.31
CA VAL B 228 -10.99 -24.99 -12.86
C VAL B 228 -10.95 -24.77 -14.38
N LYS B 229 -11.58 -25.66 -15.13
CA LYS B 229 -11.52 -25.64 -16.60
C LYS B 229 -12.87 -25.31 -17.22
N TYR B 230 -12.89 -24.34 -18.11
CA TYR B 230 -14.08 -24.04 -18.88
C TYR B 230 -13.78 -24.29 -20.36
N THR B 231 -14.55 -25.17 -20.98
CA THR B 231 -14.25 -25.63 -22.33
C THR B 231 -15.23 -25.10 -23.34
N VAL B 232 -14.68 -24.50 -24.39
CA VAL B 232 -15.46 -24.06 -25.53
C VAL B 232 -15.18 -24.97 -26.74
N ASN B 233 -16.22 -25.64 -27.23
CA ASN B 233 -16.08 -26.52 -28.39
C ASN B 233 -16.46 -25.78 -29.67
N PHE B 234 -15.46 -25.49 -30.48
CA PHE B 234 -15.65 -24.63 -31.66
C PHE B 234 -16.48 -25.30 -32.75
N LEU B 235 -16.49 -26.63 -32.80
CA LEU B 235 -17.33 -27.32 -33.76
C LEU B 235 -18.81 -27.20 -33.43
N GLU B 236 -19.11 -27.01 -32.15
CA GLU B 236 -20.48 -27.07 -31.66
C GLU B 236 -21.03 -25.70 -31.34
N ALA B 237 -20.16 -24.79 -30.91
CA ALA B 237 -20.62 -23.52 -30.39
C ALA B 237 -21.19 -22.66 -31.51
N LYS B 238 -22.09 -21.75 -31.12
CA LYS B 238 -22.70 -20.78 -32.01
C LYS B 238 -22.22 -19.40 -31.59
N GLU B 239 -22.12 -18.50 -32.56
CA GLU B 239 -21.76 -17.10 -32.32
C GLU B 239 -22.42 -16.50 -31.09
N GLY B 240 -23.73 -16.70 -31.01
CA GLY B 240 -24.52 -16.15 -29.93
C GLY B 240 -24.09 -16.62 -28.56
N ASP B 241 -23.43 -17.78 -28.51
CA ASP B 241 -22.98 -18.36 -27.25
C ASP B 241 -21.89 -17.52 -26.59
N LEU B 242 -21.20 -16.69 -27.36
CA LEU B 242 -20.07 -15.95 -26.83
C LEU B 242 -20.44 -14.52 -26.43
N HIS B 243 -21.73 -14.18 -26.49
CA HIS B 243 -22.13 -12.85 -26.08
C HIS B 243 -22.18 -12.76 -24.55
N ARG B 244 -22.52 -13.88 -23.91
CA ARG B 244 -22.52 -13.98 -22.47
C ARG B 244 -21.86 -15.29 -22.06
N ILE B 245 -20.72 -15.20 -21.40
CA ILE B 245 -19.96 -16.38 -21.02
C ILE B 245 -19.92 -16.41 -19.49
N GLU B 246 -20.54 -17.44 -18.92
CA GLU B 246 -20.64 -17.55 -17.48
C GLU B 246 -19.85 -18.77 -17.01
N ILE B 247 -18.76 -18.53 -16.29
CA ILE B 247 -17.87 -19.57 -15.80
C ILE B 247 -17.97 -19.72 -14.28
N PRO B 248 -18.77 -20.68 -13.81
CA PRO B 248 -18.84 -20.93 -12.38
C PRO B 248 -17.63 -21.69 -11.90
N PHE B 249 -17.21 -21.47 -10.66
CA PHE B 249 -16.03 -22.15 -10.16
C PHE B 249 -16.21 -22.49 -8.68
N LYS B 250 -15.49 -23.53 -8.25
CA LYS B 250 -15.44 -23.92 -6.85
C LYS B 250 -14.07 -24.50 -6.63
N PHE B 251 -13.26 -23.79 -5.87
CA PHE B 251 -11.89 -24.22 -5.61
C PHE B 251 -11.80 -24.89 -4.26
N HIS B 252 -11.03 -25.97 -4.20
CA HIS B 252 -10.66 -26.55 -2.91
C HIS B 252 -9.27 -26.03 -2.56
N MET B 253 -9.22 -25.09 -1.61
CA MET B 253 -7.97 -24.42 -1.28
C MET B 253 -6.94 -25.39 -0.71
N LEU B 254 -5.74 -25.37 -1.29
CA LEU B 254 -4.66 -26.28 -0.91
C LEU B 254 -3.67 -25.62 0.04
N HIS B 255 -3.78 -24.30 0.17
CA HIS B 255 -2.91 -23.54 1.04
C HIS B 255 -3.71 -22.45 1.76
N SER B 256 -3.24 -22.07 2.95
CA SER B 256 -3.85 -20.97 3.67
C SER B 256 -3.24 -19.65 3.24
N GLY B 257 -4.02 -18.58 3.29
CA GLY B 257 -3.50 -17.26 3.03
C GLY B 257 -4.47 -16.33 2.34
N LEU B 258 -3.99 -15.15 2.00
CA LEU B 258 -4.79 -14.18 1.28
C LEU B 258 -4.85 -14.49 -0.21
N VAL B 259 -6.07 -14.58 -0.74
CA VAL B 259 -6.29 -14.69 -2.17
C VAL B 259 -6.45 -13.27 -2.73
N HIS B 260 -5.53 -12.87 -3.60
CA HIS B 260 -5.58 -11.54 -4.18
C HIS B 260 -6.28 -11.49 -5.52
N GLY B 261 -6.63 -12.64 -6.08
CA GLY B 261 -7.33 -12.66 -7.34
C GLY B 261 -7.37 -14.01 -8.04
N LEU B 262 -7.75 -13.99 -9.30
CA LEU B 262 -7.78 -15.20 -10.13
C LEU B 262 -6.79 -15.05 -11.27
N ALA B 263 -6.07 -16.14 -11.54
CA ALA B 263 -5.15 -16.20 -12.64
C ALA B 263 -5.83 -16.95 -13.79
N PHE B 264 -5.59 -16.50 -15.02
CA PHE B 264 -6.20 -17.09 -16.21
C PHE B 264 -5.16 -17.47 -17.23
N TRP B 265 -5.38 -18.62 -17.86
CA TRP B 265 -4.64 -19.03 -19.04
C TRP B 265 -5.57 -19.91 -19.88
N PHE B 266 -5.12 -20.29 -21.07
CA PHE B 266 -5.92 -21.16 -21.90
C PHE B 266 -5.07 -22.17 -22.66
N ASP B 267 -5.69 -23.30 -23.00
CA ASP B 267 -5.14 -24.26 -23.95
C ASP B 267 -6.09 -24.38 -25.15
N VAL B 268 -5.55 -24.53 -26.37
CA VAL B 268 -6.36 -24.94 -27.52
C VAL B 268 -5.85 -26.28 -28.01
N ALA B 269 -6.77 -27.13 -28.45
CA ALA B 269 -6.42 -28.42 -29.03
C ALA B 269 -6.79 -28.48 -30.52
N PHE B 270 -5.85 -28.98 -31.33
CA PHE B 270 -6.12 -29.31 -32.72
C PHE B 270 -6.38 -30.81 -32.81
N ILE B 271 -7.63 -31.20 -33.04
CA ILE B 271 -8.01 -32.60 -32.97
C ILE B 271 -8.10 -33.11 -34.38
N GLY B 272 -6.98 -33.64 -34.88
CA GLY B 272 -6.90 -34.13 -36.23
C GLY B 272 -7.16 -35.62 -36.30
N SER B 273 -7.07 -36.16 -37.51
CA SER B 273 -7.32 -37.57 -37.71
C SER B 273 -6.15 -38.44 -37.26
N ILE B 274 -4.94 -37.88 -37.29
CA ILE B 274 -3.75 -38.64 -36.94
C ILE B 274 -3.41 -38.43 -35.47
N MET B 275 -3.50 -37.18 -35.00
CA MET B 275 -3.22 -36.93 -33.60
C MET B 275 -3.77 -35.59 -33.09
N THR B 276 -3.92 -35.51 -31.78
CA THR B 276 -4.32 -34.25 -31.16
C THR B 276 -3.07 -33.49 -30.73
N VAL B 277 -2.97 -32.24 -31.14
CA VAL B 277 -1.85 -31.39 -30.78
C VAL B 277 -2.37 -30.26 -29.92
N TRP B 278 -1.68 -30.05 -28.80
CA TRP B 278 -2.11 -29.07 -27.81
C TRP B 278 -1.18 -27.85 -27.86
N LEU B 279 -1.78 -26.67 -27.82
CA LEU B 279 -1.04 -25.44 -27.62
C LEU B 279 -1.48 -24.86 -26.28
N SER B 280 -0.54 -24.73 -25.35
CA SER B 280 -0.87 -24.29 -23.98
C SER B 280 -0.20 -22.96 -23.66
N THR B 281 -0.91 -22.09 -22.95
CA THR B 281 -0.31 -20.86 -22.39
C THR B 281 -0.21 -20.93 -20.87
N ALA B 282 -0.27 -22.15 -20.34
CA ALA B 282 -0.20 -22.35 -18.89
C ALA B 282 1.15 -21.90 -18.31
N PRO B 283 1.16 -21.48 -17.04
CA PRO B 283 2.42 -21.04 -16.41
C PRO B 283 3.40 -22.18 -16.16
N THR B 284 2.96 -23.42 -16.34
CA THR B 284 3.86 -24.57 -16.28
C THR B 284 4.48 -24.88 -17.63
N GLU B 285 4.15 -24.08 -18.64
CA GLU B 285 4.65 -24.33 -19.99
C GLU B 285 5.53 -23.16 -20.41
N PRO B 286 6.32 -23.34 -21.49
CA PRO B 286 7.16 -22.26 -21.98
C PRO B 286 6.35 -21.01 -22.30
N LEU B 287 6.89 -19.85 -21.98
CA LEU B 287 6.18 -18.59 -22.17
C LEU B 287 5.84 -18.35 -23.63
N THR B 288 4.64 -17.83 -23.87
CA THR B 288 4.19 -17.37 -25.17
C THR B 288 3.90 -15.87 -25.09
N HIS B 289 3.59 -15.27 -26.23
CA HIS B 289 3.29 -13.85 -26.28
C HIS B 289 1.91 -13.57 -25.65
N TRP B 290 1.18 -14.63 -25.31
CA TRP B 290 -0.08 -14.49 -24.57
C TRP B 290 0.16 -14.36 -23.07
N TYR B 291 1.32 -14.83 -22.62
CA TYR B 291 1.65 -14.83 -21.19
C TYR B 291 0.52 -15.50 -20.42
N GLN B 292 0.20 -14.92 -19.27
CA GLN B 292 -0.95 -15.28 -18.44
C GLN B 292 -1.62 -13.98 -17.98
N VAL B 293 -2.84 -14.09 -17.46
CA VAL B 293 -3.64 -12.92 -17.08
C VAL B 293 -4.13 -13.04 -15.64
N ARG B 294 -3.94 -12.00 -14.83
CA ARG B 294 -4.45 -12.00 -13.47
C ARG B 294 -5.43 -10.86 -13.24
N CYS B 295 -6.57 -11.20 -12.66
CA CYS B 295 -7.55 -10.20 -12.25
C CYS B 295 -7.51 -10.05 -10.74
N LEU B 296 -7.26 -8.84 -10.26
CA LEU B 296 -7.17 -8.59 -8.83
C LEU B 296 -8.54 -8.34 -8.20
N PHE B 297 -8.72 -8.86 -7.00
CA PHE B 297 -9.81 -8.43 -6.13
C PHE B 297 -9.43 -7.07 -5.58
N GLN B 298 -10.41 -6.18 -5.42
CA GLN B 298 -10.14 -4.88 -4.79
C GLN B 298 -9.74 -5.04 -3.32
N SER B 299 -10.22 -6.11 -2.71
CA SER B 299 -9.90 -6.44 -1.33
C SER B 299 -9.63 -7.93 -1.24
N PRO B 300 -8.44 -8.32 -0.76
CA PRO B 300 -8.11 -9.75 -0.74
C PRO B 300 -9.04 -10.55 0.16
N LEU B 301 -9.18 -11.83 -0.12
CA LEU B 301 -9.95 -12.75 0.73
C LEU B 301 -9.00 -13.67 1.44
N PHE B 302 -9.27 -13.93 2.72
CA PHE B 302 -8.51 -14.93 3.44
C PHE B 302 -9.25 -16.25 3.38
N ALA B 303 -8.50 -17.32 3.15
CA ALA B 303 -9.05 -18.67 3.25
C ALA B 303 -8.00 -19.61 3.84
N LYS B 304 -8.44 -20.63 4.57
CA LYS B 304 -7.50 -21.64 5.04
C LYS B 304 -7.52 -22.85 4.12
N ALA B 305 -6.46 -23.65 4.16
CA ALA B 305 -6.45 -24.89 3.41
C ALA B 305 -7.65 -25.73 3.84
N GLY B 306 -8.35 -26.28 2.86
CA GLY B 306 -9.54 -27.07 3.14
C GLY B 306 -10.81 -26.32 2.88
N ASP B 307 -10.77 -25.00 3.01
CA ASP B 307 -11.94 -24.18 2.68
C ASP B 307 -12.23 -24.30 1.19
N THR B 308 -13.41 -23.83 0.79
CA THR B 308 -13.77 -23.76 -0.61
C THR B 308 -14.03 -22.32 -0.99
N LEU B 309 -13.54 -21.96 -2.18
CA LEU B 309 -13.75 -20.65 -2.79
C LEU B 309 -14.63 -20.78 -4.04
N SER B 310 -15.84 -20.24 -3.97
CA SER B 310 -16.78 -20.41 -5.07
C SER B 310 -17.29 -19.08 -5.61
N GLY B 311 -17.77 -19.08 -6.84
CA GLY B 311 -18.31 -17.89 -7.44
C GLY B 311 -18.42 -18.02 -8.94
N THR B 312 -18.51 -16.88 -9.62
CA THR B 312 -18.60 -16.90 -11.07
C THR B 312 -17.72 -15.85 -11.72
N CYS B 313 -17.14 -16.22 -12.86
CA CYS B 313 -16.52 -15.28 -13.74
C CYS B 313 -17.50 -15.07 -14.90
N LEU B 314 -17.95 -13.84 -15.08
CA LEU B 314 -18.94 -13.54 -16.09
C LEU B 314 -18.37 -12.56 -17.11
N LEU B 315 -18.36 -12.96 -18.38
CA LEU B 315 -17.88 -12.11 -19.46
C LEU B 315 -19.05 -11.67 -20.35
N ILE B 316 -19.26 -10.37 -20.45
CA ILE B 316 -20.31 -9.80 -21.27
C ILE B 316 -19.67 -9.07 -22.44
N ALA B 317 -19.92 -9.52 -23.65
CA ALA B 317 -19.31 -8.90 -24.84
C ALA B 317 -19.74 -7.45 -25.02
N ASN B 318 -18.81 -6.60 -25.46
CA ASN B 318 -19.13 -5.19 -25.70
C ASN B 318 -18.77 -4.83 -27.13
N LYS B 319 -19.14 -3.63 -27.55
CA LYS B 319 -19.01 -3.23 -28.96
C LYS B 319 -17.60 -2.72 -29.28
N ARG B 320 -16.68 -2.84 -28.33
CA ARG B 320 -15.28 -2.49 -28.58
C ARG B 320 -14.44 -3.74 -28.75
N GLN B 321 -15.08 -4.81 -29.21
CA GLN B 321 -14.42 -6.06 -29.55
C GLN B 321 -13.74 -6.68 -28.34
N SER B 322 -14.37 -6.56 -27.19
CA SER B 322 -13.81 -7.18 -26.00
C SER B 322 -14.95 -7.54 -25.08
N TYR B 323 -14.61 -7.76 -23.82
CA TYR B 323 -15.60 -8.17 -22.83
C TYR B 323 -15.52 -7.31 -21.59
N ASP B 324 -16.66 -7.11 -20.97
CA ASP B 324 -16.73 -6.57 -19.62
C ASP B 324 -16.74 -7.75 -18.67
N ILE B 325 -15.73 -7.83 -17.83
CA ILE B 325 -15.55 -8.95 -16.92
C ILE B 325 -16.06 -8.60 -15.54
N SER B 326 -16.85 -9.48 -14.96
CA SER B 326 -17.23 -9.32 -13.57
C SER B 326 -16.89 -10.62 -12.87
N ILE B 327 -16.12 -10.51 -11.78
CA ILE B 327 -15.72 -11.65 -11.00
C ILE B 327 -16.27 -11.47 -9.59
N VAL B 328 -16.98 -12.49 -9.11
CA VAL B 328 -17.41 -12.56 -7.73
C VAL B 328 -16.88 -13.83 -7.11
N ALA B 329 -16.18 -13.67 -6.00
CA ALA B 329 -15.61 -14.79 -5.26
C ALA B 329 -16.03 -14.75 -3.80
N GLN B 330 -16.31 -15.91 -3.25
CA GLN B 330 -16.82 -16.01 -1.91
C GLN B 330 -16.24 -17.24 -1.23
N VAL B 331 -15.70 -17.06 -0.02
CA VAL B 331 -15.28 -18.18 0.81
C VAL B 331 -16.53 -18.77 1.42
N ASP B 332 -16.84 -20.00 1.05
CA ASP B 332 -18.12 -20.60 1.43
C ASP B 332 -18.32 -20.72 2.94
N GLN B 333 -17.26 -21.02 3.68
CA GLN B 333 -17.39 -21.28 5.10
C GLN B 333 -17.65 -20.00 5.93
N THR B 334 -17.25 -18.85 5.40
CA THR B 334 -17.28 -17.59 6.16
C THR B 334 -18.16 -16.51 5.52
N GLY B 335 -18.45 -16.65 4.24
CA GLY B 335 -19.17 -15.62 3.53
C GLY B 335 -18.34 -14.36 3.29
N SER B 336 -17.02 -14.49 3.42
CA SER B 336 -16.14 -13.41 2.99
C SER B 336 -16.25 -13.34 1.47
N LYS B 337 -16.59 -12.16 0.95
CA LYS B 337 -16.87 -12.06 -0.46
C LYS B 337 -16.13 -10.89 -1.07
N SER B 338 -15.71 -11.07 -2.31
CA SER B 338 -15.05 -10.00 -3.02
C SER B 338 -15.48 -9.98 -4.47
N SER B 339 -15.51 -8.80 -5.06
CA SER B 339 -15.93 -8.68 -6.44
C SER B 339 -15.04 -7.70 -7.17
N ASN B 340 -15.03 -7.78 -8.49
CA ASN B 340 -14.35 -6.76 -9.26
C ASN B 340 -14.93 -6.75 -10.67
N LEU B 341 -14.82 -5.59 -11.29
CA LEU B 341 -15.14 -5.39 -12.70
C LEU B 341 -13.85 -5.12 -13.41
N LEU B 342 -13.63 -5.79 -14.53
CA LEU B 342 -12.40 -5.59 -15.26
C LEU B 342 -12.72 -5.25 -16.71
N ASP B 343 -11.86 -4.43 -17.29
CA ASP B 343 -11.97 -4.04 -18.69
C ASP B 343 -10.94 -4.80 -19.51
N LEU B 344 -11.33 -5.96 -20.03
CA LEU B 344 -10.39 -6.82 -20.79
C LEU B 344 -9.75 -6.11 -21.96
N LYS B 345 -10.39 -5.07 -22.47
CA LYS B 345 -9.91 -4.37 -23.64
C LYS B 345 -8.54 -3.75 -23.36
N ASN B 346 -8.37 -3.22 -22.16
CA ASN B 346 -7.17 -2.43 -21.84
C ASN B 346 -6.36 -2.95 -20.64
N PRO B 347 -5.57 -4.02 -20.85
CA PRO B 347 -4.82 -4.62 -19.75
C PRO B 347 -3.57 -3.85 -19.35
N PHE B 348 -3.04 -4.16 -18.17
CA PHE B 348 -1.75 -3.65 -17.73
C PHE B 348 -0.66 -4.67 -18.08
N PHE B 349 0.20 -4.31 -19.03
CA PHE B 349 1.34 -5.15 -19.41
C PHE B 349 2.49 -4.91 -18.43
N ARG B 350 2.68 -5.87 -17.53
CA ARG B 350 3.60 -5.72 -16.40
C ARG B 350 4.97 -6.35 -16.69
N TYR B 351 4.97 -7.36 -17.55
CA TYR B 351 6.20 -8.07 -17.93
C TYR B 351 7.30 -7.11 -18.37
N SER C 10 -22.10 0.58 41.15
CA SER C 10 -22.42 -0.63 40.42
C SER C 10 -21.55 -1.82 40.82
N VAL C 11 -21.97 -3.02 40.42
CA VAL C 11 -21.20 -4.22 40.69
C VAL C 11 -19.80 -4.10 40.08
N PHE C 12 -19.70 -3.51 38.89
CA PHE C 12 -18.39 -3.34 38.27
C PHE C 12 -17.51 -2.41 39.09
N SER C 13 -18.04 -1.24 39.43
CA SER C 13 -17.29 -0.25 40.20
C SER C 13 -16.79 -0.79 41.54
N GLU C 14 -17.65 -1.52 42.23
CA GLU C 14 -17.30 -2.01 43.55
C GLU C 14 -16.14 -3.00 43.50
N ARG C 15 -15.99 -3.71 42.38
CA ARG C 15 -14.98 -4.76 42.28
C ARG C 15 -13.75 -4.35 41.48
N THR C 16 -13.73 -3.12 40.93
CA THR C 16 -12.63 -2.68 40.08
C THR C 16 -12.04 -1.33 40.52
N GLU C 17 -10.71 -1.26 40.62
CA GLU C 17 -9.99 0.00 40.86
C GLU C 17 -10.18 0.89 39.65
N GLU C 18 -10.46 2.17 39.88
CA GLU C 18 -10.69 3.12 38.78
C GLU C 18 -9.49 3.18 37.85
N SER C 19 -8.29 3.23 38.39
CA SER C 19 -7.08 3.29 37.58
C SER C 19 -7.00 2.13 36.59
N SER C 20 -7.38 0.94 37.05
CA SER C 20 -7.38 -0.25 36.22
C SER C 20 -8.44 -0.13 35.12
N ALA C 21 -9.63 0.32 35.50
CA ALA C 21 -10.74 0.39 34.56
C ALA C 21 -10.44 1.35 33.42
N VAL C 22 -9.89 2.51 33.75
CA VAL C 22 -9.55 3.51 32.74
C VAL C 22 -8.64 2.91 31.68
N GLN C 23 -7.52 2.33 32.11
CA GLN C 23 -6.55 1.82 31.16
C GLN C 23 -7.13 0.66 30.35
N TYR C 24 -7.94 -0.15 31.01
CA TYR C 24 -8.55 -1.29 30.37
C TYR C 24 -9.39 -0.85 29.17
N PHE C 25 -10.31 0.09 29.41
CA PHE C 25 -11.22 0.48 28.34
C PHE C 25 -10.54 1.40 27.33
N GLN C 26 -9.49 2.10 27.74
CA GLN C 26 -8.68 2.83 26.79
C GLN C 26 -8.06 1.84 25.79
N PHE C 27 -7.56 0.72 26.31
CA PHE C 27 -6.95 -0.31 25.48
C PHE C 27 -7.92 -0.84 24.42
N TYR C 28 -9.18 -1.04 24.80
CA TYR C 28 -10.15 -1.61 23.87
C TYR C 28 -10.79 -0.53 22.99
N GLY C 29 -10.34 0.72 23.13
CA GLY C 29 -10.86 1.76 22.28
C GLY C 29 -10.17 1.79 20.93
N TYR C 30 -9.12 0.97 20.77
CA TYR C 30 -8.28 0.98 19.56
C TYR C 30 -8.76 0.01 18.47
N LEU C 31 -8.89 0.50 17.25
CA LEU C 31 -9.28 -0.36 16.14
C LEU C 31 -8.22 -1.43 15.89
N SER C 32 -6.98 -1.12 16.25
CA SER C 32 -5.88 -2.05 16.05
C SER C 32 -6.06 -3.31 16.91
N GLN C 33 -6.60 -3.13 18.12
CA GLN C 33 -6.87 -4.29 18.95
C GLN C 33 -8.08 -5.06 18.40
N GLN C 34 -9.07 -4.36 17.85
CA GLN C 34 -10.16 -5.06 17.19
C GLN C 34 -9.63 -5.87 15.98
N GLN C 35 -8.73 -5.27 15.21
CA GLN C 35 -8.17 -5.98 14.06
C GLN C 35 -7.43 -7.22 14.52
N ASN C 36 -6.68 -7.11 15.61
CA ASN C 36 -5.90 -8.26 16.08
C ASN C 36 -6.84 -9.41 16.44
N MET C 37 -7.95 -9.10 17.08
CA MET C 37 -8.90 -10.13 17.47
C MET C 37 -9.61 -10.73 16.24
N MET C 38 -10.02 -9.86 15.33
CA MET C 38 -10.75 -10.28 14.14
C MET C 38 -9.87 -11.11 13.21
N GLN C 39 -8.59 -10.80 13.14
CA GLN C 39 -7.64 -11.50 12.27
C GLN C 39 -7.24 -12.87 12.79
N ASP C 40 -7.69 -13.21 13.99
CA ASP C 40 -7.55 -14.57 14.51
C ASP C 40 -8.67 -15.39 13.89
N TYR C 41 -8.34 -16.12 12.85
CA TYR C 41 -9.32 -16.87 12.06
C TYR C 41 -10.02 -17.96 12.88
N VAL C 42 -9.26 -18.64 13.73
CA VAL C 42 -9.81 -19.69 14.58
C VAL C 42 -10.94 -19.13 15.41
N ARG C 43 -10.64 -18.06 16.15
CA ARG C 43 -11.61 -17.36 16.98
C ARG C 43 -12.82 -16.89 16.16
N THR C 44 -12.60 -16.07 15.13
CA THR C 44 -13.73 -15.48 14.41
C THR C 44 -14.54 -16.53 13.66
N GLY C 45 -13.85 -17.45 13.01
CA GLY C 45 -14.51 -18.49 12.23
C GLY C 45 -15.31 -19.43 13.10
N THR C 46 -14.78 -19.76 14.28
CA THR C 46 -15.47 -20.69 15.18
C THR C 46 -16.73 -20.04 15.77
N TYR C 47 -16.64 -18.77 16.15
CA TYR C 47 -17.80 -18.05 16.64
C TYR C 47 -18.88 -17.99 15.56
N GLN C 48 -18.46 -17.70 14.32
CA GLN C 48 -19.41 -17.60 13.23
C GLN C 48 -20.09 -18.94 13.01
N ARG C 49 -19.29 -19.99 13.00
CA ARG C 49 -19.75 -21.34 12.76
C ARG C 49 -20.72 -21.79 13.88
N ALA C 50 -20.39 -21.46 15.12
CA ALA C 50 -21.24 -21.88 16.23
C ALA C 50 -22.61 -21.21 16.13
N ILE C 51 -22.64 -19.97 15.68
CA ILE C 51 -23.88 -19.20 15.60
C ILE C 51 -24.73 -19.65 14.40
N LEU C 52 -24.12 -19.70 13.23
CA LEU C 52 -24.84 -19.98 11.99
C LEU C 52 -25.31 -21.43 11.88
N GLN C 53 -24.47 -22.38 12.34
CA GLN C 53 -24.87 -23.79 12.30
C GLN C 53 -25.92 -24.11 13.37
N ASN C 54 -26.07 -23.20 14.34
CA ASN C 54 -27.15 -23.32 15.34
C ASN C 54 -28.20 -22.24 15.10
N HIS C 55 -28.60 -22.09 13.84
CA HIS C 55 -29.45 -20.95 13.42
C HIS C 55 -30.80 -20.98 14.11
N THR C 56 -31.28 -22.16 14.47
CA THR C 56 -32.57 -22.27 15.15
C THR C 56 -32.50 -21.70 16.57
N ASP C 57 -31.29 -21.48 17.09
CA ASP C 57 -31.15 -20.86 18.40
C ASP C 57 -31.21 -19.33 18.33
N PHE C 58 -31.23 -18.80 17.11
CA PHE C 58 -31.18 -17.36 16.90
C PHE C 58 -32.38 -16.83 16.09
N LYS C 59 -32.93 -17.68 15.22
CA LYS C 59 -33.96 -17.23 14.29
C LYS C 59 -35.15 -16.64 15.03
N ASP C 60 -35.46 -15.38 14.74
CA ASP C 60 -36.56 -14.65 15.39
C ASP C 60 -36.44 -14.56 16.91
N LYS C 61 -35.21 -14.64 17.41
CA LYS C 61 -34.96 -14.53 18.85
C LYS C 61 -34.49 -13.12 19.22
N ILE C 62 -34.52 -12.85 20.53
CA ILE C 62 -33.94 -11.64 21.10
C ILE C 62 -32.58 -12.02 21.67
N VAL C 63 -31.57 -11.22 21.38
CA VAL C 63 -30.19 -11.55 21.68
C VAL C 63 -29.54 -10.42 22.45
N LEU C 64 -28.70 -10.77 23.42
CA LEU C 64 -27.85 -9.80 24.10
C LEU C 64 -26.39 -10.11 23.79
N ASP C 65 -25.69 -9.17 23.15
CA ASP C 65 -24.25 -9.28 22.90
C ASP C 65 -23.43 -8.48 23.93
N VAL C 66 -22.66 -9.17 24.77
CA VAL C 66 -21.98 -8.54 25.90
C VAL C 66 -20.53 -8.20 25.57
N GLY C 67 -20.21 -6.91 25.58
CA GLY C 67 -18.88 -6.46 25.19
C GLY C 67 -18.61 -6.69 23.71
N CYS C 68 -19.46 -6.10 22.90
CA CYS C 68 -19.53 -6.40 21.48
C CYS C 68 -18.37 -5.84 20.68
N GLY C 69 -17.61 -4.93 21.27
CA GLY C 69 -16.52 -4.32 20.56
C GLY C 69 -17.04 -3.64 19.30
N SER C 70 -16.53 -4.03 18.14
CA SER C 70 -16.93 -3.43 16.86
C SER C 70 -18.27 -3.97 16.35
N GLY C 71 -18.76 -5.04 16.96
CA GLY C 71 -20.09 -5.57 16.70
C GLY C 71 -20.14 -6.89 15.96
N ILE C 72 -18.99 -7.51 15.74
CA ILE C 72 -18.94 -8.66 14.85
C ILE C 72 -19.90 -9.78 15.25
N LEU C 73 -20.02 -10.11 16.53
CA LEU C 73 -20.86 -11.23 16.95
C LEU C 73 -22.34 -10.90 16.79
N SER C 74 -22.68 -9.63 16.95
CA SER C 74 -24.01 -9.15 16.66
C SER C 74 -24.36 -9.31 15.20
N PHE C 75 -23.40 -9.03 14.30
CA PHE C 75 -23.68 -9.24 12.87
C PHE C 75 -23.91 -10.72 12.61
N PHE C 76 -23.16 -11.58 13.29
CA PHE C 76 -23.30 -13.02 13.06
C PHE C 76 -24.67 -13.47 13.53
N ALA C 77 -25.12 -12.91 14.65
CA ALA C 77 -26.45 -13.23 15.17
C ALA C 77 -27.52 -12.76 14.18
N ALA C 78 -27.26 -11.62 13.54
CA ALA C 78 -28.20 -11.11 12.52
C ALA C 78 -28.22 -12.06 11.29
N GLN C 79 -27.05 -12.55 10.89
CA GLN C 79 -26.95 -13.49 9.77
C GLN C 79 -27.79 -14.73 10.04
N ALA C 80 -27.82 -15.14 11.31
CA ALA C 80 -28.58 -16.33 11.71
C ALA C 80 -30.04 -16.00 11.90
N GLY C 81 -30.42 -14.73 11.81
CA GLY C 81 -31.82 -14.37 11.72
C GLY C 81 -32.48 -13.86 12.98
N ALA C 82 -31.69 -13.33 13.90
CA ALA C 82 -32.23 -12.80 15.15
C ALA C 82 -33.19 -11.65 14.85
N ARG C 83 -34.21 -11.49 15.67
CA ARG C 83 -35.19 -10.43 15.48
C ARG C 83 -34.68 -9.10 16.02
N LYS C 84 -33.97 -9.16 17.13
CA LYS C 84 -33.41 -7.96 17.73
C LYS C 84 -32.22 -8.31 18.60
N ILE C 85 -31.20 -7.49 18.48
CA ILE C 85 -29.93 -7.71 19.18
C ILE C 85 -29.57 -6.46 19.95
N TYR C 86 -29.36 -6.61 21.25
CA TYR C 86 -28.88 -5.53 22.08
C TYR C 86 -27.38 -5.72 22.24
N ALA C 87 -26.60 -4.80 21.68
CA ALA C 87 -25.15 -4.87 21.71
C ALA C 87 -24.54 -3.86 22.71
N VAL C 88 -23.98 -4.38 23.80
CA VAL C 88 -23.45 -3.56 24.89
C VAL C 88 -21.93 -3.46 24.84
N GLU C 89 -21.41 -2.24 24.88
CA GLU C 89 -19.95 -2.01 24.87
C GLU C 89 -19.58 -0.78 25.68
N ALA C 90 -18.60 -0.92 26.58
CA ALA C 90 -18.26 0.15 27.51
C ALA C 90 -17.19 1.10 26.97
N SER C 91 -16.35 0.62 26.08
CA SER C 91 -15.28 1.48 25.54
C SER C 91 -15.83 2.39 24.44
N THR C 92 -15.00 3.31 23.97
CA THR C 92 -15.40 4.22 22.88
C THR C 92 -15.60 3.46 21.56
N MET C 93 -15.23 2.18 21.53
CA MET C 93 -15.47 1.34 20.36
C MET C 93 -16.96 1.27 20.02
N ALA C 94 -17.81 1.58 21.00
CA ALA C 94 -19.26 1.59 20.78
C ALA C 94 -19.64 2.57 19.66
N GLN C 95 -18.93 3.68 19.54
CA GLN C 95 -19.13 4.63 18.45
C GLN C 95 -18.93 3.99 17.09
N HIS C 96 -17.86 3.22 16.97
CA HIS C 96 -17.51 2.59 15.70
C HIS C 96 -18.48 1.46 15.39
N ALA C 97 -18.96 0.77 16.42
CA ALA C 97 -19.95 -0.30 16.22
C ALA C 97 -21.23 0.29 15.63
N GLU C 98 -21.63 1.44 16.15
CA GLU C 98 -22.79 2.14 15.63
C GLU C 98 -22.62 2.49 14.16
N VAL C 99 -21.43 2.97 13.79
CA VAL C 99 -21.17 3.29 12.38
C VAL C 99 -21.40 2.05 11.52
N LEU C 100 -20.88 0.91 11.96
CA LEU C 100 -21.01 -0.30 11.18
C LEU C 100 -22.48 -0.76 11.12
N VAL C 101 -23.22 -0.63 12.22
CA VAL C 101 -24.64 -1.02 12.21
C VAL C 101 -25.36 -0.20 11.14
N LYS C 102 -25.09 1.10 11.12
CA LYS C 102 -25.69 1.97 10.12
C LYS C 102 -25.26 1.61 8.70
N SER C 103 -23.94 1.47 8.50
CA SER C 103 -23.41 1.26 7.16
C SER C 103 -23.78 -0.12 6.63
N ASN C 104 -24.16 -1.04 7.53
CA ASN C 104 -24.59 -2.38 7.10
C ASN C 104 -26.12 -2.49 7.09
N ASN C 105 -26.81 -1.36 7.22
CA ASN C 105 -28.28 -1.26 7.13
C ASN C 105 -29.03 -2.18 8.11
N LEU C 106 -28.50 -2.34 9.33
CA LEU C 106 -29.14 -3.20 10.32
C LEU C 106 -29.65 -2.41 11.53
N THR C 107 -29.91 -1.11 11.35
CA THR C 107 -30.36 -0.30 12.48
C THR C 107 -31.74 -0.77 12.96
N ASP C 108 -32.48 -1.47 12.13
CA ASP C 108 -33.78 -1.97 12.54
C ASP C 108 -33.68 -3.24 13.40
N ARG C 109 -32.47 -3.76 13.58
CA ARG C 109 -32.29 -5.06 14.22
C ARG C 109 -31.18 -5.07 15.29
N ILE C 110 -30.23 -4.16 15.18
CA ILE C 110 -29.15 -4.09 16.15
C ILE C 110 -29.16 -2.73 16.81
N VAL C 111 -29.24 -2.71 18.13
CA VAL C 111 -29.15 -1.48 18.88
C VAL C 111 -27.89 -1.54 19.75
N VAL C 112 -27.04 -0.54 19.59
CA VAL C 112 -25.81 -0.45 20.34
C VAL C 112 -26.08 0.38 21.59
N ILE C 113 -25.74 -0.20 22.73
CA ILE C 113 -25.93 0.46 24.01
C ILE C 113 -24.56 0.75 24.60
N PRO C 114 -24.13 2.02 24.61
CA PRO C 114 -22.82 2.33 25.20
C PRO C 114 -22.87 2.28 26.72
N GLY C 115 -21.91 1.60 27.34
CA GLY C 115 -21.80 1.51 28.79
C GLY C 115 -21.46 0.13 29.28
N LYS C 116 -21.24 0.01 30.59
CA LYS C 116 -20.94 -1.29 31.21
C LYS C 116 -22.24 -2.09 31.38
N VAL C 117 -22.18 -3.40 31.21
CA VAL C 117 -23.39 -4.22 31.22
C VAL C 117 -24.02 -4.27 32.62
N GLU C 118 -23.21 -3.99 33.64
CA GLU C 118 -23.66 -3.91 35.02
C GLU C 118 -24.41 -2.61 35.31
N GLU C 119 -24.38 -1.66 34.36
CA GLU C 119 -24.86 -0.31 34.62
C GLU C 119 -25.92 0.16 33.63
N VAL C 120 -25.93 -0.39 32.42
CA VAL C 120 -26.90 0.06 31.42
C VAL C 120 -28.28 -0.46 31.78
N SER C 121 -29.30 0.24 31.29
CA SER C 121 -30.68 -0.21 31.38
C SER C 121 -31.07 -0.90 30.08
N LEU C 122 -31.40 -2.17 30.18
CA LEU C 122 -31.99 -2.90 29.06
C LEU C 122 -33.46 -3.14 29.36
N PRO C 123 -34.33 -2.99 28.35
CA PRO C 123 -35.78 -3.08 28.57
C PRO C 123 -36.34 -4.50 28.75
N GLU C 124 -35.91 -5.47 27.95
CA GLU C 124 -36.54 -6.80 27.96
C GLU C 124 -35.59 -7.98 28.19
N GLN C 125 -36.17 -9.11 28.56
CA GLN C 125 -35.42 -10.33 28.75
C GLN C 125 -35.09 -10.94 27.39
N VAL C 126 -33.93 -11.57 27.28
CA VAL C 126 -33.46 -12.09 26.01
C VAL C 126 -33.50 -13.62 26.00
N ASP C 127 -33.37 -14.17 24.79
CA ASP C 127 -33.42 -15.60 24.59
C ASP C 127 -32.04 -16.24 24.69
N ILE C 128 -31.03 -15.46 24.36
CA ILE C 128 -29.68 -15.96 24.35
C ILE C 128 -28.70 -14.79 24.50
N ILE C 129 -27.62 -15.04 25.22
CA ILE C 129 -26.54 -14.07 25.42
C ILE C 129 -25.32 -14.59 24.69
N ILE C 130 -24.65 -13.72 23.93
CA ILE C 130 -23.43 -14.11 23.23
C ILE C 130 -22.33 -13.18 23.69
N SER C 131 -21.10 -13.68 23.76
CA SER C 131 -19.98 -12.88 24.18
C SER C 131 -18.66 -13.59 23.93
N GLU C 132 -17.58 -12.82 23.91
CA GLU C 132 -16.22 -13.35 23.91
C GLU C 132 -15.51 -12.81 25.17
N PRO C 133 -15.81 -13.38 26.35
CA PRO C 133 -15.30 -12.86 27.62
C PRO C 133 -13.96 -13.44 28.08
N MET C 134 -13.41 -14.38 27.32
CA MET C 134 -12.19 -15.09 27.73
C MET C 134 -10.93 -14.23 27.61
N GLY C 135 -10.14 -14.20 28.67
CA GLY C 135 -8.81 -13.63 28.62
C GLY C 135 -7.74 -14.71 28.72
N TYR C 136 -6.49 -14.30 28.91
CA TYR C 136 -5.40 -15.25 29.19
C TYR C 136 -5.80 -16.20 30.31
N MET C 137 -5.47 -17.47 30.17
CA MET C 137 -5.81 -18.45 31.20
C MET C 137 -7.31 -18.49 31.44
N LEU C 138 -8.06 -18.07 30.43
CA LEU C 138 -9.53 -17.95 30.47
C LEU C 138 -10.04 -16.82 31.38
N PHE C 139 -9.48 -16.70 32.59
CA PHE C 139 -10.08 -15.83 33.61
C PHE C 139 -9.56 -14.40 33.63
N ASN C 140 -8.39 -14.14 33.04
CA ASN C 140 -7.84 -12.79 33.10
C ASN C 140 -8.83 -11.77 32.52
N GLU C 141 -8.84 -10.57 33.12
CA GLU C 141 -9.74 -9.44 32.76
C GLU C 141 -11.05 -9.49 33.55
N ARG C 142 -11.36 -10.65 34.11
CA ARG C 142 -12.58 -10.85 34.90
C ARG C 142 -13.86 -10.52 34.12
N MET C 143 -13.84 -10.69 32.81
N MET C 143 -13.84 -10.69 32.81
CA MET C 143 -15.02 -10.36 32.02
CA MET C 143 -15.03 -10.36 32.03
C MET C 143 -16.07 -11.47 32.09
C MET C 143 -16.06 -11.47 32.08
N LEU C 144 -15.64 -12.68 32.47
CA LEU C 144 -16.58 -13.77 32.69
C LEU C 144 -17.64 -13.39 33.73
N GLU C 145 -17.27 -12.56 34.69
CA GLU C 145 -18.21 -12.10 35.72
C GLU C 145 -19.28 -11.17 35.14
N SER C 146 -18.87 -10.31 34.20
CA SER C 146 -19.80 -9.42 33.48
C SER C 146 -20.76 -10.25 32.64
N TYR C 147 -20.22 -11.29 31.99
CA TYR C 147 -20.99 -12.21 31.18
C TYR C 147 -22.04 -12.93 32.02
N LEU C 148 -21.64 -13.45 33.17
CA LEU C 148 -22.60 -14.09 34.08
C LEU C 148 -23.57 -13.09 34.72
N HIS C 149 -23.07 -11.91 35.05
CA HIS C 149 -23.94 -10.85 35.57
C HIS C 149 -25.11 -10.50 34.64
N ALA C 150 -24.84 -10.56 33.33
CA ALA C 150 -25.82 -10.27 32.29
C ALA C 150 -26.98 -11.27 32.26
N LYS C 151 -26.80 -12.41 32.93
CA LYS C 151 -27.88 -13.42 33.00
C LYS C 151 -29.12 -12.91 33.73
N LYS C 152 -29.00 -11.77 34.39
CA LYS C 152 -30.19 -11.11 34.95
C LYS C 152 -31.17 -10.75 33.84
N TYR C 153 -30.66 -10.61 32.62
CA TYR C 153 -31.50 -10.35 31.45
C TYR C 153 -31.93 -11.61 30.69
N LEU C 154 -31.50 -12.78 31.15
CA LEU C 154 -31.75 -13.99 30.39
C LEU C 154 -33.04 -14.67 30.83
N LYS C 155 -33.93 -14.98 29.90
CA LYS C 155 -35.11 -15.78 30.19
C LYS C 155 -34.70 -17.10 30.86
N PRO C 156 -35.57 -17.67 31.70
CA PRO C 156 -35.20 -18.90 32.40
C PRO C 156 -34.81 -20.04 31.47
N SER C 157 -35.40 -20.10 30.28
CA SER C 157 -35.12 -21.17 29.32
C SER C 157 -34.12 -20.70 28.26
N GLY C 158 -33.38 -19.63 28.56
CA GLY C 158 -32.44 -19.07 27.62
C GLY C 158 -31.16 -19.89 27.50
N ASN C 159 -30.25 -19.43 26.65
CA ASN C 159 -29.00 -20.14 26.43
C ASN C 159 -27.86 -19.13 26.44
N MET C 160 -26.64 -19.65 26.52
CA MET C 160 -25.41 -18.87 26.62
C MET C 160 -24.44 -19.37 25.58
N PHE C 161 -23.89 -18.46 24.79
CA PHE C 161 -22.89 -18.78 23.76
C PHE C 161 -21.63 -17.93 23.99
N PRO C 162 -20.58 -18.50 24.61
CA PRO C 162 -20.34 -19.89 24.95
C PRO C 162 -21.17 -20.41 26.11
N THR C 163 -21.36 -21.72 26.15
CA THR C 163 -22.18 -22.35 27.18
C THR C 163 -21.34 -22.83 28.34
N ILE C 164 -20.15 -23.36 28.04
CA ILE C 164 -19.22 -23.78 29.07
C ILE C 164 -17.80 -23.36 28.71
N GLY C 165 -16.97 -23.27 29.74
CA GLY C 165 -15.55 -23.03 29.60
C GLY C 165 -14.78 -24.04 30.44
N ASP C 166 -13.76 -24.64 29.84
CA ASP C 166 -12.86 -25.59 30.50
C ASP C 166 -11.46 -24.98 30.57
N VAL C 167 -10.93 -24.80 31.78
CA VAL C 167 -9.52 -24.43 31.90
C VAL C 167 -8.75 -25.74 32.10
N HIS C 168 -7.64 -25.86 31.38
CA HIS C 168 -6.81 -27.06 31.46
C HIS C 168 -5.48 -26.74 32.10
N LEU C 169 -5.03 -27.64 32.97
CA LEU C 169 -3.74 -27.53 33.66
C LEU C 169 -2.92 -28.79 33.40
N ALA C 170 -1.62 -28.63 33.13
CA ALA C 170 -0.74 -29.77 32.95
C ALA C 170 0.69 -29.41 33.39
N PRO C 171 1.39 -30.34 34.04
CA PRO C 171 2.78 -30.09 34.43
C PRO C 171 3.72 -30.12 33.24
N PHE C 172 4.76 -29.30 33.26
CA PHE C 172 5.69 -29.24 32.13
C PHE C 172 7.13 -29.26 32.64
N THR C 173 8.04 -29.58 31.73
CA THR C 173 9.47 -29.47 31.98
C THR C 173 10.06 -28.53 30.92
N ASP C 174 10.76 -27.49 31.38
CA ASP C 174 11.45 -26.56 30.47
C ASP C 174 12.64 -25.96 31.19
N GLU C 175 13.73 -26.72 31.19
CA GLU C 175 14.94 -26.38 31.89
C GLU C 175 15.41 -24.99 31.47
N GLN C 176 15.29 -24.71 30.18
CA GLN C 176 15.80 -23.46 29.66
C GLN C 176 14.95 -22.29 30.14
N LEU C 177 13.63 -22.49 30.24
CA LEU C 177 12.78 -21.42 30.75
C LEU C 177 13.15 -21.12 32.21
N TYR C 178 13.32 -22.18 32.99
CA TYR C 178 13.66 -22.01 34.40
C TYR C 178 15.01 -21.27 34.56
N MET C 179 16.03 -21.73 33.86
N MET C 179 16.03 -21.72 33.86
CA MET C 179 17.37 -21.14 33.97
CA MET C 179 17.37 -21.13 33.98
C MET C 179 17.38 -19.68 33.52
C MET C 179 17.39 -19.67 33.51
N GLU C 180 16.57 -19.37 32.52
CA GLU C 180 16.51 -18.03 31.95
C GLU C 180 16.23 -16.97 33.02
N GLN C 181 15.40 -17.33 33.98
CA GLN C 181 15.06 -16.39 35.05
C GLN C 181 16.32 -15.93 35.77
N PHE C 182 17.19 -16.89 36.09
CA PHE C 182 18.43 -16.60 36.81
C PHE C 182 19.46 -15.90 35.95
N THR C 183 19.54 -16.28 34.67
CA THR C 183 20.45 -15.57 33.76
C THR C 183 20.12 -14.09 33.76
N LYS C 184 18.84 -13.76 33.74
CA LYS C 184 18.42 -12.36 33.76
C LYS C 184 18.66 -11.72 35.12
N ALA C 185 18.25 -12.41 36.18
CA ALA C 185 18.40 -11.86 37.52
C ALA C 185 19.87 -11.68 37.88
N ASN C 186 20.75 -12.53 37.36
CA ASN C 186 22.17 -12.44 37.72
C ASN C 186 22.89 -11.19 37.18
N PHE C 187 22.22 -10.44 36.32
CA PHE C 187 22.70 -9.08 36.01
C PHE C 187 23.06 -8.33 37.28
N TRP C 188 22.22 -8.50 38.29
CA TRP C 188 22.38 -7.82 39.56
C TRP C 188 23.55 -8.38 40.39
N TYR C 189 24.02 -9.59 40.06
CA TYR C 189 25.04 -10.20 40.88
C TYR C 189 26.43 -9.85 40.40
N GLN C 190 26.79 -8.58 40.53
CA GLN C 190 28.16 -8.19 40.24
C GLN C 190 28.62 -7.11 41.22
N PRO C 191 29.91 -7.18 41.63
CA PRO C 191 30.37 -6.30 42.69
C PRO C 191 30.74 -4.91 42.22
N SER C 192 30.86 -4.73 40.90
CA SER C 192 31.25 -3.43 40.41
C SER C 192 30.70 -3.13 39.03
N PHE C 193 29.40 -2.86 39.02
CA PHE C 193 28.77 -2.35 37.81
C PHE C 193 29.04 -0.85 37.75
N HIS C 194 30.00 -0.46 36.92
CA HIS C 194 30.41 0.92 36.88
C HIS C 194 30.77 1.40 38.28
N GLY C 195 31.38 0.52 39.06
CA GLY C 195 31.81 0.87 40.41
C GLY C 195 30.79 0.64 41.50
N VAL C 196 29.66 0.03 41.15
CA VAL C 196 28.56 -0.14 42.11
C VAL C 196 28.33 -1.63 42.34
N ASP C 197 28.25 -2.01 43.62
CA ASP C 197 27.92 -3.38 43.96
C ASP C 197 26.39 -3.53 43.94
N LEU C 198 25.87 -4.27 42.95
CA LEU C 198 24.43 -4.42 42.74
C LEU C 198 23.87 -5.67 43.41
N SER C 199 24.74 -6.48 43.99
CA SER C 199 24.39 -7.86 44.33
C SER C 199 23.28 -7.99 45.37
N ALA C 200 23.06 -6.93 46.14
CA ALA C 200 22.05 -7.01 47.18
C ALA C 200 20.62 -7.08 46.61
N LEU C 201 20.44 -6.67 45.36
CA LEU C 201 19.11 -6.71 44.75
C LEU C 201 18.81 -7.98 43.94
N ARG C 202 19.77 -8.89 43.85
CA ARG C 202 19.60 -10.07 43.00
C ARG C 202 18.36 -10.91 43.42
N GLY C 203 18.17 -11.09 44.71
CA GLY C 203 17.03 -11.85 45.21
C GLY C 203 15.70 -11.23 44.89
N ALA C 204 15.63 -9.91 45.01
CA ALA C 204 14.43 -9.18 44.64
C ALA C 204 14.11 -9.39 43.16
N ALA C 205 15.14 -9.32 42.31
CA ALA C 205 14.97 -9.49 40.86
C ALA C 205 14.45 -10.89 40.54
N VAL C 206 15.05 -11.89 41.17
CA VAL C 206 14.60 -13.26 40.99
C VAL C 206 13.11 -13.37 41.32
N ASP C 207 12.73 -12.90 42.50
N ASP C 207 12.73 -12.91 42.51
CA ASP C 207 11.34 -12.98 42.94
CA ASP C 207 11.35 -12.98 42.95
C ASP C 207 10.42 -12.33 41.92
C ASP C 207 10.41 -12.32 41.93
N GLU C 208 10.81 -11.15 41.45
CA GLU C 208 10.02 -10.40 40.48
C GLU C 208 9.77 -11.18 39.17
N TYR C 209 10.82 -11.80 38.63
CA TYR C 209 10.64 -12.59 37.43
C TYR C 209 9.71 -13.76 37.70
N PHE C 210 9.85 -14.37 38.86
CA PHE C 210 9.05 -15.57 39.15
C PHE C 210 7.56 -15.28 39.37
N ARG C 211 7.22 -14.06 39.76
CA ARG C 211 5.80 -13.69 39.96
C ARG C 211 5.02 -13.49 38.67
N GLN C 212 5.71 -13.51 37.53
CA GLN C 212 5.08 -13.24 36.23
C GLN C 212 4.77 -14.49 35.44
N PRO C 213 3.48 -14.78 35.18
CA PRO C 213 3.13 -15.85 34.24
C PRO C 213 3.76 -15.59 32.87
N VAL C 214 4.17 -16.65 32.21
CA VAL C 214 4.82 -16.58 30.92
C VAL C 214 3.78 -16.86 29.81
N VAL C 215 3.55 -15.85 28.98
CA VAL C 215 2.67 -15.97 27.85
C VAL C 215 3.48 -16.27 26.60
N ASP C 216 3.36 -17.50 26.12
CA ASP C 216 3.89 -17.92 24.83
C ASP C 216 3.40 -19.34 24.51
N THR C 217 3.89 -19.91 23.43
CA THR C 217 3.50 -21.27 23.07
C THR C 217 4.70 -22.20 23.24
N PHE C 218 4.48 -23.48 23.06
CA PHE C 218 5.52 -24.47 23.32
C PHE C 218 5.21 -25.80 22.68
N ASP C 219 6.25 -26.60 22.46
CA ASP C 219 6.10 -27.95 21.95
C ASP C 219 5.39 -28.83 22.98
N ILE C 220 4.36 -29.54 22.54
CA ILE C 220 3.55 -30.37 23.44
C ILE C 220 4.38 -31.48 24.10
N ARG C 221 5.58 -31.73 23.59
CA ARG C 221 6.41 -32.78 24.16
C ARG C 221 7.04 -32.40 25.50
N ILE C 222 6.85 -31.15 25.93
CA ILE C 222 7.33 -30.74 27.24
C ILE C 222 6.32 -31.09 28.33
N LEU C 223 5.12 -31.52 27.94
CA LEU C 223 4.06 -31.89 28.87
C LEU C 223 4.28 -33.30 29.40
N MET C 224 4.14 -33.44 30.72
N MET C 224 4.15 -33.44 30.72
CA MET C 224 4.54 -34.66 31.40
CA MET C 224 4.53 -34.68 31.38
C MET C 224 3.34 -35.49 31.84
C MET C 224 3.34 -35.48 31.87
N ALA C 225 2.13 -34.97 31.65
CA ALA C 225 0.93 -35.68 32.07
C ALA C 225 -0.28 -35.15 31.33
N LYS C 226 -1.34 -35.95 31.29
CA LYS C 226 -2.60 -35.50 30.72
C LYS C 226 -3.11 -34.36 31.60
N SER C 227 -3.73 -33.36 30.98
CA SER C 227 -4.19 -32.18 31.73
C SER C 227 -5.32 -32.51 32.69
N VAL C 228 -5.44 -31.68 33.71
CA VAL C 228 -6.59 -31.69 34.59
C VAL C 228 -7.51 -30.59 34.10
N LYS C 229 -8.79 -30.87 34.11
CA LYS C 229 -9.79 -29.94 33.60
C LYS C 229 -10.65 -29.35 34.71
N TYR C 230 -10.88 -28.04 34.66
CA TYR C 230 -11.86 -27.41 35.53
C TYR C 230 -12.91 -26.67 34.67
N THR C 231 -14.16 -27.10 34.84
CA THR C 231 -15.25 -26.66 33.99
C THR C 231 -16.14 -25.63 34.67
N VAL C 232 -16.36 -24.51 34.00
CA VAL C 232 -17.36 -23.55 34.42
C VAL C 232 -18.56 -23.66 33.47
N ASN C 233 -19.71 -24.03 34.03
CA ASN C 233 -20.93 -24.07 33.24
C ASN C 233 -21.63 -22.72 33.34
N PHE C 234 -21.55 -21.94 32.27
CA PHE C 234 -22.02 -20.57 32.30
C PHE C 234 -23.54 -20.46 32.46
N LEU C 235 -24.24 -21.54 32.11
CA LEU C 235 -25.69 -21.57 32.28
C LEU C 235 -26.08 -21.78 33.74
N GLU C 236 -25.19 -22.39 34.52
CA GLU C 236 -25.50 -22.69 35.91
C GLU C 236 -24.81 -21.74 36.88
N ALA C 237 -23.61 -21.27 36.53
CA ALA C 237 -22.79 -20.54 37.48
C ALA C 237 -23.36 -19.16 37.85
N LYS C 238 -22.98 -18.68 39.03
CA LYS C 238 -23.27 -17.31 39.47
C LYS C 238 -21.97 -16.54 39.38
N GLU C 239 -22.03 -15.21 39.31
CA GLU C 239 -20.79 -14.47 39.09
C GLU C 239 -19.89 -14.61 40.31
N GLY C 240 -20.50 -14.82 41.48
CA GLY C 240 -19.72 -15.00 42.70
C GLY C 240 -18.83 -16.23 42.66
N ASP C 241 -19.14 -17.18 41.78
CA ASP C 241 -18.37 -18.41 41.70
C ASP C 241 -16.98 -18.18 41.12
N LEU C 242 -16.74 -17.00 40.56
CA LEU C 242 -15.48 -16.71 39.90
C LEU C 242 -14.54 -15.87 40.77
N HIS C 243 -14.96 -15.49 41.97
CA HIS C 243 -14.13 -14.64 42.83
C HIS C 243 -13.01 -15.47 43.45
N ARG C 244 -13.29 -16.74 43.67
CA ARG C 244 -12.33 -17.68 44.21
C ARG C 244 -12.49 -19.01 43.50
N ILE C 245 -11.46 -19.41 42.79
CA ILE C 245 -11.52 -20.59 41.98
C ILE C 245 -10.46 -21.55 42.49
N GLU C 246 -10.89 -22.62 43.14
CA GLU C 246 -9.98 -23.60 43.69
C GLU C 246 -9.93 -24.81 42.78
N ILE C 247 -8.78 -25.01 42.14
CA ILE C 247 -8.64 -26.08 41.17
C ILE C 247 -7.71 -27.13 41.76
N PRO C 248 -8.26 -28.19 42.35
CA PRO C 248 -7.38 -29.26 42.81
C PRO C 248 -6.86 -30.04 41.62
N PHE C 249 -5.69 -30.65 41.75
CA PHE C 249 -5.19 -31.51 40.67
C PHE C 249 -4.44 -32.71 41.22
N LYS C 250 -4.56 -33.82 40.50
CA LYS C 250 -3.72 -34.98 40.69
C LYS C 250 -3.29 -35.46 39.31
N PHE C 251 -2.03 -35.26 38.98
CA PHE C 251 -1.51 -35.65 37.68
C PHE C 251 -0.87 -37.02 37.76
N HIS C 252 -1.18 -37.87 36.78
CA HIS C 252 -0.53 -39.17 36.68
C HIS C 252 0.62 -39.03 35.67
N MET C 253 1.84 -39.01 36.17
CA MET C 253 2.99 -38.70 35.34
C MET C 253 3.17 -39.75 34.25
N LEU C 254 3.19 -39.27 33.00
CA LEU C 254 3.42 -40.13 31.85
C LEU C 254 4.90 -40.23 31.52
N HIS C 255 5.70 -39.29 32.04
CA HIS C 255 7.15 -39.24 31.80
C HIS C 255 7.90 -38.97 33.09
N SER C 256 9.16 -39.40 33.14
CA SER C 256 10.02 -39.13 34.29
C SER C 256 10.88 -37.90 34.01
N GLY C 257 10.98 -37.00 34.99
CA GLY C 257 11.81 -35.81 34.82
C GLY C 257 11.53 -34.74 35.85
N LEU C 258 12.14 -33.57 35.66
CA LEU C 258 11.92 -32.44 36.54
C LEU C 258 10.73 -31.60 36.06
N VAL C 259 9.79 -31.37 36.97
CA VAL C 259 8.62 -30.53 36.70
C VAL C 259 8.92 -29.09 37.12
N HIS C 260 8.92 -28.17 36.16
CA HIS C 260 9.30 -26.78 36.43
C HIS C 260 8.10 -25.86 36.68
N GLY C 261 6.91 -26.32 36.33
CA GLY C 261 5.71 -25.55 36.55
C GLY C 261 4.47 -26.16 35.93
N LEU C 262 3.41 -25.35 35.88
CA LEU C 262 2.15 -25.76 35.30
C LEU C 262 1.91 -24.94 34.03
N ALA C 263 1.39 -25.59 33.00
CA ALA C 263 0.97 -24.95 31.76
C ALA C 263 -0.54 -24.84 31.79
N PHE C 264 -1.08 -23.75 31.26
CA PHE C 264 -2.51 -23.49 31.23
C PHE C 264 -3.01 -23.19 29.81
N TRP C 265 -4.17 -23.74 29.48
CA TRP C 265 -4.89 -23.28 28.30
C TRP C 265 -6.38 -23.45 28.56
N PHE C 266 -7.22 -23.16 27.58
CA PHE C 266 -8.66 -23.30 27.81
C PHE C 266 -9.43 -23.63 26.54
N ASP C 267 -10.59 -24.23 26.75
CA ASP C 267 -11.56 -24.45 25.68
C ASP C 267 -12.89 -23.84 26.10
N VAL C 268 -13.72 -23.47 25.12
CA VAL C 268 -15.12 -23.15 25.39
C VAL C 268 -15.95 -23.93 24.40
N ALA C 269 -17.18 -24.25 24.82
CA ALA C 269 -18.10 -24.97 23.95
C ALA C 269 -19.38 -24.16 23.78
N PHE C 270 -19.87 -24.14 22.55
CA PHE C 270 -21.17 -23.57 22.24
C PHE C 270 -22.15 -24.72 22.05
N ILE C 271 -23.04 -24.89 23.03
CA ILE C 271 -23.95 -26.01 23.03
C ILE C 271 -25.31 -25.54 22.53
N GLY C 272 -25.52 -25.69 21.22
CA GLY C 272 -26.76 -25.26 20.60
C GLY C 272 -27.69 -26.42 20.35
N SER C 273 -28.83 -26.14 19.75
CA SER C 273 -29.88 -27.11 19.54
C SER C 273 -29.58 -28.07 18.41
N ILE C 274 -28.77 -27.62 17.46
CA ILE C 274 -28.40 -28.42 16.30
C ILE C 274 -27.07 -29.12 16.52
N MET C 275 -26.14 -28.48 17.23
CA MET C 275 -24.82 -29.08 17.43
C MET C 275 -23.97 -28.33 18.43
N THR C 276 -22.90 -28.99 18.89
CA THR C 276 -21.95 -28.38 19.80
C THR C 276 -20.68 -28.05 19.06
N VAL C 277 -20.23 -26.80 19.17
CA VAL C 277 -18.99 -26.35 18.54
C VAL C 277 -17.96 -25.95 19.60
N TRP C 278 -16.72 -26.39 19.40
CA TRP C 278 -15.65 -26.15 20.34
C TRP C 278 -14.65 -25.11 19.82
N LEU C 279 -14.22 -24.23 20.70
CA LEU C 279 -13.09 -23.34 20.46
C LEU C 279 -11.99 -23.67 21.45
N SER C 280 -10.85 -24.14 20.95
CA SER C 280 -9.74 -24.58 21.79
C SER C 280 -8.46 -23.76 21.59
N THR C 281 -7.80 -23.43 22.70
CA THR C 281 -6.54 -22.71 22.68
C THR C 281 -5.41 -23.63 23.08
N ALA C 282 -5.64 -24.94 22.97
CA ALA C 282 -4.68 -25.95 23.36
C ALA C 282 -3.41 -25.88 22.53
N PRO C 283 -2.27 -26.31 23.11
CA PRO C 283 -1.01 -26.36 22.38
C PRO C 283 -1.02 -27.42 21.26
N THR C 284 -1.96 -28.34 21.31
CA THR C 284 -2.11 -29.31 20.23
C THR C 284 -2.86 -28.71 19.03
N GLU C 285 -3.45 -27.53 19.22
CA GLU C 285 -4.27 -26.87 18.21
C GLU C 285 -3.53 -25.69 17.59
N PRO C 286 -4.03 -25.20 16.45
CA PRO C 286 -3.48 -23.98 15.84
C PRO C 286 -3.46 -22.80 16.81
N LEU C 287 -2.37 -22.04 16.77
CA LEU C 287 -2.16 -20.95 17.71
C LEU C 287 -3.24 -19.85 17.61
N THR C 288 -3.57 -19.27 18.77
CA THR C 288 -4.50 -18.15 18.83
C THR C 288 -3.84 -16.97 19.50
N HIS C 289 -4.55 -15.85 19.53
CA HIS C 289 -4.05 -14.67 20.20
C HIS C 289 -4.10 -14.83 21.74
N TRP C 290 -4.63 -15.95 22.23
CA TRP C 290 -4.54 -16.25 23.66
C TRP C 290 -3.27 -17.02 24.04
N TYR C 291 -2.58 -17.56 23.03
CA TYR C 291 -1.37 -18.34 23.20
C TYR C 291 -1.64 -19.44 24.25
N GLN C 292 -0.67 -19.66 25.13
CA GLN C 292 -0.89 -20.44 26.34
C GLN C 292 -0.17 -19.73 27.48
N VAL C 293 -0.32 -20.23 28.72
CA VAL C 293 0.29 -19.55 29.87
C VAL C 293 1.03 -20.57 30.71
N ARG C 294 2.25 -20.23 31.13
CA ARG C 294 2.99 -21.10 32.04
C ARG C 294 3.37 -20.36 33.31
N CYS C 295 3.15 -21.05 34.43
CA CYS C 295 3.54 -20.59 35.75
C CYS C 295 4.62 -21.50 36.31
N LEU C 296 5.77 -20.94 36.65
CA LEU C 296 6.86 -21.71 37.22
C LEU C 296 6.66 -21.99 38.72
N PHE C 297 7.16 -23.14 39.17
CA PHE C 297 7.41 -23.37 40.59
C PHE C 297 8.69 -22.64 40.97
N GLN C 298 8.85 -22.33 42.24
CA GLN C 298 10.07 -21.69 42.70
C GLN C 298 11.23 -22.70 42.64
N SER C 299 10.90 -23.97 42.84
CA SER C 299 11.89 -25.03 42.69
C SER C 299 11.31 -26.21 41.91
N PRO C 300 12.11 -26.83 41.03
CA PRO C 300 11.51 -27.94 40.31
C PRO C 300 11.34 -29.17 41.17
N LEU C 301 10.41 -30.03 40.75
CA LEU C 301 10.11 -31.26 41.47
C LEU C 301 10.44 -32.48 40.59
N PHE C 302 11.20 -33.43 41.11
CA PHE C 302 11.46 -34.65 40.35
C PHE C 302 10.30 -35.63 40.51
N ALA C 303 9.82 -36.15 39.39
CA ALA C 303 8.74 -37.12 39.43
C ALA C 303 9.00 -38.26 38.45
N LYS C 304 8.96 -39.49 38.94
CA LYS C 304 9.10 -40.66 38.08
C LYS C 304 7.81 -40.87 37.30
N ALA C 305 7.90 -41.48 36.13
CA ALA C 305 6.70 -41.86 35.40
C ALA C 305 5.88 -42.83 36.26
N GLY C 306 4.60 -42.53 36.42
CA GLY C 306 3.74 -43.34 37.27
C GLY C 306 3.53 -42.73 38.66
N ASP C 307 4.39 -41.80 39.05
CA ASP C 307 4.17 -41.02 40.27
C ASP C 307 2.96 -40.14 40.09
N THR C 308 2.45 -39.62 41.20
CA THR C 308 1.34 -38.68 41.18
C THR C 308 1.80 -37.32 41.70
N LEU C 309 1.49 -36.27 40.96
CA LEU C 309 1.77 -34.90 41.37
C LEU C 309 0.46 -34.27 41.80
N SER C 310 0.29 -34.07 43.11
CA SER C 310 -0.97 -33.55 43.62
C SER C 310 -0.82 -32.17 44.22
N GLY C 311 -1.91 -31.41 44.23
CA GLY C 311 -1.91 -30.08 44.76
C GLY C 311 -3.10 -29.25 44.33
N THR C 312 -2.99 -27.93 44.49
CA THR C 312 -4.09 -27.06 44.12
C THR C 312 -3.58 -25.81 43.44
N CYS C 313 -4.38 -25.31 42.52
CA CYS C 313 -4.17 -24.00 41.98
C CYS C 313 -5.32 -23.15 42.49
N LEU C 314 -5.02 -22.14 43.30
CA LEU C 314 -6.04 -21.24 43.82
C LEU C 314 -5.96 -19.87 43.15
N LEU C 315 -7.05 -19.47 42.51
CA LEU C 315 -7.12 -18.18 41.83
C LEU C 315 -7.99 -17.23 42.65
N ILE C 316 -7.38 -16.12 43.06
CA ILE C 316 -8.06 -15.14 43.89
C ILE C 316 -8.18 -13.86 43.10
N ALA C 317 -9.42 -13.46 42.85
CA ALA C 317 -9.68 -12.28 42.05
C ALA C 317 -9.24 -11.03 42.81
N ASN C 318 -8.76 -10.03 42.07
CA ASN C 318 -8.37 -8.77 42.70
C ASN C 318 -9.03 -7.59 41.98
N LYS C 319 -8.80 -6.39 42.50
CA LYS C 319 -9.47 -5.18 42.01
C LYS C 319 -8.80 -4.64 40.75
N ARG C 320 -7.79 -5.33 40.26
CA ARG C 320 -7.12 -4.93 39.02
C ARG C 320 -7.61 -5.77 37.84
N GLN C 321 -8.85 -6.26 37.94
CA GLN C 321 -9.46 -7.04 36.88
C GLN C 321 -8.63 -8.25 36.53
N SER C 322 -8.06 -8.89 37.53
CA SER C 322 -7.27 -10.06 37.29
C SER C 322 -7.26 -10.95 38.52
N TYR C 323 -6.30 -11.86 38.57
CA TYR C 323 -6.18 -12.81 39.65
C TYR C 323 -4.75 -12.89 40.16
N ASP C 324 -4.65 -13.18 41.45
CA ASP C 324 -3.40 -13.68 42.02
C ASP C 324 -3.49 -15.20 41.97
N ILE C 325 -2.44 -15.83 41.47
CA ILE C 325 -2.40 -17.26 41.27
C ILE C 325 -1.52 -17.89 42.35
N SER C 326 -2.14 -18.70 43.19
CA SER C 326 -1.42 -19.47 44.19
C SER C 326 -1.35 -20.95 43.82
N ILE C 327 -0.14 -21.48 43.64
CA ILE C 327 0.06 -22.86 43.24
C ILE C 327 0.90 -23.61 44.26
N VAL C 328 0.40 -24.76 44.68
CA VAL C 328 1.13 -25.67 45.56
C VAL C 328 1.08 -27.05 44.96
N ALA C 329 2.22 -27.72 44.94
CA ALA C 329 2.32 -29.03 44.32
C ALA C 329 3.23 -29.91 45.13
N GLN C 330 2.91 -31.19 45.16
CA GLN C 330 3.70 -32.15 45.90
C GLN C 330 3.76 -33.45 45.10
N VAL C 331 4.94 -34.09 45.11
CA VAL C 331 5.07 -35.45 44.60
C VAL C 331 4.70 -36.39 45.73
N ASP C 332 3.57 -37.07 45.58
CA ASP C 332 3.04 -37.91 46.66
C ASP C 332 4.01 -38.99 47.14
N GLN C 333 4.66 -39.67 46.19
CA GLN C 333 5.51 -40.82 46.51
C GLN C 333 6.81 -40.43 47.19
N THR C 334 7.18 -39.15 47.15
CA THR C 334 8.45 -38.69 47.70
C THR C 334 8.28 -37.59 48.73
N GLY C 335 7.13 -36.91 48.70
CA GLY C 335 6.89 -35.82 49.62
C GLY C 335 7.53 -34.51 49.22
N SER C 336 8.29 -34.51 48.12
CA SER C 336 8.89 -33.26 47.63
C SER C 336 7.81 -32.23 47.26
N LYS C 337 7.99 -30.99 47.71
CA LYS C 337 6.94 -29.97 47.60
C LYS C 337 7.48 -28.64 47.07
N SER C 338 6.66 -27.95 46.29
CA SER C 338 6.99 -26.60 45.85
C SER C 338 5.74 -25.76 45.65
N SER C 339 5.94 -24.48 45.39
CA SER C 339 4.83 -23.57 45.23
C SER C 339 5.24 -22.29 44.52
N ASN C 340 4.27 -21.44 44.23
CA ASN C 340 4.54 -20.12 43.75
C ASN C 340 3.26 -19.31 43.89
N LEU C 341 3.43 -17.98 43.90
CA LEU C 341 2.33 -17.02 43.98
C LEU C 341 2.54 -15.98 42.88
N LEU C 342 1.70 -16.00 41.86
CA LEU C 342 1.93 -15.15 40.68
C LEU C 342 0.86 -14.07 40.50
N ASP C 343 1.23 -13.02 39.78
CA ASP C 343 0.35 -11.91 39.47
C ASP C 343 -0.05 -11.92 37.98
N LEU C 344 -1.26 -12.39 37.69
CA LEU C 344 -1.72 -12.57 36.33
C LEU C 344 -1.93 -11.27 35.55
N LYS C 345 -2.10 -10.15 36.26
CA LYS C 345 -2.32 -8.87 35.59
C LYS C 345 -1.10 -8.46 34.77
N ASN C 346 0.09 -8.88 35.19
CA ASN C 346 1.31 -8.44 34.51
C ASN C 346 2.17 -9.62 34.06
N PRO C 347 1.70 -10.32 33.01
CA PRO C 347 2.41 -11.50 32.52
C PRO C 347 3.65 -11.09 31.73
N PHE C 348 4.56 -12.04 31.51
CA PHE C 348 5.71 -11.81 30.66
C PHE C 348 5.42 -12.40 29.29
N PHE C 349 5.39 -11.51 28.29
CA PHE C 349 5.16 -11.93 26.92
C PHE C 349 6.49 -12.38 26.35
N ARG C 350 6.66 -13.69 26.23
CA ARG C 350 7.93 -14.30 25.85
C ARG C 350 7.98 -14.64 24.35
N TYR C 351 6.82 -14.87 23.76
CA TYR C 351 6.70 -15.27 22.35
C TYR C 351 7.45 -14.36 21.36
N ARG D 9 -3.14 19.03 46.77
CA ARG D 9 -2.90 19.67 45.47
C ARG D 9 -1.43 20.03 45.31
N SER D 10 -0.81 19.54 44.23
CA SER D 10 0.57 19.86 43.91
C SER D 10 0.75 20.08 42.42
N VAL D 11 1.90 20.57 41.99
CA VAL D 11 2.11 20.86 40.58
C VAL D 11 1.98 19.58 39.77
N PHE D 12 2.50 18.49 40.29
CA PHE D 12 2.45 17.22 39.56
C PHE D 12 1.00 16.77 39.37
N SER D 13 0.25 16.71 40.46
CA SER D 13 -1.10 16.17 40.42
C SER D 13 -2.06 17.03 39.60
N GLU D 14 -1.78 18.33 39.54
CA GLU D 14 -2.64 19.24 38.79
C GLU D 14 -2.50 19.03 37.28
N ARG D 15 -1.34 18.54 36.83
CA ARG D 15 -1.11 18.33 35.40
C ARG D 15 -1.24 16.85 34.99
N THR D 16 -1.68 15.99 35.91
CA THR D 16 -1.63 14.55 35.67
C THR D 16 -2.88 13.82 36.12
N GLU D 17 -3.51 13.08 35.21
CA GLU D 17 -4.60 12.16 35.57
C GLU D 17 -4.08 11.09 36.51
N GLU D 18 -4.81 10.81 37.58
CA GLU D 18 -4.41 9.80 38.56
C GLU D 18 -4.16 8.48 37.86
N SER D 19 -5.07 8.10 36.96
CA SER D 19 -4.95 6.83 36.27
C SER D 19 -3.59 6.69 35.58
N SER D 20 -3.17 7.75 34.89
CA SER D 20 -1.89 7.73 34.20
C SER D 20 -0.75 7.62 35.21
N ALA D 21 -0.80 8.40 36.28
CA ALA D 21 0.27 8.37 37.29
C ALA D 21 0.44 6.99 37.92
N VAL D 22 -0.68 6.32 38.20
CA VAL D 22 -0.65 5.00 38.84
C VAL D 22 0.14 4.02 37.99
N GLN D 23 -0.23 3.89 36.72
CA GLN D 23 0.42 2.95 35.83
C GLN D 23 1.86 3.33 35.56
N TYR D 24 2.12 4.63 35.47
CA TYR D 24 3.46 5.14 35.21
C TYR D 24 4.43 4.70 36.30
N PHE D 25 4.09 5.00 37.55
CA PHE D 25 4.99 4.67 38.66
C PHE D 25 5.00 3.17 38.97
N GLN D 26 3.91 2.46 38.69
CA GLN D 26 3.93 1.00 38.74
C GLN D 26 4.97 0.43 37.77
N PHE D 27 5.02 0.99 36.55
CA PHE D 27 5.97 0.55 35.54
C PHE D 27 7.40 0.78 36.01
N TYR D 28 7.66 1.91 36.67
CA TYR D 28 9.02 2.18 37.08
C TYR D 28 9.39 1.53 38.41
N GLY D 29 8.45 0.75 38.96
CA GLY D 29 8.74 -0.04 40.14
C GLY D 29 9.44 -1.36 39.85
N TYR D 30 9.54 -1.72 38.57
CA TYR D 30 10.06 -3.02 38.15
C TYR D 30 11.58 -3.01 38.00
N LEU D 31 12.25 -4.00 38.60
CA LEU D 31 13.71 -4.06 38.51
C LEU D 31 14.12 -4.40 37.06
N SER D 32 13.31 -5.18 36.36
CA SER D 32 13.60 -5.52 34.96
C SER D 32 13.73 -4.24 34.13
N GLN D 33 12.93 -3.22 34.42
CA GLN D 33 13.05 -1.95 33.72
C GLN D 33 14.33 -1.21 34.10
N GLN D 34 14.70 -1.22 35.39
CA GLN D 34 15.96 -0.61 35.79
C GLN D 34 17.13 -1.29 35.07
N GLN D 35 17.11 -2.62 34.99
CA GLN D 35 18.12 -3.37 34.23
C GLN D 35 18.20 -2.97 32.76
N ASN D 36 17.04 -2.84 32.10
N ASN D 36 17.05 -2.85 32.10
CA ASN D 36 17.02 -2.46 30.70
CA ASN D 36 17.01 -2.47 30.69
C ASN D 36 17.73 -1.11 30.51
C ASN D 36 17.69 -1.10 30.49
N MET D 37 17.43 -0.16 31.38
CA MET D 37 18.05 1.16 31.28
C MET D 37 19.54 1.08 31.61
N MET D 38 19.89 0.34 32.64
CA MET D 38 21.28 0.25 33.04
C MET D 38 22.15 -0.45 31.99
N GLN D 39 21.57 -1.39 31.26
CA GLN D 39 22.32 -2.18 30.27
C GLN D 39 22.52 -1.41 28.96
N ASP D 40 21.98 -0.21 28.87
CA ASP D 40 22.31 0.69 27.77
C ASP D 40 23.66 1.32 28.06
N TYR D 41 24.74 0.71 27.57
CA TYR D 41 26.08 1.10 27.97
C TYR D 41 26.44 2.51 27.49
N VAL D 42 25.94 2.88 26.31
CA VAL D 42 26.11 4.24 25.81
C VAL D 42 25.56 5.25 26.81
N ARG D 43 24.32 5.03 27.22
CA ARG D 43 23.66 5.88 28.19
C ARG D 43 24.41 5.90 29.52
N THR D 44 24.64 4.71 30.07
CA THR D 44 25.20 4.59 31.41
C THR D 44 26.65 5.06 31.41
N GLY D 45 27.42 4.63 30.40
CA GLY D 45 28.81 5.01 30.26
C GLY D 45 29.02 6.51 30.06
N THR D 46 28.09 7.15 29.34
CA THR D 46 28.22 8.57 29.05
C THR D 46 27.89 9.39 30.29
N TYR D 47 26.90 8.95 31.06
CA TYR D 47 26.56 9.65 32.30
C TYR D 47 27.73 9.59 33.28
N GLN D 48 28.34 8.41 33.42
CA GLN D 48 29.45 8.27 34.32
C GLN D 48 30.61 9.15 33.87
N ARG D 49 30.89 9.16 32.57
CA ARG D 49 31.96 10.00 32.04
C ARG D 49 31.67 11.50 32.27
N ALA D 50 30.45 11.93 32.00
CA ALA D 50 30.08 13.33 32.22
C ALA D 50 30.35 13.78 33.65
N ILE D 51 30.01 12.90 34.60
CA ILE D 51 30.11 13.22 36.02
C ILE D 51 31.55 13.06 36.53
N LEU D 52 32.22 11.96 36.20
CA LEU D 52 33.60 11.75 36.67
C LEU D 52 34.60 12.69 35.99
N GLN D 53 34.42 12.96 34.70
CA GLN D 53 35.31 13.90 34.01
C GLN D 53 35.11 15.31 34.53
N ASN D 54 33.93 15.60 35.08
CA ASN D 54 33.67 16.91 35.69
C ASN D 54 33.58 16.80 37.21
N HIS D 55 34.51 16.04 37.80
CA HIS D 55 34.45 15.73 39.22
C HIS D 55 34.48 16.99 40.09
N THR D 56 35.05 18.07 39.58
CA THR D 56 35.15 19.32 40.33
C THR D 56 33.77 19.95 40.56
N ASP D 57 32.84 19.70 39.66
CA ASP D 57 31.49 20.22 39.81
C ASP D 57 30.71 19.45 40.89
N PHE D 58 31.33 18.39 41.42
CA PHE D 58 30.68 17.55 42.43
C PHE D 58 31.46 17.49 43.73
N LYS D 59 32.77 17.67 43.65
CA LYS D 59 33.66 17.56 44.81
C LYS D 59 33.17 18.38 45.99
N ASP D 60 32.79 17.69 47.06
CA ASP D 60 32.30 18.29 48.29
C ASP D 60 31.09 19.24 48.06
N LYS D 61 30.27 18.91 47.06
CA LYS D 61 29.07 19.68 46.78
C LYS D 61 27.81 18.96 47.26
N ILE D 62 26.74 19.73 47.41
CA ILE D 62 25.42 19.20 47.71
C ILE D 62 24.72 18.95 46.37
N VAL D 63 24.15 17.76 46.22
CA VAL D 63 23.59 17.28 44.97
C VAL D 63 22.14 16.84 45.13
N LEU D 64 21.33 17.12 44.12
CA LEU D 64 19.98 16.58 44.02
C LEU D 64 19.85 15.69 42.79
N ASP D 65 19.39 14.45 42.99
CA ASP D 65 19.13 13.53 41.87
C ASP D 65 17.62 13.31 41.67
N VAL D 66 17.08 13.82 40.56
CA VAL D 66 15.64 13.80 40.34
C VAL D 66 15.19 12.55 39.62
N GLY D 67 14.42 11.71 40.29
CA GLY D 67 13.96 10.47 39.71
C GLY D 67 15.12 9.50 39.59
N CYS D 68 15.72 9.17 40.74
CA CYS D 68 16.98 8.45 40.80
C CYS D 68 16.87 6.96 40.47
N GLY D 69 15.66 6.43 40.46
CA GLY D 69 15.49 5.01 40.15
C GLY D 69 16.21 4.21 41.22
N SER D 70 17.04 3.25 40.80
CA SER D 70 17.82 2.42 41.72
C SER D 70 19.07 3.17 42.24
N GLY D 71 19.31 4.37 41.70
CA GLY D 71 20.26 5.31 42.29
C GLY D 71 21.59 5.47 41.59
N ILE D 72 21.71 4.92 40.37
CA ILE D 72 23.01 4.80 39.73
C ILE D 72 23.67 6.18 39.59
N LEU D 73 22.91 7.20 39.22
CA LEU D 73 23.52 8.52 39.09
C LEU D 73 24.00 9.11 40.41
N SER D 74 23.28 8.83 41.50
CA SER D 74 23.76 9.23 42.81
C SER D 74 25.11 8.58 43.11
N PHE D 75 25.23 7.30 42.81
CA PHE D 75 26.51 6.63 43.03
C PHE D 75 27.63 7.26 42.21
N PHE D 76 27.35 7.71 40.99
CA PHE D 76 28.37 8.40 40.19
C PHE D 76 28.76 9.73 40.84
N ALA D 77 27.76 10.47 41.28
CA ALA D 77 27.98 11.71 42.03
C ALA D 77 28.86 11.46 43.27
N ALA D 78 28.61 10.32 43.96
CA ALA D 78 29.37 9.94 45.16
C ALA D 78 30.81 9.59 44.81
N GLN D 79 31.00 8.86 43.72
CA GLN D 79 32.36 8.53 43.24
C GLN D 79 33.14 9.81 42.92
N ALA D 80 32.43 10.83 42.43
CA ALA D 80 33.05 12.10 42.06
C ALA D 80 33.35 13.00 43.27
N GLY D 81 32.99 12.55 44.46
CA GLY D 81 33.34 13.28 45.67
C GLY D 81 32.25 14.16 46.28
N ALA D 82 30.99 13.96 45.90
CA ALA D 82 29.91 14.78 46.44
C ALA D 82 29.81 14.60 47.95
N ARG D 83 29.67 15.70 48.67
CA ARG D 83 29.49 15.69 50.11
C ARG D 83 28.14 15.08 50.52
N LYS D 84 27.08 15.44 49.80
CA LYS D 84 25.76 14.92 50.13
C LYS D 84 24.88 14.93 48.89
N ILE D 85 24.15 13.84 48.68
CA ILE D 85 23.31 13.66 47.51
C ILE D 85 21.90 13.30 47.95
N TYR D 86 20.95 14.19 47.68
CA TYR D 86 19.54 13.90 47.91
C TYR D 86 19.00 13.21 46.67
N ALA D 87 18.54 11.98 46.85
CA ALA D 87 18.11 11.15 45.73
C ALA D 87 16.60 11.01 45.83
N VAL D 88 15.87 11.71 44.96
CA VAL D 88 14.41 11.70 45.01
C VAL D 88 13.79 10.71 44.02
N GLU D 89 12.84 9.90 44.49
CA GLU D 89 12.21 8.88 43.65
C GLU D 89 10.83 8.54 44.17
N ALA D 90 9.83 8.60 43.27
CA ALA D 90 8.40 8.48 43.65
C ALA D 90 7.87 7.05 43.56
N SER D 91 8.54 6.20 42.78
CA SER D 91 8.11 4.80 42.67
C SER D 91 8.61 3.99 43.87
N THR D 92 8.17 2.75 43.94
CA THR D 92 8.64 1.85 44.99
C THR D 92 10.11 1.44 44.78
N MET D 93 10.71 1.87 43.70
CA MET D 93 12.13 1.62 43.45
C MET D 93 12.97 2.30 44.51
N ALA D 94 12.43 3.34 45.15
CA ALA D 94 13.19 4.11 46.14
C ALA D 94 13.69 3.20 47.27
N GLN D 95 12.94 2.16 47.56
CA GLN D 95 13.34 1.29 48.64
C GLN D 95 14.49 0.36 48.20
N HIS D 96 14.51 0.01 46.91
CA HIS D 96 15.58 -0.77 46.33
C HIS D 96 16.83 0.10 46.26
N ALA D 97 16.67 1.38 45.97
CA ALA D 97 17.82 2.28 45.97
C ALA D 97 18.44 2.36 47.37
N GLU D 98 17.62 2.45 48.41
CA GLU D 98 18.14 2.53 49.77
C GLU D 98 18.93 1.27 50.14
N VAL D 99 18.47 0.11 49.66
CA VAL D 99 19.18 -1.14 49.90
C VAL D 99 20.58 -1.07 49.30
N LEU D 100 20.72 -0.48 48.12
CA LEU D 100 22.03 -0.40 47.48
C LEU D 100 22.93 0.60 48.18
N VAL D 101 22.34 1.68 48.66
CA VAL D 101 23.09 2.68 49.41
C VAL D 101 23.73 2.02 50.64
N LYS D 102 22.94 1.22 51.35
CA LYS D 102 23.42 0.54 52.53
C LYS D 102 24.47 -0.53 52.21
N SER D 103 24.24 -1.30 51.14
CA SER D 103 25.18 -2.38 50.81
C SER D 103 26.46 -1.85 50.18
N ASN D 104 26.46 -0.63 49.66
CA ASN D 104 27.67 0.03 49.17
C ASN D 104 28.30 0.97 50.21
N ASN D 105 27.79 0.91 51.45
CA ASN D 105 28.31 1.73 52.54
C ASN D 105 28.43 3.20 52.15
N LEU D 106 27.36 3.75 51.60
CA LEU D 106 27.33 5.17 51.23
C LEU D 106 26.21 5.92 51.95
N THR D 107 25.76 5.39 53.09
CA THR D 107 24.72 6.04 53.91
C THR D 107 25.14 7.46 54.34
N ASP D 108 26.44 7.69 54.39
CA ASP D 108 26.92 8.99 54.83
C ASP D 108 26.84 10.04 53.72
N ARG D 109 26.56 9.61 52.49
CA ARG D 109 26.60 10.57 51.38
C ARG D 109 25.35 10.58 50.49
N ILE D 110 24.65 9.45 50.37
CA ILE D 110 23.43 9.39 49.58
C ILE D 110 22.23 9.24 50.49
N VAL D 111 21.28 10.15 50.32
CA VAL D 111 20.05 10.15 51.12
C VAL D 111 18.83 10.02 50.20
N VAL D 112 18.20 8.85 50.22
CA VAL D 112 17.00 8.64 49.43
C VAL D 112 15.81 9.35 50.06
N ILE D 113 15.11 10.16 49.26
CA ILE D 113 13.90 10.86 49.68
C ILE D 113 12.71 10.30 48.88
N PRO D 114 11.93 9.40 49.47
CA PRO D 114 10.81 8.84 48.71
C PRO D 114 9.74 9.88 48.39
N GLY D 115 9.30 9.94 47.14
CA GLY D 115 8.19 10.82 46.77
C GLY D 115 8.44 11.63 45.52
N LYS D 116 7.42 12.39 45.14
CA LYS D 116 7.52 13.26 43.97
C LYS D 116 8.31 14.53 44.26
N VAL D 117 9.20 14.91 43.33
CA VAL D 117 10.03 16.07 43.53
C VAL D 117 9.19 17.35 43.70
N GLU D 118 7.95 17.33 43.21
CA GLU D 118 7.06 18.47 43.37
C GLU D 118 6.42 18.55 44.75
N GLU D 119 6.67 17.55 45.60
CA GLU D 119 5.96 17.43 46.87
C GLU D 119 6.87 17.25 48.09
N VAL D 120 8.07 16.72 47.91
CA VAL D 120 8.96 16.47 49.03
C VAL D 120 9.62 17.75 49.54
N SER D 121 10.11 17.70 50.77
CA SER D 121 10.90 18.79 51.33
C SER D 121 12.36 18.38 51.44
N LEU D 122 13.25 19.33 51.16
CA LEU D 122 14.68 19.08 51.33
C LEU D 122 15.22 20.02 52.41
N PRO D 123 16.22 19.56 53.16
CA PRO D 123 16.71 20.40 54.26
C PRO D 123 17.44 21.64 53.79
N GLU D 124 18.07 21.57 52.62
CA GLU D 124 18.90 22.67 52.12
C GLU D 124 18.84 22.83 50.61
N GLN D 125 19.41 23.92 50.12
CA GLN D 125 19.59 24.13 48.71
C GLN D 125 20.78 23.34 48.22
N VAL D 126 20.77 23.00 46.93
CA VAL D 126 21.81 22.18 46.33
C VAL D 126 22.65 22.98 45.33
N ASP D 127 23.84 22.47 45.03
CA ASP D 127 24.77 23.13 44.12
C ASP D 127 24.56 22.67 42.68
N ILE D 128 24.04 21.46 42.51
CA ILE D 128 23.85 20.90 41.18
C ILE D 128 22.74 19.85 41.18
N ILE D 129 22.01 19.80 40.07
CA ILE D 129 20.96 18.82 39.86
C ILE D 129 21.37 17.85 38.76
N ILE D 130 21.11 16.58 39.00
CA ILE D 130 21.34 15.53 38.03
C ILE D 130 20.05 14.74 37.85
N SER D 131 19.85 14.25 36.63
CA SER D 131 18.66 13.48 36.31
C SER D 131 18.81 12.91 34.90
N GLU D 132 17.96 11.93 34.60
CA GLU D 132 17.75 11.48 33.25
C GLU D 132 16.29 11.72 32.87
N PRO D 133 15.93 12.97 32.54
CA PRO D 133 14.53 13.27 32.28
C PRO D 133 14.05 12.94 30.87
N MET D 134 14.97 12.57 29.98
CA MET D 134 14.65 12.37 28.57
C MET D 134 13.82 11.12 28.36
N GLY D 135 12.63 11.30 27.79
CA GLY D 135 11.84 10.18 27.29
C GLY D 135 12.00 10.03 25.77
N TYR D 136 11.21 9.13 25.16
CA TYR D 136 11.16 9.04 23.69
C TYR D 136 10.90 10.41 23.13
N MET D 137 11.59 10.73 22.04
CA MET D 137 11.47 12.01 21.35
C MET D 137 11.78 13.15 22.31
N LEU D 138 12.59 12.83 23.32
CA LEU D 138 13.00 13.73 24.40
C LEU D 138 11.89 14.05 25.41
N PHE D 139 10.72 14.42 24.91
CA PHE D 139 9.69 15.07 25.72
C PHE D 139 8.70 14.11 26.37
N ASN D 140 8.59 12.87 25.87
CA ASN D 140 7.61 11.93 26.44
C ASN D 140 7.87 11.70 27.93
N GLU D 141 6.79 11.47 28.68
CA GLU D 141 6.77 11.29 30.16
C GLU D 141 6.69 12.61 30.93
N ARG D 142 6.97 13.73 30.27
CA ARG D 142 6.87 15.05 30.91
C ARG D 142 7.78 15.19 32.13
N MET D 143 8.86 14.43 32.17
N MET D 143 8.87 14.42 32.15
CA MET D 143 9.74 14.49 33.32
CA MET D 143 9.79 14.42 33.26
C MET D 143 10.62 15.73 33.26
C MET D 143 10.64 15.68 33.25
N LEU D 144 10.78 16.29 32.07
CA LEU D 144 11.57 17.52 31.96
C LEU D 144 10.97 18.62 32.81
N GLU D 145 9.66 18.62 32.96
CA GLU D 145 9.03 19.62 33.81
C GLU D 145 9.35 19.39 35.28
N SER D 146 9.37 18.14 35.70
CA SER D 146 9.79 17.82 37.07
C SER D 146 11.25 18.24 37.28
N TYR D 147 12.07 18.03 36.26
CA TYR D 147 13.48 18.41 36.30
C TYR D 147 13.60 19.92 36.49
N LEU D 148 12.86 20.67 35.68
CA LEU D 148 12.90 22.12 35.77
C LEU D 148 12.30 22.61 37.09
N HIS D 149 11.25 21.94 37.53
CA HIS D 149 10.59 22.31 38.76
C HIS D 149 11.57 22.23 39.94
N ALA D 150 12.46 21.22 39.93
CA ALA D 150 13.41 21.03 41.02
C ALA D 150 14.40 22.18 41.17
N LYS D 151 14.41 23.10 40.22
CA LYS D 151 15.29 24.26 40.29
C LYS D 151 14.95 25.16 41.46
N LYS D 152 13.76 24.98 42.03
CA LYS D 152 13.41 25.72 43.25
C LYS D 152 14.39 25.40 44.37
N TYR D 153 15.05 24.25 44.26
CA TYR D 153 16.05 23.84 45.23
C TYR D 153 17.47 24.21 44.82
N LEU D 154 17.64 24.76 43.62
CA LEU D 154 18.97 25.04 43.12
C LEU D 154 19.46 26.40 43.58
N LYS D 155 20.68 26.45 44.09
CA LYS D 155 21.31 27.73 44.44
C LYS D 155 21.45 28.62 43.21
N PRO D 156 21.45 29.95 43.40
CA PRO D 156 21.46 30.91 42.29
C PRO D 156 22.45 30.58 41.16
N SER D 157 23.67 30.18 41.50
CA SER D 157 24.65 29.92 40.45
C SER D 157 24.91 28.43 40.26
N GLY D 158 23.90 27.61 40.55
CA GLY D 158 24.03 26.17 40.45
C GLY D 158 24.08 25.65 39.02
N ASN D 159 24.37 24.37 38.87
CA ASN D 159 24.49 23.79 37.55
C ASN D 159 23.47 22.68 37.39
N MET D 160 23.34 22.20 36.16
N MET D 160 23.35 22.18 36.17
CA MET D 160 22.40 21.13 35.84
CA MET D 160 22.42 21.11 35.89
C MET D 160 23.03 20.16 34.85
C MET D 160 22.99 20.16 34.83
N PHE D 161 22.93 18.87 35.17
CA PHE D 161 23.46 17.81 34.33
C PHE D 161 22.32 16.85 34.00
N PRO D 162 21.81 16.88 32.77
CA PRO D 162 22.25 17.64 31.60
C PRO D 162 21.92 19.13 31.65
N THR D 163 22.68 19.92 30.91
CA THR D 163 22.55 21.37 30.92
C THR D 163 21.64 21.86 29.81
N ILE D 164 21.73 21.22 28.66
CA ILE D 164 20.87 21.59 27.53
C ILE D 164 20.41 20.32 26.80
N GLY D 165 19.27 20.44 26.12
CA GLY D 165 18.75 19.42 25.22
C GLY D 165 18.50 19.95 23.80
N ASP D 166 19.03 19.25 22.80
CA ASP D 166 18.85 19.59 21.40
C ASP D 166 17.89 18.59 20.76
N VAL D 167 16.77 19.09 20.23
CA VAL D 167 15.87 18.28 19.43
C VAL D 167 16.26 18.48 17.96
N HIS D 168 16.47 17.38 17.25
CA HIS D 168 16.74 17.43 15.79
C HIS D 168 15.57 16.85 15.00
N LEU D 169 15.18 17.58 13.96
CA LEU D 169 14.13 17.20 13.03
C LEU D 169 14.72 17.16 11.62
N ALA D 170 14.33 16.17 10.83
CA ALA D 170 14.73 16.11 9.42
C ALA D 170 13.75 15.26 8.60
N PRO D 171 13.44 15.68 7.36
CA PRO D 171 12.52 14.88 6.53
C PRO D 171 13.17 13.62 6.02
N PHE D 172 12.40 12.55 5.86
CA PHE D 172 12.95 11.30 5.38
C PHE D 172 12.09 10.71 4.27
N THR D 173 12.67 9.79 3.50
CA THR D 173 11.92 8.99 2.55
C THR D 173 12.03 7.52 2.97
N ASP D 174 10.91 6.83 2.97
CA ASP D 174 10.85 5.42 3.34
C ASP D 174 9.50 4.88 2.93
N GLU D 175 9.39 4.56 1.66
CA GLU D 175 8.14 4.09 1.09
C GLU D 175 7.72 2.79 1.75
N GLN D 176 8.69 1.98 2.17
CA GLN D 176 8.38 0.69 2.79
C GLN D 176 7.60 0.84 4.10
N LEU D 177 8.10 1.71 4.96
CA LEU D 177 7.42 2.02 6.21
C LEU D 177 6.01 2.57 5.96
N TYR D 178 5.91 3.52 5.03
CA TYR D 178 4.63 4.14 4.76
C TYR D 178 3.60 3.09 4.33
N MET D 179 3.98 2.17 3.45
CA MET D 179 3.04 1.17 2.95
C MET D 179 2.84 0.03 3.94
N GLU D 180 3.76 -0.08 4.89
CA GLU D 180 3.58 -1.01 5.98
C GLU D 180 2.33 -0.62 6.76
N GLN D 181 2.23 0.67 7.08
CA GLN D 181 1.13 1.21 7.87
C GLN D 181 -0.16 1.35 7.05
N PHE D 182 -0.01 1.43 5.74
CA PHE D 182 -1.14 1.46 4.83
C PHE D 182 -1.73 0.06 4.69
N THR D 183 -0.87 -0.94 4.68
CA THR D 183 -1.30 -2.34 4.58
C THR D 183 -2.13 -2.72 5.80
N LYS D 184 -1.77 -2.18 6.96
CA LYS D 184 -2.51 -2.48 8.17
C LYS D 184 -3.89 -1.86 8.10
N ALA D 185 -3.96 -0.62 7.65
CA ALA D 185 -5.21 0.12 7.64
C ALA D 185 -6.18 -0.45 6.60
N ASN D 186 -5.67 -0.99 5.51
CA ASN D 186 -6.49 -1.52 4.42
C ASN D 186 -7.42 -2.63 4.88
N PHE D 187 -7.10 -3.25 6.02
CA PHE D 187 -7.97 -4.25 6.63
C PHE D 187 -9.39 -3.71 6.72
N TRP D 188 -9.52 -2.44 7.07
CA TRP D 188 -10.81 -1.82 7.31
C TRP D 188 -11.45 -1.28 6.03
N TYR D 189 -10.94 -1.72 4.88
CA TYR D 189 -11.54 -1.42 3.59
C TYR D 189 -12.47 -2.54 3.17
N GLN D 190 -12.28 -3.73 3.74
CA GLN D 190 -13.04 -4.91 3.37
C GLN D 190 -14.55 -4.71 3.31
N PRO D 191 -15.16 -4.97 2.14
CA PRO D 191 -16.60 -4.79 2.08
C PRO D 191 -17.38 -6.00 2.54
N SER D 192 -16.70 -7.14 2.74
CA SER D 192 -17.37 -8.34 3.23
C SER D 192 -16.42 -9.22 4.04
N PHE D 193 -16.09 -8.75 5.24
CA PHE D 193 -15.32 -9.54 6.19
C PHE D 193 -16.28 -10.47 6.91
N HIS D 194 -16.25 -11.76 6.58
CA HIS D 194 -17.21 -12.71 7.13
C HIS D 194 -18.63 -12.18 6.92
N GLY D 195 -18.85 -11.55 5.78
CA GLY D 195 -20.17 -11.04 5.44
C GLY D 195 -20.45 -9.62 5.93
N VAL D 196 -19.48 -9.00 6.59
CA VAL D 196 -19.68 -7.67 7.17
C VAL D 196 -18.88 -6.59 6.44
N ASP D 197 -19.56 -5.49 6.14
CA ASP D 197 -18.91 -4.36 5.49
C ASP D 197 -18.18 -3.50 6.54
N LEU D 198 -16.84 -3.46 6.47
CA LEU D 198 -16.03 -2.67 7.41
C LEU D 198 -15.66 -1.28 6.88
N SER D 199 -15.91 -1.03 5.58
CA SER D 199 -15.35 0.11 4.87
C SER D 199 -15.70 1.48 5.49
N ALA D 200 -16.82 1.57 6.19
CA ALA D 200 -17.16 2.84 6.79
C ALA D 200 -16.12 3.31 7.84
N LEU D 201 -15.34 2.39 8.40
CA LEU D 201 -14.32 2.72 9.40
C LEU D 201 -12.92 2.94 8.84
N ARG D 202 -12.76 2.80 7.52
CA ARG D 202 -11.45 2.92 6.94
C ARG D 202 -10.80 4.25 7.31
N GLY D 203 -11.57 5.32 7.32
CA GLY D 203 -11.00 6.62 7.63
C GLY D 203 -10.44 6.64 9.05
N ALA D 204 -11.23 6.14 9.99
CA ALA D 204 -10.82 6.09 11.39
C ALA D 204 -9.57 5.25 11.59
N ALA D 205 -9.47 4.15 10.85
CA ALA D 205 -8.34 3.25 10.98
C ALA D 205 -7.04 3.94 10.55
N VAL D 206 -7.02 4.55 9.36
CA VAL D 206 -5.84 5.26 8.91
C VAL D 206 -5.41 6.32 9.91
N ASP D 207 -6.36 7.13 10.37
CA ASP D 207 -6.06 8.14 11.37
C ASP D 207 -5.38 7.54 12.59
N GLU D 208 -5.94 6.46 13.10
CA GLU D 208 -5.40 5.82 14.29
C GLU D 208 -3.99 5.29 14.02
N TYR D 209 -3.81 4.57 12.91
N TYR D 209 -3.82 4.63 12.88
CA TYR D 209 -2.52 3.95 12.63
CA TYR D 209 -2.57 3.94 12.57
C TYR D 209 -1.43 4.99 12.40
C TYR D 209 -1.44 4.92 12.26
N PHE D 210 -1.79 6.10 11.76
CA PHE D 210 -0.80 7.12 11.43
C PHE D 210 -0.55 8.08 12.60
N ARG D 211 -1.30 7.92 13.68
CA ARG D 211 -1.05 8.70 14.90
C ARG D 211 0.12 8.12 15.71
N GLN D 212 0.58 6.93 15.34
CA GLN D 212 1.63 6.26 16.09
C GLN D 212 3.02 6.70 15.63
N PRO D 213 3.82 7.32 16.52
CA PRO D 213 5.21 7.59 16.14
C PRO D 213 5.93 6.27 15.94
N VAL D 214 6.83 6.18 14.95
CA VAL D 214 7.51 4.92 14.68
C VAL D 214 8.87 4.89 15.39
N VAL D 215 9.02 3.98 16.35
CA VAL D 215 10.27 3.87 17.10
C VAL D 215 11.11 2.74 16.53
N ASP D 216 12.27 3.09 15.99
CA ASP D 216 13.23 2.13 15.47
C ASP D 216 14.36 2.95 14.91
N THR D 217 15.38 2.32 14.35
CA THR D 217 16.48 3.08 13.77
C THR D 217 16.40 2.97 12.27
N PHE D 218 17.24 3.73 11.59
CA PHE D 218 17.24 3.74 10.14
C PHE D 218 18.62 4.15 9.62
N ASP D 219 18.82 3.91 8.33
CA ASP D 219 20.02 4.37 7.62
C ASP D 219 19.93 5.87 7.35
N ILE D 220 21.00 6.59 7.63
CA ILE D 220 21.01 8.04 7.52
C ILE D 220 20.77 8.53 6.08
N ARG D 221 20.91 7.63 5.11
CA ARG D 221 20.72 8.02 3.72
C ARG D 221 19.25 8.18 3.33
N ILE D 222 18.32 7.96 4.27
CA ILE D 222 16.91 8.18 3.98
C ILE D 222 16.56 9.65 4.26
N LEU D 223 17.46 10.38 4.92
CA LEU D 223 17.23 11.80 5.21
C LEU D 223 17.40 12.63 3.94
N MET D 224 16.53 13.63 3.79
N MET D 224 16.53 13.63 3.78
CA MET D 224 16.49 14.41 2.56
CA MET D 224 16.51 14.40 2.55
C MET D 224 17.01 15.82 2.75
C MET D 224 16.94 15.84 2.76
N ALA D 225 17.34 16.19 3.98
CA ALA D 225 17.85 17.51 4.28
C ALA D 225 18.66 17.49 5.56
N LYS D 226 19.51 18.48 5.74
CA LYS D 226 20.21 18.65 7.02
C LYS D 226 19.15 18.92 8.09
N SER D 227 19.38 18.42 9.30
CA SER D 227 18.40 18.55 10.37
C SER D 227 18.28 20.00 10.82
N VAL D 228 17.13 20.33 11.39
CA VAL D 228 16.93 21.58 12.10
C VAL D 228 17.01 21.29 13.59
N LYS D 229 17.60 22.21 14.34
CA LYS D 229 17.88 22.03 15.76
C LYS D 229 17.02 22.98 16.59
N TYR D 230 16.34 22.42 17.59
CA TYR D 230 15.59 23.18 18.57
C TYR D 230 16.19 22.92 19.96
N THR D 231 16.69 23.97 20.59
CA THR D 231 17.43 23.84 21.84
C THR D 231 16.64 24.27 23.06
N VAL D 232 16.63 23.40 24.07
CA VAL D 232 16.11 23.74 25.39
C VAL D 232 17.26 23.89 26.41
N ASN D 233 17.40 25.10 26.94
CA ASN D 233 18.39 25.40 27.95
C ASN D 233 17.78 25.20 29.34
N PHE D 234 18.15 24.08 29.99
CA PHE D 234 17.54 23.69 31.26
C PHE D 234 17.89 24.64 32.42
N LEU D 235 19.01 25.34 32.30
CA LEU D 235 19.36 26.37 33.27
C LEU D 235 18.39 27.53 33.20
N GLU D 236 17.90 27.83 32.00
CA GLU D 236 17.09 29.04 31.76
C GLU D 236 15.60 28.74 31.71
N ALA D 237 15.27 27.60 31.12
CA ALA D 237 13.88 27.26 30.87
C ALA D 237 13.07 27.19 32.18
N LYS D 238 11.80 27.56 32.10
CA LYS D 238 10.85 27.41 33.19
C LYS D 238 9.89 26.28 32.85
N GLU D 239 9.33 25.67 33.88
CA GLU D 239 8.42 24.54 33.75
C GLU D 239 7.32 24.82 32.72
N GLY D 240 6.75 26.01 32.79
CA GLY D 240 5.65 26.38 31.92
C GLY D 240 6.02 26.48 30.45
N ASP D 241 7.33 26.56 30.16
CA ASP D 241 7.81 26.67 28.79
C ASP D 241 7.56 25.38 28.02
N LEU D 242 7.27 24.30 28.73
CA LEU D 242 7.13 23.00 28.10
C LEU D 242 5.68 22.55 27.96
N HIS D 243 4.73 23.42 28.25
CA HIS D 243 3.31 23.08 28.11
C HIS D 243 2.86 23.15 26.64
N ARG D 244 3.45 24.10 25.91
CA ARG D 244 3.14 24.30 24.50
C ARG D 244 4.44 24.63 23.79
N ILE D 245 4.93 23.68 23.01
CA ILE D 245 6.22 23.80 22.37
C ILE D 245 6.01 23.92 20.86
N GLU D 246 6.38 25.07 20.33
CA GLU D 246 6.23 25.32 18.90
C GLU D 246 7.62 25.33 18.27
N ILE D 247 7.88 24.36 17.41
CA ILE D 247 9.18 24.22 16.73
C ILE D 247 9.06 24.53 15.25
N PRO D 248 9.40 25.77 14.84
CA PRO D 248 9.36 26.07 13.41
C PRO D 248 10.48 25.37 12.67
N PHE D 249 10.32 25.12 11.37
CA PHE D 249 11.39 24.54 10.58
C PHE D 249 11.34 24.98 9.12
N LYS D 250 12.53 25.05 8.52
CA LYS D 250 12.70 25.35 7.12
C LYS D 250 13.87 24.52 6.60
N PHE D 251 13.55 23.49 5.83
CA PHE D 251 14.55 22.61 5.29
C PHE D 251 14.90 23.01 3.86
N HIS D 252 16.20 22.92 3.55
CA HIS D 252 16.67 23.07 2.18
C HIS D 252 16.92 21.66 1.66
N MET D 253 16.02 21.20 0.79
CA MET D 253 16.04 19.84 0.29
C MET D 253 17.31 19.56 -0.52
N LEU D 254 18.02 18.49 -0.18
CA LEU D 254 19.26 18.10 -0.84
C LEU D 254 19.01 17.02 -1.92
N HIS D 255 17.93 16.27 -1.76
CA HIS D 255 17.57 15.26 -2.74
C HIS D 255 16.13 15.43 -3.20
N SER D 256 15.85 15.08 -4.46
CA SER D 256 14.48 15.08 -4.93
C SER D 256 13.81 13.76 -4.54
N GLY D 257 12.52 13.79 -4.24
CA GLY D 257 11.81 12.57 -3.91
C GLY D 257 10.60 12.79 -3.03
N LEU D 258 9.98 11.69 -2.63
CA LEU D 258 8.86 11.75 -1.73
C LEU D 258 9.34 11.89 -0.29
N VAL D 259 8.76 12.84 0.42
CA VAL D 259 8.99 13.00 1.84
C VAL D 259 7.83 12.31 2.55
N HIS D 260 8.14 11.25 3.27
CA HIS D 260 7.08 10.47 3.93
C HIS D 260 6.85 10.94 5.36
N GLY D 261 7.70 11.83 5.85
CA GLY D 261 7.55 12.32 7.21
C GLY D 261 8.79 12.98 7.78
N LEU D 262 8.77 13.21 9.09
CA LEU D 262 9.89 13.82 9.79
C LEU D 262 10.51 12.81 10.77
N ALA D 263 11.84 12.76 10.79
CA ALA D 263 12.56 11.95 11.76
C ALA D 263 12.97 12.83 12.91
N PHE D 264 12.95 12.26 14.12
CA PHE D 264 13.30 12.96 15.35
C PHE D 264 14.36 12.21 16.16
N TRP D 265 15.30 12.96 16.71
CA TRP D 265 16.20 12.42 17.70
C TRP D 265 16.65 13.59 18.57
N PHE D 266 17.43 13.33 19.60
CA PHE D 266 17.86 14.41 20.47
C PHE D 266 19.28 14.17 20.98
N ASP D 267 19.96 15.27 21.29
CA ASP D 267 21.22 15.25 22.02
C ASP D 267 21.05 16.01 23.34
N VAL D 268 21.75 15.59 24.39
CA VAL D 268 21.86 16.40 25.59
C VAL D 268 23.33 16.65 25.86
N ALA D 269 23.65 17.83 26.37
CA ALA D 269 25.02 18.15 26.74
C ALA D 269 25.12 18.38 28.24
N PHE D 270 26.19 17.85 28.81
CA PHE D 270 26.57 18.08 30.19
C PHE D 270 27.72 19.07 30.15
N ILE D 271 27.40 20.33 30.39
CA ILE D 271 28.37 21.43 30.30
C ILE D 271 29.00 21.66 31.68
N GLY D 272 30.09 20.92 31.95
CA GLY D 272 30.77 21.01 33.22
C GLY D 272 31.98 21.90 33.13
N SER D 273 32.60 22.15 34.26
CA SER D 273 33.74 23.05 34.33
C SER D 273 34.97 22.51 33.61
N ILE D 274 35.13 21.19 33.64
CA ILE D 274 36.32 20.56 33.05
C ILE D 274 36.08 20.35 31.57
N MET D 275 34.90 19.85 31.21
CA MET D 275 34.58 19.64 29.82
C MET D 275 33.10 19.46 29.54
N THR D 276 32.74 19.58 28.27
CA THR D 276 31.40 19.32 27.84
C THR D 276 31.33 17.90 27.32
N VAL D 277 30.37 17.13 27.83
CA VAL D 277 30.17 15.75 27.41
C VAL D 277 28.79 15.64 26.80
N TRP D 278 28.71 15.05 25.60
CA TRP D 278 27.45 14.91 24.85
C TRP D 278 26.92 13.48 24.87
N LEU D 279 25.62 13.36 25.11
CA LEU D 279 24.90 12.10 24.92
C LEU D 279 23.96 12.26 23.72
N SER D 280 24.25 11.56 22.63
CA SER D 280 23.48 11.71 21.39
C SER D 280 22.71 10.45 21.05
N THR D 281 21.46 10.62 20.58
CA THR D 281 20.69 9.50 20.05
C THR D 281 20.51 9.64 18.52
N ALA D 282 21.40 10.37 17.87
CA ALA D 282 21.33 10.56 16.42
C ALA D 282 21.59 9.26 15.66
N PRO D 283 21.00 9.13 14.45
CA PRO D 283 21.15 7.91 13.66
C PRO D 283 22.59 7.72 13.11
N THR D 284 23.41 8.76 13.24
CA THR D 284 24.84 8.64 12.92
C THR D 284 25.64 8.03 14.08
N GLU D 285 25.02 7.94 15.26
CA GLU D 285 25.72 7.51 16.47
C GLU D 285 25.31 6.10 16.89
N PRO D 286 26.06 5.51 17.83
CA PRO D 286 25.69 4.21 18.38
C PRO D 286 24.28 4.18 18.92
N LEU D 287 23.58 3.10 18.63
CA LEU D 287 22.17 2.97 18.97
C LEU D 287 21.98 2.92 20.49
N THR D 288 20.96 3.62 20.98
CA THR D 288 20.61 3.63 22.41
C THR D 288 19.21 3.08 22.57
N HIS D 289 18.73 3.02 23.81
CA HIS D 289 17.40 2.48 24.06
C HIS D 289 16.31 3.49 23.68
N TRP D 290 16.72 4.70 23.28
CA TRP D 290 15.77 5.71 22.80
C TRP D 290 15.54 5.55 21.29
N TYR D 291 16.48 4.90 20.61
CA TYR D 291 16.43 4.70 19.15
C TYR D 291 16.28 6.07 18.45
N GLN D 292 15.41 6.11 17.45
CA GLN D 292 14.98 7.37 16.84
C GLN D 292 13.46 7.31 16.64
N VAL D 293 12.84 8.46 16.39
CA VAL D 293 11.39 8.49 16.20
C VAL D 293 11.05 9.12 14.85
N ARG D 294 10.08 8.54 14.16
CA ARG D 294 9.62 9.09 12.90
C ARG D 294 8.14 9.29 12.94
N CYS D 295 7.71 10.47 12.50
CA CYS D 295 6.30 10.76 12.39
C CYS D 295 5.92 10.77 10.91
N LEU D 296 5.04 9.86 10.53
CA LEU D 296 4.63 9.73 9.14
C LEU D 296 3.60 10.78 8.78
N PHE D 297 3.62 11.18 7.50
CA PHE D 297 2.54 11.95 6.90
C PHE D 297 1.48 10.98 6.41
N GLN D 298 0.22 11.39 6.41
CA GLN D 298 -0.85 10.54 5.86
C GLN D 298 -0.66 10.43 4.36
N SER D 299 -0.10 11.47 3.77
CA SER D 299 0.14 11.52 2.33
C SER D 299 1.56 12.08 2.12
N PRO D 300 2.41 11.35 1.41
CA PRO D 300 3.76 11.90 1.23
C PRO D 300 3.75 13.19 0.41
N LEU D 301 4.79 14.00 0.56
CA LEU D 301 4.97 15.22 -0.25
C LEU D 301 6.10 15.01 -1.20
N PHE D 302 5.97 15.52 -2.43
CA PHE D 302 7.10 15.49 -3.34
C PHE D 302 7.83 16.83 -3.30
N ALA D 303 9.16 16.77 -3.24
CA ALA D 303 9.98 17.97 -3.33
C ALA D 303 11.18 17.72 -4.25
N LYS D 304 11.63 18.73 -4.98
CA LYS D 304 12.85 18.59 -5.77
C LYS D 304 13.99 19.24 -5.00
N ALA D 305 15.22 18.79 -5.27
CA ALA D 305 16.38 19.36 -4.62
C ALA D 305 16.40 20.87 -4.87
N GLY D 306 16.77 21.62 -3.84
CA GLY D 306 16.80 23.07 -3.90
C GLY D 306 15.51 23.70 -3.44
N ASP D 307 14.45 22.92 -3.34
CA ASP D 307 13.20 23.45 -2.81
C ASP D 307 13.31 23.58 -1.31
N THR D 308 12.34 24.27 -0.69
CA THR D 308 12.30 24.40 0.76
C THR D 308 11.02 23.77 1.32
N LEU D 309 11.18 23.00 2.40
CA LEU D 309 10.07 22.42 3.13
C LEU D 309 9.94 23.14 4.47
N SER D 310 8.82 23.84 4.66
CA SER D 310 8.62 24.69 5.83
C SER D 310 7.38 24.30 6.62
N GLY D 311 7.39 24.63 7.92
CA GLY D 311 6.25 24.39 8.75
C GLY D 311 6.54 24.44 10.23
N THR D 312 5.71 23.73 10.97
CA THR D 312 5.78 23.73 12.42
C THR D 312 5.54 22.34 12.97
N CYS D 313 6.28 22.00 14.01
CA CYS D 313 5.95 20.86 14.82
C CYS D 313 5.42 21.43 16.14
N LEU D 314 4.16 21.16 16.46
CA LEU D 314 3.55 21.71 17.67
C LEU D 314 3.30 20.60 18.69
N LEU D 315 3.87 20.77 19.88
CA LEU D 315 3.69 19.80 20.98
C LEU D 315 2.90 20.40 22.11
N ILE D 316 1.71 19.86 22.34
CA ILE D 316 0.86 20.24 23.46
C ILE D 316 0.89 19.17 24.56
N ALA D 317 1.38 19.54 25.73
CA ALA D 317 1.41 18.62 26.87
C ALA D 317 0.00 18.24 27.31
N ASN D 318 -0.19 16.95 27.60
CA ASN D 318 -1.48 16.48 28.01
C ASN D 318 -1.41 15.91 29.40
N LYS D 319 -2.56 15.57 29.94
CA LYS D 319 -2.65 15.15 31.33
C LYS D 319 -2.27 13.68 31.52
N ARG D 320 -1.84 13.04 30.44
CA ARG D 320 -1.40 11.65 30.48
C ARG D 320 0.13 11.56 30.42
N GLN D 321 0.81 12.61 30.86
CA GLN D 321 2.26 12.63 30.96
C GLN D 321 2.91 12.47 29.61
N SER D 322 2.29 13.06 28.60
CA SER D 322 2.84 12.99 27.27
C SER D 322 2.45 14.24 26.51
N TYR D 323 2.54 14.15 25.18
CA TYR D 323 2.23 15.28 24.29
C TYR D 323 1.34 14.86 23.15
N ASP D 324 0.45 15.76 22.75
CA ASP D 324 -0.27 15.63 21.50
C ASP D 324 0.58 16.42 20.51
N ILE D 325 0.93 15.79 19.39
CA ILE D 325 1.86 16.36 18.42
C ILE D 325 1.16 16.70 17.13
N SER D 326 1.40 17.91 16.64
CA SER D 326 0.80 18.38 15.41
C SER D 326 1.94 18.81 14.47
N ILE D 327 2.03 18.16 13.32
CA ILE D 327 3.05 18.48 12.33
C ILE D 327 2.37 18.99 11.07
N VAL D 328 2.76 20.16 10.64
CA VAL D 328 2.28 20.73 9.39
C VAL D 328 3.49 21.12 8.55
N ALA D 329 3.58 20.62 7.32
CA ALA D 329 4.69 20.94 6.45
C ALA D 329 4.22 21.20 5.04
N GLN D 330 4.77 22.22 4.43
CA GLN D 330 4.47 22.49 3.04
C GLN D 330 5.72 22.81 2.23
N VAL D 331 5.72 22.39 0.97
CA VAL D 331 6.77 22.77 0.01
C VAL D 331 6.47 24.21 -0.40
N ASP D 332 7.38 25.13 -0.12
CA ASP D 332 7.11 26.54 -0.33
C ASP D 332 6.90 26.92 -1.80
N GLN D 333 7.62 26.27 -2.69
CA GLN D 333 7.58 26.59 -4.11
C GLN D 333 6.29 26.12 -4.80
N THR D 334 5.60 25.13 -4.23
CA THR D 334 4.45 24.52 -4.88
C THR D 334 3.16 24.63 -4.05
N GLY D 335 3.32 24.78 -2.74
CA GLY D 335 2.17 24.80 -1.85
C GLY D 335 1.66 23.40 -1.55
N SER D 336 2.41 22.38 -1.93
CA SER D 336 2.05 21.00 -1.56
C SER D 336 2.17 20.94 -0.02
N LYS D 337 1.16 20.39 0.64
CA LYS D 337 1.07 20.47 2.10
C LYS D 337 0.56 19.19 2.74
N SER D 338 1.16 18.83 3.87
CA SER D 338 0.73 17.69 4.69
C SER D 338 0.62 18.09 6.15
N SER D 339 -0.31 17.47 6.85
CA SER D 339 -0.59 17.82 8.23
C SER D 339 -1.06 16.58 8.93
N ASN D 340 -0.32 16.13 9.96
N ASN D 340 -0.38 16.21 10.02
CA ASN D 340 -0.69 14.91 10.70
CA ASN D 340 -0.69 14.97 10.71
C ASN D 340 -0.72 15.18 12.20
C ASN D 340 -0.64 15.14 12.22
N LEU D 341 -1.43 14.32 12.92
CA LEU D 341 -1.51 14.38 14.38
C LEU D 341 -0.95 13.10 14.96
N LEU D 342 -0.21 13.19 16.06
CA LEU D 342 0.41 12.01 16.63
C LEU D 342 0.20 11.94 18.13
N ASP D 343 0.01 10.72 18.63
CA ASP D 343 -0.10 10.46 20.06
C ASP D 343 1.22 9.87 20.58
N LEU D 344 2.08 10.76 21.04
CA LEU D 344 3.41 10.39 21.53
C LEU D 344 3.33 9.37 22.66
N LYS D 345 2.21 9.34 23.39
CA LYS D 345 2.06 8.43 24.52
C LYS D 345 2.17 6.97 24.07
N ASN D 346 1.63 6.66 22.88
CA ASN D 346 1.51 5.27 22.44
C ASN D 346 2.20 5.00 21.09
N PRO D 347 3.53 4.82 21.13
CA PRO D 347 4.27 4.62 19.88
C PRO D 347 4.14 3.21 19.32
N PHE D 348 4.70 3.01 18.13
CA PHE D 348 4.79 1.70 17.49
C PHE D 348 6.25 1.30 17.45
N PHE D 349 6.63 0.31 18.25
CA PHE D 349 8.01 -0.21 18.26
C PHE D 349 8.22 -1.19 17.12
N ARG D 350 9.12 -0.85 16.20
CA ARG D 350 9.28 -1.60 14.96
C ARG D 350 10.60 -2.35 14.87
C6' 6ZH E . -4.01 17.93 -23.79
C5' 6ZH E . -5.24 17.55 -24.02
C4' 6ZH E . -6.35 17.75 -23.04
O4' 6ZH E . -7.32 18.62 -23.66
C3' 6ZH E . -7.12 16.47 -22.73
O3' 6ZH E . -7.78 16.58 -21.48
C2' 6ZH E . -8.10 16.42 -23.89
O2' 6ZH E . -9.23 15.58 -23.62
C1' 6ZH E . -8.49 17.89 -23.98
N9 6ZH E . -8.96 18.34 -25.30
C8 6ZH E . -8.39 18.06 -26.51
N7 6ZH E . -9.01 18.62 -27.53
C5 6ZH E . -10.05 19.30 -26.95
C6 6ZH E . -11.09 20.10 -27.49
N6 6ZH E . -11.22 20.37 -28.79
N1 6ZH E . -11.98 20.64 -26.62
C2 6ZH E . -11.84 20.39 -25.31
N3 6ZH E . -10.91 19.65 -24.69
C4 6ZH E . -10.05 19.13 -25.56
C7' 6ZH E . -2.86 17.77 -24.74
N8' 6ZH E . -1.89 16.83 -24.20
C9' 6ZH E . -0.93 17.18 -23.36
N10 6ZH E . -0.78 18.44 -23.01
N11 6ZH E . -0.10 16.25 -22.89
H1 6ZH E . -3.72 18.41 -22.85
H2 6ZH E . -5.53 17.06 -24.94
H3 6ZH E . -5.99 18.26 -22.15
H4 6ZH E . -6.49 15.59 -22.63
H5 6ZH E . -7.93 17.53 -21.27
H6 6ZH E . -7.61 16.07 -24.79
H7 6ZH E . -9.94 16.19 -23.31
H8 6ZH E . -9.24 18.18 -23.25
H9 6ZH E . -7.50 17.44 -26.62
H11 6ZH E . -10.56 19.99 -29.46
H10 6ZH E . -11.97 20.95 -29.13
H12 6ZH E . -12.60 20.86 -24.69
H13 6ZH E . -3.29 17.40 -25.68
H14 6ZH E . -2.37 18.71 -24.97
H15 6ZH E . -2.00 15.87 -24.50
H16 6ZH E . -1.36 19.20 -23.35
H18 6ZH E . -0.17 15.28 -23.14
H17 6ZH E . 0.65 16.48 -22.24
H19 6ZH E . -0.05 18.75 -22.37
C1 EDO F . 15.21 30.11 -24.22
O1 EDO F . 15.14 29.16 -23.19
C2 EDO F . 15.37 31.53 -23.66
O2 EDO F . 16.54 31.65 -22.90
H11 EDO F . 15.98 29.90 -24.79
H12 EDO F . 14.41 30.07 -24.76
HO1 EDO F . 15.41 28.41 -23.47
H21 EDO F . 14.60 31.74 -23.11
H22 EDO F . 15.42 32.16 -24.40
HO2 EDO F . 16.56 32.42 -22.52
C1 EDO G . 9.96 12.00 -17.55
O1 EDO G . 9.36 12.34 -16.34
C2 EDO G . 10.32 10.51 -17.56
O2 EDO G . 11.70 10.36 -17.34
H11 EDO G . 9.35 12.19 -18.27
H12 EDO G . 10.77 12.52 -17.66
HO1 EDO G . 8.52 12.28 -16.41
H21 EDO G . 10.09 10.13 -18.43
H22 EDO G . 9.83 10.05 -16.86
HO2 EDO G . 11.85 9.63 -16.93
C1 EDO H . -2.68 5.25 -20.66
O1 EDO H . -2.22 6.28 -19.81
C2 EDO H . -4.13 4.88 -20.33
O2 EDO H . -4.67 4.11 -21.37
H11 EDO H . -2.63 5.55 -21.58
H12 EDO H . -2.11 4.47 -20.54
HO1 EDO H . -1.67 5.96 -19.25
H21 EDO H . -4.15 4.35 -19.51
H22 EDO H . -4.65 5.68 -20.21
HO2 EDO H . -5.02 4.62 -21.95
C1 EDO I . -16.96 12.35 -29.00
O1 EDO I . -16.24 12.54 -27.81
C2 EDO I . -15.99 12.42 -30.17
O2 EDO I . -16.65 12.96 -31.30
H11 EDO I . -17.39 11.48 -28.99
H12 EDO I . -17.64 13.04 -29.09
HO1 EDO I . -16.70 13.02 -27.28
H21 EDO I . -15.24 12.99 -29.94
H22 EDO I . -15.67 11.53 -30.39
HO2 EDO I . -16.10 13.41 -31.76
C1 PEG J . -0.90 41.30 -23.38
O1 PEG J . -1.00 41.26 -24.78
C2 PEG J . 0.58 41.52 -23.03
O2 PEG J . 0.76 41.25 -21.67
C3 PEG J . 1.85 41.91 -21.08
C4 PEG J . 3.15 41.32 -21.63
O4 PEG J . 4.21 42.12 -21.18
H11 PEG J . -1.21 40.47 -23.01
H12 PEG J . -1.43 42.04 -23.03
HO1 PEG J . -1.15 42.05 -25.08
H21 PEG J . 0.82 42.43 -23.22
H22 PEG J . 1.12 40.92 -23.55
H31 PEG J . 1.83 41.80 -20.12
H32 PEG J . 1.81 42.85 -21.29
H41 PEG J . 3.13 41.32 -22.60
H42 PEG J . 3.26 40.41 -21.31
HO4 PEG J . 4.90 41.97 -21.65
C1 PEG K . -9.44 37.80 -30.67
O1 PEG K . -9.94 37.39 -31.90
C2 PEG K . -7.93 37.96 -30.81
O2 PEG K . -7.44 38.57 -29.64
C3 PEG K . -6.04 38.61 -29.62
C4 PEG K . -5.61 39.54 -28.49
O4 PEG K . -4.25 39.86 -28.71
H11 PEG K . -9.83 38.65 -30.41
H12 PEG K . -9.64 37.13 -29.99
HO1 PEG K . -10.78 37.40 -31.89
H21 PEG K . -7.51 37.08 -30.90
H22 PEG K . -7.73 38.50 -31.57
H31 PEG K . -5.70 38.95 -30.47
H32 PEG K . -5.68 37.73 -29.46
H41 PEG K . -6.13 40.35 -28.50
H42 PEG K . -5.70 39.10 -27.63
HO4 PEG K . -3.87 40.03 -27.97
O1 PG4 L . 2.97 13.89 -24.90
C1 PG4 L . 1.93 13.55 -24.02
C2 PG4 L . 1.74 12.04 -24.10
O2 PG4 L . 0.54 11.81 -24.78
C3 PG4 L . 0.52 10.84 -25.78
C4 PG4 L . -0.22 11.46 -26.95
O3 PG4 L . -1.00 10.48 -27.56
C5 PG4 L . -2.23 10.23 -26.92
C6 PG4 L . -3.30 10.42 -27.96
O4 PG4 L . -4.06 9.25 -27.93
C7 PG4 L . -4.53 8.75 -29.16
C8 PG4 L . -4.36 7.24 -29.10
O5 PG4 L . -3.06 6.95 -29.51
HO1 PG4 L . 3.67 13.27 -24.81
H11 PG4 L . 1.01 14.05 -24.32
H12 PG4 L . 2.20 13.84 -23.01
H21 PG4 L . 2.56 11.60 -24.65
H22 PG4 L . 1.69 11.62 -23.10
H31 PG4 L . 0.00 9.95 -25.43
H32 PG4 L . 1.54 10.59 -26.07
H41 PG4 L . 0.49 11.84 -27.67
H42 PG4 L . -0.85 12.27 -26.60
H51 PG4 L . -2.25 9.21 -26.55
H52 PG4 L . -2.37 10.93 -26.10
H61 PG4 L . -3.92 11.28 -27.71
H62 PG4 L . -2.87 10.56 -28.94
H71 PG4 L . -5.58 9.01 -29.28
H72 PG4 L . -3.94 9.16 -29.97
H81 PG4 L . -4.51 6.88 -28.09
H82 PG4 L . -5.07 6.77 -29.77
HO5 PG4 L . -2.58 6.55 -28.80
O1 PE8 M . 6.17 6.29 -54.95
C2 PE8 M . 7.28 6.53 -55.78
C3 PE8 M . 7.74 7.97 -55.54
O4 PE8 M . 8.85 8.26 -56.34
C5 PE8 M . 10.02 8.55 -55.64
C6 PE8 M . 9.81 9.84 -54.83
O7 PE8 M . 11.05 10.46 -54.66
C8 PE8 M . 11.09 11.42 -53.65
C9 PE8 M . 12.54 11.85 -53.46
O10 PE8 M . 12.85 12.81 -54.43
C11 PE8 M . 13.55 12.33 -55.56
C12 PE8 M . 14.14 13.59 -56.18
O13 PE8 M . 15.15 13.29 -57.10
C14 PE8 M . 16.47 13.56 -56.69
C15 PE8 M . 17.09 14.54 -57.68
O16 PE8 M . 16.97 15.85 -57.17
C17 PE8 M . 18.16 16.53 -56.89
C18 PE8 M . 17.88 18.03 -56.86
O19 PE8 M . 16.89 18.31 -55.91
C20 PE8 M . 17.26 19.09 -54.82
C21 PE8 M . 16.03 19.90 -54.40
O22 PE8 M . 15.34 19.18 -53.41
C23 PE8 M . 13.96 19.06 -53.60
C24 PE8 M . 13.23 20.20 -52.88
O25 PE8 M . 12.75 21.11 -53.85
HO1 PE8 M . 6.16 5.48 -54.72
H21 PE8 M . 7.02 6.43 -56.71
H22 PE8 M . 7.99 5.91 -55.57
H31 PE8 M . 7.97 8.08 -54.61
H32 PE8 M . 7.02 8.58 -55.76
H51 PE8 M . 10.75 8.67 -56.25
H52 PE8 M . 10.22 7.82 -55.03
H61 PE8 M . 9.43 9.62 -53.96
H62 PE8 M . 9.21 10.43 -55.31
H81 PE8 M . 10.75 11.04 -52.82
H82 PE8 M . 10.55 12.18 -53.90
H91 PE8 M . 13.13 11.08 -53.55
H92 PE8 M . 12.65 12.25 -52.58
H111 PE8 M . 12.94 11.90 -56.17
H112 PE8 M . 14.25 11.72 -55.30
H121 PE8 M . 14.51 14.15 -55.48
H122 PE8 M . 13.44 14.08 -56.64
H141 PE8 M . 16.99 12.75 -56.68
H142 PE8 M . 16.46 13.96 -55.80
H151 PE8 M . 16.63 14.48 -58.54
H152 PE8 M . 18.03 14.33 -57.81
H171 PE8 M . 18.82 16.33 -57.59
H172 PE8 M . 18.51 16.24 -56.03
H181 PE8 M . 17.58 18.32 -57.74
H182 PE8 M . 18.69 18.50 -56.63
H201 PE8 M . 17.97 19.69 -55.08
H202 PE8 M . 17.54 18.53 -54.08
H211 PE8 M . 15.45 20.04 -55.16
H212 PE8 M . 16.31 20.76 -54.05
H231 PE8 M . 13.65 18.21 -53.24
H232 PE8 M . 13.75 19.09 -54.55
H241 PE8 M . 13.85 20.66 -52.29
H242 PE8 M . 12.48 19.85 -52.37
H25 PE8 M . 12.38 21.78 -53.46
C6' 6ZH N . -6.14 -12.41 -35.10
C5' 6ZH N . -6.38 -11.39 -35.87
C4' 6ZH N . -6.03 -11.41 -37.27
O4' 6ZH N . -7.24 -11.68 -38.01
C3' 6ZH N . -5.56 -10.05 -37.78
O3' 6ZH N . -4.79 -10.16 -38.97
C2' 6ZH N . -6.91 -9.35 -38.01
O2' 6ZH N . -6.82 -8.27 -38.92
C1' 6ZH N . -7.70 -10.50 -38.63
N9 6ZH N . -9.14 -10.40 -38.43
C8 6ZH N . -9.79 -10.16 -37.24
N7 6ZH N . -11.11 -10.16 -37.34
C5 6ZH N . -11.33 -10.42 -38.69
C6 6ZH N . -12.51 -10.59 -39.44
N6 6ZH N . -13.73 -10.37 -38.95
N1 6ZH N . -12.38 -10.91 -40.74
C2 6ZH N . -11.14 -11.01 -41.26
N3 6ZH N . -9.97 -10.84 -40.66
C4 6ZH N . -10.12 -10.56 -39.37
C7' 6ZH N . -6.50 -12.48 -33.64
N8' 6ZH N . -5.39 -12.00 -32.86
C9' 6ZH N . -4.31 -12.74 -32.68
N10 6ZH N . -4.27 -13.97 -33.17
N11 6ZH N . -3.30 -12.27 -31.98
H1 6ZH N . -5.65 -13.32 -35.45
H2 6ZH N . -6.86 -10.47 -35.51
H3 6ZH N . -5.33 -12.20 -37.49
H4 6ZH N . -4.91 -9.52 -37.08
H5 6ZH N . -5.41 -10.16 -39.76
H6 6ZH N . -7.32 -9.01 -37.07
H7 6ZH N . -6.53 -8.68 -39.78
H8 6ZH N . -7.53 -10.61 -39.69
H9 6ZH N . -9.27 -9.98 -36.30
H11 6ZH N . -13.87 -10.08 -37.99
H10 6ZH N . -14.55 -10.50 -39.53
H12 6ZH N . -11.14 -11.26 -42.32
H13 6ZH N . -7.39 -11.85 -33.52
H14 6ZH N . -6.79 -13.48 -33.32
H15 6ZH N . -5.47 -11.06 -32.47
H16 6ZH N . -5.01 -14.40 -33.70
H18 6ZH N . -3.30 -11.34 -31.57
H17 6ZH N . -2.45 -12.80 -31.82
H19 6ZH N . -3.46 -14.57 -33.06
C1 EDO O . -13.93 -1.22 -40.08
O1 EDO O . -15.19 -0.90 -40.61
C2 EDO O . -12.81 -0.77 -41.02
O2 EDO O . -12.20 -1.88 -41.64
H11 EDO O . -13.83 -0.78 -39.23
H12 EDO O . -13.87 -2.18 -39.96
HO1 EDO O . -15.73 -0.71 -39.98
H21 EDO O . -12.15 -0.29 -40.52
H22 EDO O . -13.17 -0.19 -41.71
HO2 EDO O . -12.14 -1.75 -42.48
C1 EDO P . -22.77 -17.34 5.51
O1 EDO P . -22.22 -16.18 6.07
C2 EDO P . -21.97 -18.56 5.98
O2 EDO P . -22.45 -19.72 5.35
H11 EDO P . -23.70 -17.43 5.79
H12 EDO P . -22.73 -17.28 4.55
HO1 EDO P . -22.65 -15.50 5.79
H21 EDO P . -22.05 -18.65 6.94
H22 EDO P . -21.04 -18.44 5.75
HO2 EDO P . -22.70 -20.28 5.95
C1 EDO Q . 7.86 -14.74 -26.28
O1 EDO Q . 8.05 -14.34 -24.94
C2 EDO Q . 6.98 -13.70 -27.01
O2 EDO Q . 7.39 -13.54 -28.35
H11 EDO Q . 8.71 -14.80 -26.73
H12 EDO Q . 7.42 -15.60 -26.30
HO1 EDO Q . 8.54 -14.91 -24.55
H21 EDO Q . 7.05 -12.85 -26.55
H22 EDO Q . 6.06 -14.00 -26.99
HO2 EDO Q . 6.95 -12.90 -28.69
C4 DXE R . -3.91 -33.93 -22.11
O2 DXE R . -4.15 -32.56 -21.94
C3 DXE R . -3.09 -31.73 -22.35
C2 DXE R . -3.29 -30.33 -21.80
O1 DXE R . -2.24 -29.50 -22.23
C1 DXE R . -1.02 -29.67 -21.58
H41 DXE R . -4.64 -34.43 -21.72
H42 DXE R . -3.08 -34.17 -21.69
H43 DXE R . -3.86 -34.12 -23.06
H31 DXE R . -3.07 -31.70 -23.31
H32 DXE R . -2.25 -32.09 -22.01
H21 DXE R . -3.30 -30.35 -20.82
H22 DXE R . -4.14 -29.97 -22.11
H11 DXE R . -0.35 -29.11 -22.01
H12 DXE R . -0.74 -30.59 -21.65
H13 DXE R . -1.10 -29.42 -20.65
C4 DXE S . -4.11 -6.79 -29.02
O2 DXE S . -4.70 -5.59 -29.41
C3 DXE S . -5.55 -5.66 -30.52
C2 DXE S . -6.41 -4.40 -30.60
O1 DXE S . -5.63 -3.35 -31.10
C1 DXE S . -5.94 -2.08 -30.60
H41 DXE S . -3.47 -6.63 -28.31
H42 DXE S . -3.66 -7.20 -29.78
H43 DXE S . -4.80 -7.40 -28.69
H31 DXE S . -6.12 -6.44 -30.44
H32 DXE S . -5.02 -5.75 -31.33
H21 DXE S . -6.73 -4.18 -29.71
H22 DXE S . -7.16 -4.56 -31.19
H11 DXE S . -6.83 -1.83 -30.88
H12 DXE S . -5.30 -1.43 -30.95
H13 DXE S . -5.90 -2.08 -29.63
C6' 6ZH T . -13.36 -8.58 25.80
C5' 6ZH T . -13.59 -7.32 26.11
C4' 6ZH T . -14.51 -6.48 25.29
O4' 6ZH T . -15.70 -6.28 26.07
C3' 6ZH T . -13.99 -5.08 25.03
O3' 6ZH T . -14.63 -4.52 23.88
C2' 6ZH T . -14.34 -4.39 26.33
O2' 6ZH T . -14.38 -2.96 26.25
C1' 6ZH T . -15.73 -4.96 26.57
N9 6ZH T . -16.16 -5.01 27.97
C8 6ZH T . -15.46 -5.53 29.03
N7 6ZH T . -16.09 -5.46 30.17
C5 6ZH T . -17.30 -4.87 29.86
C6 6ZH T . -18.41 -4.49 30.63
N6 6ZH T . -18.47 -4.64 31.97
N1 6ZH T . -19.45 -3.90 30.00
C2 6ZH T . -19.37 -3.70 28.68
N3 6ZH T . -18.38 -4.00 27.85
C4 6ZH T . -17.36 -4.58 28.50
C7' 6ZH T . -12.49 -9.51 26.61
N8' 6ZH T . -11.21 -9.83 25.98
C9' 6ZH T . -11.10 -10.55 24.87
N10 6ZH T . -12.20 -11.01 24.28
N11 6ZH T . -9.92 -10.82 24.37
H1 6ZH T . -13.80 -9.06 24.93
H2 6ZH T . -13.13 -6.82 26.96
H3 6ZH T . -14.79 -6.99 24.38
H4 6ZH T . -12.93 -5.04 24.78
H5 6ZH T . -15.60 -4.67 23.95
H6 6ZH T . -13.64 -4.67 27.12
H7 6ZH T . -15.02 -2.76 25.52
H8 6ZH T . -16.51 -4.44 26.02
H9 6ZH T . -14.46 -5.96 28.92
H11 6ZH T . -17.69 -5.03 32.49
H10 6ZH T . -19.29 -4.35 32.49
H12 6ZH T . -20.25 -3.23 28.25
H13 6ZH T . -12.33 -9.00 27.56
H14 6ZH T . -13.00 -10.43 26.84
H15 6ZH T . -10.39 -9.46 26.45
H16 6ZH T . -12.17 -11.56 23.43
H18 6ZH T . -9.04 -10.52 24.78
H17 6ZH T . -9.79 -11.38 23.53
H19 6ZH T . -13.13 -10.85 24.63
C1 EDO U . 0.34 -27.35 16.69
O1 EDO U . 0.61 -26.12 16.07
C2 EDO U . -0.25 -28.32 15.67
O2 EDO U . -1.20 -27.64 14.88
H11 EDO U . 1.16 -27.72 17.06
H12 EDO U . -0.31 -27.21 17.41
HO1 EDO U . 1.14 -25.66 16.55
H21 EDO U . 0.46 -28.65 15.10
H22 EDO U . -0.68 -29.05 16.13
HO2 EDO U . -1.08 -27.83 14.06
C1 EDO V . 6.55 -23.62 18.96
O1 EDO V . 7.50 -23.26 19.95
C2 EDO V . 6.76 -25.06 18.54
O2 EDO V . 5.54 -25.63 18.13
H11 EDO V . 5.65 -23.51 19.33
H12 EDO V . 6.66 -23.03 18.20
HO1 EDO V . 8.24 -23.63 19.77
H21 EDO V . 7.39 -25.09 17.80
H22 EDO V . 7.12 -25.58 19.27
HO2 EDO V . 5.61 -26.48 18.11
C1 PEG W . -29.04 -27.65 23.67
O1 PEG W . -29.32 -29.03 23.59
C2 PEG W . -30.34 -26.89 23.42
O2 PEG W . -30.74 -26.36 24.64
C3 PEG W . -30.72 -24.96 24.77
C4 PEG W . -31.85 -24.52 25.70
O4 PEG W . -31.38 -24.40 27.02
H11 PEG W . -28.38 -27.41 23.00
H12 PEG W . -28.70 -27.44 24.55
HO1 PEG W . -28.61 -29.44 23.36
H21 PEG W . -31.01 -27.51 23.09
H22 PEG W . -30.19 -26.19 22.77
H31 PEG W . -30.83 -24.56 23.90
H32 PEG W . -29.87 -24.68 25.14
H41 PEG W . -32.56 -25.20 25.68
H42 PEG W . -32.20 -23.67 25.40
HO4 PEG W . -31.98 -24.06 27.51
C1 PEG X . 12.63 -18.55 43.20
O1 PEG X . 11.85 -17.50 43.73
C2 PEG X . 13.40 -19.17 44.36
O2 PEG X . 14.51 -19.87 43.88
C3 PEG X . 15.61 -19.95 44.76
C4 PEG X . 15.47 -21.24 45.56
O4 PEG X . 15.95 -20.99 46.86
H11 PEG X . 13.26 -18.20 42.55
H12 PEG X . 12.06 -19.22 42.78
HO1 PEG X . 11.38 -17.80 44.37
H21 PEG X . 12.82 -19.79 44.84
H22 PEG X . 13.69 -18.49 44.98
H31 PEG X . 15.60 -19.19 45.36
H32 PEG X . 16.44 -19.96 44.25
H41 PEG X . 16.00 -21.94 45.15
H42 PEG X . 14.54 -21.51 45.60
HO4 PEG X . 16.38 -21.67 47.14
C1 PEG Y . -11.34 -28.23 18.41
O1 PEG Y . -12.18 -28.76 17.41
C2 PEG Y . -11.87 -28.70 19.77
O2 PEG Y . -11.01 -29.66 20.33
C3 PEG Y . -11.28 -29.96 21.67
C4 PEG Y . -12.52 -30.85 21.77
O4 PEG Y . -12.83 -31.08 23.12
H11 PEG Y . -11.36 -27.26 18.36
H12 PEG Y . -10.44 -28.55 18.27
HO1 PEG Y . -11.73 -28.95 16.73
H21 PEG Y . -12.76 -29.08 19.66
H22 PEG Y . -11.92 -27.94 20.37
H31 PEG Y . -11.43 -29.13 22.16
H32 PEG Y . -10.51 -30.41 22.06
H41 PEG Y . -12.34 -31.70 21.33
H42 PEG Y . -13.26 -30.41 21.34
HO4 PEG Y . -13.41 -31.69 23.17
C4 DXE Z . -31.30 -16.45 35.05
O2 DXE Z . -31.57 -17.36 34.02
C3 DXE Z . -30.81 -18.53 34.14
C2 DXE Z . -31.19 -19.55 33.07
O1 DXE Z . -30.40 -20.71 33.19
C1 DXE Z . -30.50 -21.45 34.38
H41 DXE Z . -31.77 -15.62 34.87
H42 DXE Z . -30.34 -16.28 35.09
H43 DXE Z . -31.60 -16.81 35.89
H31 DXE Z . -30.96 -18.92 35.02
H32 DXE Z . -29.87 -18.31 34.05
H21 DXE Z . -31.06 -19.15 32.19
H22 DXE Z . -32.13 -19.79 33.18
H11 DXE Z . -29.96 -22.25 34.31
H12 DXE Z . -31.43 -21.69 34.53
H13 DXE Z . -30.18 -20.91 35.12
C4 DXE AA . -6.17 -13.29 8.91
O2 DXE AA . -6.90 -12.44 8.09
C3 DXE AA . -8.30 -12.49 8.29
C2 DXE AA . -9.03 -11.81 7.12
O1 DXE AA . -8.36 -10.64 6.74
C1 DXE AA . -8.66 -10.20 5.44
H41 DXE AA . -6.24 -13.02 9.83
H42 DXE AA . -6.50 -14.20 8.82
H43 DXE AA . -5.23 -13.27 8.64
H31 DXE AA . -8.52 -12.03 9.12
H32 DXE AA . -8.58 -13.41 8.35
H21 DXE AA . -9.93 -11.59 7.39
H22 DXE AA . -9.06 -12.42 6.37
H11 DXE AA . -8.22 -9.35 5.28
H12 DXE AA . -9.62 -10.09 5.36
H13 DXE AA . -8.34 -10.86 4.80
C4 DXE BA . -2.17 0.96 24.18
O2 DXE BA . -2.90 -0.03 23.52
C3 DXE BA . -2.28 -0.60 22.39
C2 DXE BA . -3.31 -1.43 21.61
O1 DXE BA . -2.71 -2.58 21.09
C1 DXE BA . -3.60 -3.59 20.71
H41 DXE BA . -2.73 1.35 24.87
H42 DXE BA . -1.91 1.64 23.55
H43 DXE BA . -1.38 0.57 24.58
H31 DXE BA . -1.56 -1.17 22.68
H32 DXE BA . -1.94 0.11 21.83
H21 DXE BA . -3.67 -0.89 20.89
H22 DXE BA . -4.04 -1.68 22.20
H11 DXE BA . -4.06 -3.92 21.49
H12 DXE BA . -3.12 -4.32 20.30
H13 DXE BA . -4.25 -3.23 20.08
C1 M2M CA . -6.01 -11.40 24.88
O1 M2M CA . -5.21 -10.43 25.55
C2 M2M CA . -5.94 -9.31 26.02
C3 M2M CA . -5.14 -8.55 27.12
O2 M2M CA . -5.97 -7.58 27.75
C4 M2M CA . -5.32 -6.66 28.62
C5 M2M CA . -6.05 -5.30 28.59
O3 M2M CA . -5.78 -4.51 29.74
C6 M2M CA . -4.64 -3.67 29.64
H11 M2M CA . -5.91 -12.10 25.55
H12 M2M CA . -6.93 -11.60 24.65
H13 M2M CA . -5.73 -11.17 23.98
H21 M2M CA . -6.78 -9.61 26.40
H22 M2M CA . -6.11 -8.71 25.29
H31 M2M CA . -4.38 -8.12 26.72
H32 M2M CA . -4.83 -9.18 27.80
H41 M2M CA . -5.33 -7.01 29.52
H42 M2M CA . -4.40 -6.54 28.34
H51 M2M CA . -5.77 -4.81 27.80
H52 M2M CA . -7.01 -5.45 28.53
H61 M2M CA . -3.86 -4.19 29.41
H62 M2M CA . -4.79 -2.99 28.95
H63 M2M CA . -4.49 -3.22 30.49
C6' 6ZH DA . 12.80 8.52 34.35
C5' 6ZH DA . 12.03 8.62 35.39
C4' 6ZH DA . 12.40 8.09 36.73
O4' 6ZH DA . 12.10 9.12 37.69
C3' 6ZH DA . 11.58 6.89 37.20
O3' 6ZH DA . 12.28 6.15 38.19
C2' 6ZH DA . 10.32 7.57 37.74
O2' 6ZH DA . 9.62 6.80 38.70
C1' 6ZH DA . 10.93 8.79 38.41
N9 6ZH DA . 10.06 9.96 38.41
C8 6ZH DA . 9.30 10.45 37.38
N7 6ZH DA . 8.65 11.54 37.67
C5 6ZH DA . 9.02 11.81 38.99
C6 6ZH DA . 8.68 12.84 39.87
N6 6ZH DA . 7.84 13.81 39.56
N1 6ZH DA . 9.22 12.81 41.11
C2 6ZH DA . 10.03 11.80 41.43
N3 6ZH DA . 10.41 10.76 40.69
C4 6ZH DA . 9.87 10.83 39.46
C7' 6ZH DA . 12.46 9.08 33.00
N8' 6ZH DA . 12.62 8.18 31.87
C9' 6ZH DA . 13.79 7.82 31.36
N10 6ZH DA . 13.85 7.14 30.23
N11 6ZH DA . 14.90 8.23 31.94
H1 6ZH DA . 13.78 8.01 34.37
H2 6ZH DA . 11.06 9.11 35.36
H3 6ZH DA . 13.47 7.90 36.80
H4 6ZH DA . 11.38 6.16 36.42
H5 6ZH DA . 12.53 6.76 38.93
H6 6ZH DA . 9.64 7.83 36.92
H7 6ZH DA . 10.18 6.85 39.53
H8 6ZH DA . 11.24 8.61 39.44
H9 6ZH DA . 9.25 9.96 36.41
H11 6ZH DA . 7.40 13.85 38.64
H10 6ZH DA . 7.62 14.55 40.22
H12 6ZH DA . 10.41 11.85 42.45
H13 6ZH DA . 11.42 9.40 33.08
H14 6ZH DA . 13.03 9.99 32.79
H15 6ZH DA . 11.76 7.83 31.48
H16 6ZH DA . 13.03 6.86 29.69
H18 6ZH DA . 14.92 8.81 32.78
H17 6ZH DA . 15.82 7.98 31.58
H19 6ZH DA . 14.72 6.85 29.81
C1 EDO EA . 28.01 17.19 19.16
O1 EDO EA . 27.69 18.56 19.12
C2 EDO EA . 26.71 16.39 19.08
O2 EDO EA . 26.99 15.09 18.63
H11 EDO EA . 28.57 16.98 18.40
H12 EDO EA . 28.47 16.99 19.98
HO1 EDO EA . 28.40 19.02 19.23
H21 EDO EA . 26.10 16.81 18.47
H22 EDO EA . 26.31 16.34 19.96
HO2 EDO EA . 27.51 14.69 19.17
C1 EDO FA . -5.34 -8.05 5.60
O1 EDO FA . -6.24 -7.62 4.62
C2 EDO FA . -4.04 -7.25 5.50
O2 EDO FA . -2.95 -8.06 5.84
H11 EDO FA . -5.73 -7.91 6.48
H12 EDO FA . -5.15 -9.00 5.48
HO1 EDO FA . -6.98 -8.04 4.70
H21 EDO FA . -4.08 -6.49 6.09
H22 EDO FA . -3.93 -6.93 4.58
HO2 EDO FA . -3.13 -8.49 6.55
C1 EDO GA . 6.72 21.87 48.78
O1 EDO GA . 7.46 22.07 49.96
C2 EDO GA . 5.31 21.39 49.15
O2 EDO GA . 4.46 21.62 48.06
H11 EDO GA . 6.65 22.72 48.31
H12 EDO GA . 7.15 21.22 48.23
HO1 EDO GA . 8.07 22.65 49.82
H21 EDO GA . 4.99 21.87 49.92
H22 EDO GA . 5.35 20.44 49.34
HO2 EDO GA . 3.66 21.71 48.34
C1 EDO HA . 25.92 3.49 13.49
O1 EDO HA . 25.49 4.75 13.92
C2 EDO HA . 25.67 3.40 11.99
O2 EDO HA . 26.29 2.24 11.51
H11 EDO HA . 26.86 3.39 13.68
H12 EDO HA . 25.42 2.79 13.95
HO1 EDO HA . 25.90 5.36 13.50
H21 EDO HA . 26.06 4.18 11.55
H22 EDO HA . 24.72 3.36 11.81
HO2 EDO HA . 26.04 1.56 11.97
C1 EDO IA . 5.61 4.88 30.82
O1 EDO IA . 4.46 4.20 31.26
C2 EDO IA . 6.46 3.94 29.96
O2 EDO IA . 7.13 4.65 28.95
H11 EDO IA . 5.36 5.65 30.30
H12 EDO IA . 6.13 5.17 31.60
HO1 EDO IA . 3.85 4.76 31.44
H21 EDO IA . 7.11 3.48 30.53
H22 EDO IA . 5.87 3.27 29.56
HO2 EDO IA . 7.02 4.26 28.21
C4 DXE JA . 18.41 -1.10 26.42
O2 DXE JA . 19.35 -1.60 25.51
C3 DXE JA . 19.78 -0.67 24.54
C2 DXE JA . 20.54 -1.36 23.41
O1 DXE JA . 19.99 -1.01 22.18
C1 DXE JA . 19.96 -2.06 21.23
H41 DXE JA . 18.10 -1.81 26.99
H42 DXE JA . 17.66 -0.72 25.93
H43 DXE JA . 18.82 -0.41 26.97
H31 DXE JA . 20.35 0.00 24.96
H32 DXE JA . 19.00 -0.21 24.18
H21 DXE JA . 20.48 -2.32 23.54
H22 DXE JA . 21.47 -1.09 23.44
H11 DXE JA . 19.50 -1.77 20.44
H12 DXE JA . 19.49 -2.82 21.61
H13 DXE JA . 20.87 -2.32 21.01
#